data_6TDD
#
_entry.id   6TDD
#
_entity_poly.entity_id   1
_entity_poly.type   'polypeptide(L)'
_entity_poly.pdbx_seq_one_letter_code
;GPGSMNKPTSSDGWKDDYLSRLSRLSKNQLMALALKLKQQQLEQG
;
_entity_poly.pdbx_strand_id   A,B
#
# COMPACT_ATOMS: atom_id res chain seq x y z
N GLY A 1 1.17 -30.05 -6.16
CA GLY A 1 -0.21 -29.81 -6.64
C GLY A 1 -0.28 -28.66 -7.64
N PRO A 2 -1.43 -28.49 -8.34
CA PRO A 2 -1.62 -27.44 -9.34
C PRO A 2 -1.65 -26.04 -8.72
N GLY A 3 -1.20 -25.03 -9.49
CA GLY A 3 -1.15 -23.63 -9.06
C GLY A 3 -2.50 -22.89 -9.13
N SER A 4 -3.46 -23.40 -9.91
CA SER A 4 -4.81 -22.84 -10.07
C SER A 4 -5.84 -23.52 -9.15
N MET A 5 -6.72 -22.79 -8.45
CA MET A 5 -6.70 -21.34 -8.20
C MET A 5 -5.60 -20.94 -7.20
N ASN A 6 -5.14 -19.70 -7.25
CA ASN A 6 -4.17 -19.12 -6.31
C ASN A 6 -4.68 -19.12 -4.84
N LYS A 7 -6.00 -18.96 -4.66
CA LYS A 7 -6.73 -19.19 -3.40
C LYS A 7 -8.20 -19.56 -3.67
N PRO A 8 -8.92 -20.25 -2.75
CA PRO A 8 -10.37 -20.41 -2.82
C PRO A 8 -11.11 -19.07 -2.64
N THR A 9 -12.42 -19.04 -2.89
CA THR A 9 -13.29 -17.86 -2.63
C THR A 9 -13.38 -17.50 -1.14
N SER A 10 -13.20 -18.50 -0.26
CA SER A 10 -13.18 -18.35 1.20
C SER A 10 -12.08 -17.39 1.70
N SER A 11 -12.33 -16.71 2.82
CA SER A 11 -11.39 -15.81 3.50
C SER A 11 -10.95 -14.58 2.66
N ASP A 12 -11.80 -14.10 1.74
CA ASP A 12 -11.66 -12.76 1.13
C ASP A 12 -12.01 -11.61 2.10
N GLY A 13 -12.65 -11.92 3.23
CA GLY A 13 -13.15 -10.94 4.22
C GLY A 13 -12.09 -10.07 4.93
N TRP A 14 -10.79 -10.40 4.79
CA TRP A 14 -9.70 -9.57 5.31
C TRP A 14 -9.71 -8.16 4.71
N LYS A 15 -10.18 -8.01 3.47
CA LYS A 15 -10.19 -6.73 2.71
C LYS A 15 -11.11 -5.68 3.35
N ASP A 16 -12.29 -6.10 3.80
CA ASP A 16 -13.25 -5.22 4.47
C ASP A 16 -12.74 -4.75 5.85
N ASP A 17 -12.08 -5.64 6.60
CA ASP A 17 -11.41 -5.29 7.85
C ASP A 17 -10.18 -4.39 7.63
N TYR A 18 -9.47 -4.54 6.49
CA TYR A 18 -8.34 -3.68 6.12
C TYR A 18 -8.82 -2.26 5.79
N LEU A 19 -9.89 -2.11 5.00
CA LEU A 19 -10.52 -0.80 4.77
C LEU A 19 -11.02 -0.18 6.10
N SER A 20 -11.68 -0.97 6.95
CA SER A 20 -12.20 -0.51 8.24
C SER A 20 -11.10 0.07 9.14
N ARG A 21 -9.93 -0.59 9.23
CA ARG A 21 -8.80 -0.14 10.06
C ARG A 21 -7.97 0.98 9.42
N LEU A 22 -7.79 0.99 8.10
CA LEU A 22 -7.06 2.03 7.37
C LEU A 22 -7.69 3.43 7.53
N SER A 23 -9.03 3.52 7.58
CA SER A 23 -9.75 4.79 7.78
C SER A 23 -9.47 5.45 9.15
N ARG A 24 -9.01 4.68 10.16
CA ARG A 24 -8.73 5.18 11.52
C ARG A 24 -7.41 5.96 11.64
N LEU A 25 -6.45 5.76 10.73
CA LEU A 25 -5.14 6.42 10.77
C LEU A 25 -5.22 7.91 10.40
N SER A 26 -4.35 8.71 11.02
CA SER A 26 -4.10 10.12 10.68
C SER A 26 -3.45 10.26 9.28
N LYS A 27 -3.49 11.46 8.68
CA LYS A 27 -2.97 11.77 7.33
C LYS A 27 -1.52 11.35 7.12
N ASN A 28 -0.68 11.57 8.14
CA ASN A 28 0.72 11.16 8.14
C ASN A 28 0.89 9.64 8.30
N GLN A 29 0.06 9.00 9.11
CA GLN A 29 0.15 7.57 9.42
C GLN A 29 -0.36 6.67 8.29
N LEU A 30 -1.43 7.06 7.59
CA LEU A 30 -1.89 6.35 6.37
C LEU A 30 -0.85 6.40 5.25
N MET A 31 -0.08 7.49 5.16
CA MET A 31 1.02 7.61 4.19
C MET A 31 2.23 6.78 4.60
N ALA A 32 2.58 6.74 5.89
CA ALA A 32 3.63 5.84 6.40
C ALA A 32 3.30 4.36 6.14
N LEU A 33 2.03 3.96 6.32
CA LEU A 33 1.51 2.63 6.02
C LEU A 33 1.64 2.30 4.52
N ALA A 34 1.13 3.18 3.65
CA ALA A 34 1.21 2.99 2.19
C ALA A 34 2.66 2.96 1.67
N LEU A 35 3.56 3.78 2.23
CA LEU A 35 4.99 3.81 1.89
C LEU A 35 5.69 2.50 2.33
N LYS A 36 5.41 2.00 3.54
CA LYS A 36 5.90 0.70 4.06
C LYS A 36 5.44 -0.47 3.19
N LEU A 37 4.22 -0.45 2.68
CA LEU A 37 3.72 -1.41 1.68
C LEU A 37 4.43 -1.26 0.33
N LYS A 38 4.65 -0.02 -0.13
CA LYS A 38 5.23 0.27 -1.45
C LYS A 38 6.68 -0.22 -1.56
N GLN A 39 7.54 0.09 -0.59
CA GLN A 39 8.94 -0.36 -0.60
C GLN A 39 9.05 -1.89 -0.55
N GLN A 40 8.13 -2.59 0.11
CA GLN A 40 8.06 -4.05 0.12
C GLN A 40 7.71 -4.61 -1.26
N GLN A 41 6.63 -4.14 -1.91
CA GLN A 41 6.24 -4.65 -3.23
C GLN A 41 7.23 -4.32 -4.36
N LEU A 42 8.08 -3.30 -4.18
CA LEU A 42 9.20 -2.96 -5.07
C LEU A 42 10.41 -3.90 -4.89
N GLU A 43 10.75 -4.30 -3.66
CA GLU A 43 11.84 -5.23 -3.37
C GLU A 43 11.48 -6.70 -3.67
N GLN A 44 10.23 -7.10 -3.41
CA GLN A 44 9.68 -8.42 -3.72
C GLN A 44 9.38 -8.63 -5.22
N GLY A 45 9.16 -9.90 -5.61
CA GLY A 45 8.81 -10.32 -6.97
C GLY A 45 9.95 -10.19 -7.98
N GLY B 1 20.80 16.41 -16.94
CA GLY B 1 19.89 15.74 -15.98
C GLY B 1 19.03 14.68 -16.66
N PRO B 2 18.34 13.80 -15.89
CA PRO B 2 17.51 12.71 -16.43
C PRO B 2 16.17 13.17 -17.05
N GLY B 3 15.72 14.39 -16.73
CA GLY B 3 14.47 14.98 -17.21
C GLY B 3 14.23 16.38 -16.61
N SER B 4 12.96 16.75 -16.40
CA SER B 4 12.57 18.01 -15.74
C SER B 4 12.96 18.06 -14.26
N MET B 5 13.06 16.90 -13.60
CA MET B 5 13.53 16.77 -12.21
C MET B 5 15.06 16.84 -12.11
N ASN B 6 15.57 17.55 -11.09
CA ASN B 6 17.01 17.73 -10.83
C ASN B 6 17.64 16.56 -10.05
N LYS B 7 16.83 15.74 -9.35
CA LYS B 7 17.29 14.61 -8.52
C LYS B 7 17.88 13.46 -9.36
N PRO B 8 18.89 12.72 -8.85
CA PRO B 8 19.46 11.55 -9.52
C PRO B 8 18.48 10.37 -9.57
N THR B 9 18.66 9.49 -10.57
CA THR B 9 17.88 8.25 -10.75
C THR B 9 18.26 7.16 -9.75
N SER B 10 17.32 6.23 -9.50
CA SER B 10 17.42 5.02 -8.63
C SER B 10 17.71 5.25 -7.13
N SER B 11 17.88 6.50 -6.69
CA SER B 11 18.03 6.87 -5.28
C SER B 11 16.70 6.82 -4.49
N ASP B 12 16.76 6.75 -3.17
CA ASP B 12 15.60 6.67 -2.26
C ASP B 12 14.76 7.97 -2.18
N GLY B 13 15.12 9.02 -2.92
CA GLY B 13 14.36 10.27 -3.06
C GLY B 13 12.98 10.14 -3.72
N TRP B 14 12.61 8.95 -4.21
CA TRP B 14 11.24 8.65 -4.68
C TRP B 14 10.21 8.68 -3.55
N LYS B 15 10.61 8.39 -2.31
CA LYS B 15 9.73 8.30 -1.13
C LYS B 15 9.07 9.64 -0.79
N ASP B 16 9.79 10.75 -0.94
CA ASP B 16 9.28 12.11 -0.75
C ASP B 16 8.20 12.47 -1.79
N ASP B 17 8.40 12.06 -3.06
CA ASP B 17 7.41 12.24 -4.12
C ASP B 17 6.18 11.34 -3.93
N TYR B 18 6.36 10.14 -3.35
CA TYR B 18 5.26 9.23 -3.04
C TYR B 18 4.39 9.78 -1.92
N LEU B 19 4.96 10.28 -0.82
CA LEU B 19 4.22 11.01 0.22
C LEU B 19 3.55 12.28 -0.35
N SER B 20 4.23 13.02 -1.25
CA SER B 20 3.65 14.21 -1.88
C SER B 20 2.38 13.89 -2.68
N ARG B 21 2.39 12.84 -3.52
CA ARG B 21 1.24 12.44 -4.34
C ARG B 21 0.12 11.74 -3.55
N LEU B 22 0.47 10.94 -2.54
CA LEU B 22 -0.49 10.22 -1.69
C LEU B 22 -1.42 11.17 -0.92
N SER B 23 -0.90 12.30 -0.43
CA SER B 23 -1.70 13.30 0.29
C SER B 23 -2.88 13.87 -0.50
N ARG B 24 -2.83 13.82 -1.84
CA ARG B 24 -3.83 14.38 -2.76
C ARG B 24 -5.11 13.53 -2.89
N LEU B 25 -5.05 12.23 -2.57
CA LEU B 25 -6.21 11.33 -2.67
C LEU B 25 -7.28 11.62 -1.60
N SER B 26 -8.54 11.39 -1.97
CA SER B 26 -9.69 11.33 -1.04
C SER B 26 -9.65 10.06 -0.17
N LYS B 27 -10.44 10.03 0.92
CA LYS B 27 -10.42 8.94 1.94
C LYS B 27 -10.68 7.55 1.37
N ASN B 28 -11.60 7.45 0.40
CA ASN B 28 -11.91 6.21 -0.32
C ASN B 28 -10.80 5.80 -1.32
N GLN B 29 -10.19 6.78 -1.99
CA GLN B 29 -9.11 6.57 -2.98
C GLN B 29 -7.81 6.09 -2.33
N LEU B 30 -7.39 6.69 -1.20
CA LEU B 30 -6.20 6.24 -0.45
C LEU B 30 -6.39 4.83 0.15
N MET B 31 -7.62 4.45 0.52
CA MET B 31 -7.94 3.09 0.96
C MET B 31 -7.87 2.09 -0.21
N ALA B 32 -8.44 2.41 -1.37
CA ALA B 32 -8.34 1.57 -2.56
C ALA B 32 -6.89 1.36 -3.01
N LEU B 33 -6.07 2.42 -2.96
CA LEU B 33 -4.63 2.38 -3.25
C LEU B 33 -3.87 1.47 -2.27
N ALA B 34 -4.05 1.66 -0.95
CA ALA B 34 -3.38 0.85 0.06
C ALA B 34 -3.81 -0.64 0.01
N LEU B 35 -5.09 -0.93 -0.27
CA LEU B 35 -5.59 -2.30 -0.46
C LEU B 35 -4.96 -2.96 -1.71
N LYS B 36 -4.89 -2.23 -2.83
CA LYS B 36 -4.24 -2.68 -4.08
C LYS B 36 -2.74 -2.95 -3.90
N LEU B 37 -2.05 -2.14 -3.09
CA LEU B 37 -0.67 -2.38 -2.65
C LEU B 37 -0.55 -3.63 -1.77
N LYS B 38 -1.48 -3.84 -0.82
CA LYS B 38 -1.44 -4.95 0.14
C LYS B 38 -1.62 -6.31 -0.54
N GLN B 39 -2.60 -6.45 -1.44
CA GLN B 39 -2.83 -7.72 -2.15
C GLN B 39 -1.65 -8.10 -3.05
N GLN B 40 -0.93 -7.13 -3.63
CA GLN B 40 0.29 -7.39 -4.42
C GLN B 40 1.42 -7.97 -3.57
N GLN B 41 1.74 -7.37 -2.41
CA GLN B 41 2.79 -7.89 -1.53
C GLN B 41 2.45 -9.26 -0.89
N LEU B 42 1.16 -9.64 -0.83
CA LEU B 42 0.70 -10.97 -0.41
C LEU B 42 0.80 -12.03 -1.52
N GLU B 43 0.51 -11.66 -2.77
CA GLU B 43 0.60 -12.58 -3.93
C GLU B 43 2.04 -12.82 -4.43
N GLN B 44 2.96 -11.87 -4.20
CA GLN B 44 4.40 -12.03 -4.42
C GLN B 44 5.05 -13.09 -3.48
N GLY B 45 6.22 -13.61 -3.88
CA GLY B 45 7.05 -14.56 -3.12
C GLY B 45 6.46 -15.98 -3.05
N GLY A 1 -32.51 -26.57 -10.54
CA GLY A 1 -33.82 -26.06 -10.10
C GLY A 1 -33.77 -25.39 -8.72
N PRO A 2 -34.92 -25.01 -8.14
CA PRO A 2 -35.01 -24.35 -6.83
C PRO A 2 -34.39 -25.14 -5.67
N GLY A 3 -33.80 -24.43 -4.71
CA GLY A 3 -33.18 -25.01 -3.51
C GLY A 3 -32.21 -24.07 -2.80
N SER A 4 -31.62 -24.54 -1.70
CA SER A 4 -30.61 -23.82 -0.90
C SER A 4 -29.23 -23.87 -1.60
N MET A 5 -29.06 -23.06 -2.66
CA MET A 5 -27.86 -22.99 -3.51
C MET A 5 -26.64 -22.30 -2.86
N ASN A 6 -26.69 -22.01 -1.55
CA ASN A 6 -25.67 -21.30 -0.77
C ASN A 6 -24.43 -22.17 -0.44
N LYS A 7 -23.94 -22.95 -1.40
CA LYS A 7 -22.77 -23.87 -1.25
C LYS A 7 -21.46 -23.13 -0.91
N PRO A 8 -20.52 -23.75 -0.14
CA PRO A 8 -19.26 -23.13 0.22
C PRO A 8 -18.36 -22.85 -1.00
N THR A 9 -17.64 -21.74 -0.95
CA THR A 9 -16.77 -21.23 -2.04
C THR A 9 -15.72 -20.25 -1.50
N SER A 10 -14.77 -19.84 -2.34
CA SER A 10 -13.69 -18.88 -2.01
C SER A 10 -14.25 -17.51 -1.58
N SER A 11 -13.50 -16.79 -0.72
CA SER A 11 -13.90 -15.52 -0.12
C SER A 11 -12.72 -14.57 0.08
N ASP A 12 -12.96 -13.25 0.00
CA ASP A 12 -11.99 -12.17 0.19
C ASP A 12 -12.42 -11.15 1.27
N GLY A 13 -13.21 -11.60 2.27
CA GLY A 13 -13.76 -10.77 3.35
C GLY A 13 -12.72 -10.05 4.24
N TRP A 14 -11.43 -10.40 4.15
CA TRP A 14 -10.32 -9.68 4.79
C TRP A 14 -10.19 -8.23 4.32
N LYS A 15 -10.58 -7.94 3.06
CA LYS A 15 -10.51 -6.59 2.47
C LYS A 15 -11.40 -5.59 3.21
N ASP A 16 -12.59 -6.03 3.66
CA ASP A 16 -13.54 -5.19 4.40
C ASP A 16 -12.98 -4.72 5.76
N ASP A 17 -12.30 -5.63 6.50
CA ASP A 17 -11.57 -5.28 7.72
C ASP A 17 -10.40 -4.33 7.42
N TYR A 18 -9.69 -4.55 6.31
CA TYR A 18 -8.55 -3.72 5.92
C TYR A 18 -8.97 -2.29 5.56
N LEU A 19 -10.07 -2.10 4.82
CA LEU A 19 -10.65 -0.77 4.59
C LEU A 19 -11.10 -0.11 5.91
N SER A 20 -11.81 -0.87 6.76
CA SER A 20 -12.29 -0.37 8.06
C SER A 20 -11.16 0.17 8.94
N ARG A 21 -10.03 -0.55 9.05
CA ARG A 21 -8.86 -0.14 9.86
C ARG A 21 -8.02 0.97 9.20
N LEU A 22 -7.85 0.94 7.88
CA LEU A 22 -7.14 1.99 7.11
C LEU A 22 -7.78 3.38 7.27
N SER A 23 -9.11 3.46 7.36
CA SER A 23 -9.83 4.73 7.58
C SER A 23 -9.51 5.41 8.93
N ARG A 24 -9.01 4.66 9.93
CA ARG A 24 -8.70 5.18 11.27
C ARG A 24 -7.38 5.97 11.38
N LEU A 25 -6.44 5.75 10.45
CA LEU A 25 -5.12 6.39 10.49
C LEU A 25 -5.18 7.90 10.16
N SER A 26 -4.34 8.68 10.84
CA SER A 26 -4.12 10.11 10.58
C SER A 26 -3.37 10.34 9.26
N LYS A 27 -3.34 11.59 8.77
CA LYS A 27 -2.81 11.97 7.44
C LYS A 27 -1.34 11.58 7.22
N ASN A 28 -0.50 11.68 8.26
CA ASN A 28 0.89 11.22 8.22
C ASN A 28 1.01 9.69 8.27
N GLN A 29 0.13 9.03 9.04
CA GLN A 29 0.20 7.60 9.32
C GLN A 29 -0.30 6.73 8.16
N LEU A 30 -1.35 7.17 7.44
CA LEU A 30 -1.81 6.51 6.20
C LEU A 30 -0.75 6.57 5.09
N MET A 31 0.06 7.64 5.05
CA MET A 31 1.22 7.70 4.14
C MET A 31 2.28 6.68 4.52
N ALA A 32 2.67 6.64 5.81
CA ALA A 32 3.70 5.72 6.30
C ALA A 32 3.32 4.25 6.05
N LEU A 33 2.04 3.89 6.24
CA LEU A 33 1.49 2.56 5.96
C LEU A 33 1.61 2.18 4.48
N ALA A 34 1.16 3.05 3.57
CA ALA A 34 1.26 2.80 2.13
C ALA A 34 2.73 2.77 1.64
N LEU A 35 3.58 3.68 2.14
CA LEU A 35 5.00 3.75 1.79
C LEU A 35 5.76 2.48 2.22
N LYS A 36 5.50 1.98 3.43
CA LYS A 36 6.02 0.71 3.96
C LYS A 36 5.65 -0.48 3.06
N LEU A 37 4.38 -0.61 2.68
CA LEU A 37 3.91 -1.63 1.74
C LEU A 37 4.55 -1.49 0.35
N LYS A 38 4.75 -0.25 -0.14
CA LYS A 38 5.31 0.01 -1.48
C LYS A 38 6.81 -0.28 -1.57
N GLN A 39 7.61 0.16 -0.59
CA GLN A 39 9.05 -0.10 -0.59
C GLN A 39 9.35 -1.61 -0.46
N GLN A 40 8.51 -2.35 0.27
CA GLN A 40 8.61 -3.81 0.38
C GLN A 40 8.44 -4.52 -0.97
N GLN A 41 7.38 -4.22 -1.73
CA GLN A 41 7.15 -4.84 -3.04
C GLN A 41 8.08 -4.33 -4.16
N LEU A 42 8.74 -3.18 -3.97
CA LEU A 42 9.84 -2.70 -4.84
C LEU A 42 11.18 -3.42 -4.57
N GLU A 43 11.48 -3.79 -3.32
CA GLU A 43 12.63 -4.62 -2.96
C GLU A 43 12.45 -6.12 -3.31
N GLN A 44 11.23 -6.63 -3.22
CA GLN A 44 10.85 -8.00 -3.63
C GLN A 44 10.89 -8.19 -5.16
N GLY A 45 10.99 -9.45 -5.60
CA GLY A 45 10.99 -9.86 -7.02
C GLY A 45 12.27 -9.46 -7.77
N GLY B 1 14.28 25.65 20.63
CA GLY B 1 13.62 25.21 19.38
C GLY B 1 14.22 23.91 18.84
N PRO B 2 13.91 23.54 17.57
CA PRO B 2 14.33 22.26 16.97
C PRO B 2 15.84 22.08 16.72
N GLY B 3 16.64 23.17 16.79
CA GLY B 3 18.09 23.14 16.60
C GLY B 3 18.57 23.19 15.13
N SER B 4 17.65 23.31 14.17
CA SER B 4 17.92 23.41 12.73
C SER B 4 18.82 22.29 12.18
N MET B 5 18.43 21.03 12.44
CA MET B 5 19.15 19.83 11.98
C MET B 5 19.25 19.77 10.44
N ASN B 6 20.42 19.38 9.93
CA ASN B 6 20.71 19.28 8.49
C ASN B 6 19.94 18.14 7.82
N LYS B 7 19.78 18.20 6.48
CA LYS B 7 19.08 17.19 5.67
C LYS B 7 19.77 15.81 5.75
N PRO B 8 19.02 14.69 5.73
CA PRO B 8 19.57 13.33 5.84
C PRO B 8 20.38 12.90 4.60
N THR B 9 21.25 11.91 4.78
CA THR B 9 22.12 11.33 3.73
C THR B 9 21.42 10.35 2.78
N SER B 10 20.11 10.12 2.93
CA SER B 10 19.30 9.24 2.07
C SER B 10 19.27 9.71 0.59
N SER B 11 19.14 8.76 -0.34
CA SER B 11 19.18 8.97 -1.80
C SER B 11 18.13 8.14 -2.58
N ASP B 12 17.12 7.59 -1.90
CA ASP B 12 16.06 6.79 -2.53
C ASP B 12 15.19 7.61 -3.50
N GLY B 13 14.94 8.89 -3.19
CA GLY B 13 14.32 9.88 -4.08
C GLY B 13 12.80 9.75 -4.26
N TRP B 14 12.33 8.59 -4.73
CA TRP B 14 10.92 8.37 -5.10
C TRP B 14 9.94 8.49 -3.92
N LYS B 15 10.40 8.20 -2.70
CA LYS B 15 9.60 8.22 -1.47
C LYS B 15 9.04 9.60 -1.13
N ASP B 16 9.79 10.67 -1.41
CA ASP B 16 9.36 12.05 -1.17
C ASP B 16 8.20 12.44 -2.12
N ASP B 17 8.31 12.07 -3.40
CA ASP B 17 7.24 12.24 -4.40
C ASP B 17 6.01 11.37 -4.07
N TYR B 18 6.22 10.19 -3.48
CA TYR B 18 5.13 9.30 -3.06
C TYR B 18 4.34 9.89 -1.89
N LEU B 19 5.00 10.39 -0.83
CA LEU B 19 4.34 11.11 0.27
C LEU B 19 3.62 12.39 -0.21
N SER B 20 4.19 13.08 -1.21
CA SER B 20 3.54 14.23 -1.85
C SER B 20 2.23 13.85 -2.56
N ARG B 21 2.23 12.81 -3.41
CA ARG B 21 1.02 12.37 -4.15
C ARG B 21 -0.03 11.73 -3.23
N LEU B 22 0.38 10.95 -2.21
CA LEU B 22 -0.54 10.28 -1.27
C LEU B 22 -1.39 11.27 -0.46
N SER B 23 -0.90 12.50 -0.26
CA SER B 23 -1.66 13.59 0.37
C SER B 23 -2.91 14.05 -0.42
N ARG B 24 -2.92 13.81 -1.74
CA ARG B 24 -3.96 14.33 -2.67
C ARG B 24 -5.22 13.47 -2.78
N LEU B 25 -5.16 12.19 -2.40
CA LEU B 25 -6.28 11.26 -2.50
C LEU B 25 -7.43 11.58 -1.52
N SER B 26 -8.66 11.31 -1.96
CA SER B 26 -9.86 11.22 -1.08
C SER B 26 -9.78 10.00 -0.14
N LYS B 27 -10.62 9.96 0.90
CA LYS B 27 -10.65 8.90 1.92
C LYS B 27 -10.87 7.50 1.33
N ASN B 28 -11.75 7.38 0.35
CA ASN B 28 -12.04 6.15 -0.37
C ASN B 28 -10.88 5.76 -1.33
N GLN B 29 -10.21 6.73 -1.93
CA GLN B 29 -9.10 6.52 -2.87
C GLN B 29 -7.81 6.06 -2.16
N LEU B 30 -7.44 6.65 -1.02
CA LEU B 30 -6.30 6.21 -0.22
C LEU B 30 -6.52 4.80 0.38
N MET B 31 -7.76 4.46 0.73
CA MET B 31 -8.12 3.11 1.16
C MET B 31 -7.95 2.09 0.03
N ALA B 32 -8.49 2.38 -1.16
CA ALA B 32 -8.35 1.53 -2.34
C ALA B 32 -6.87 1.34 -2.75
N LEU B 33 -6.07 2.41 -2.73
CA LEU B 33 -4.64 2.38 -3.04
C LEU B 33 -3.84 1.52 -2.05
N ALA B 34 -4.02 1.71 -0.75
CA ALA B 34 -3.31 0.93 0.26
C ALA B 34 -3.71 -0.56 0.24
N LEU B 35 -5.00 -0.87 -0.02
CA LEU B 35 -5.47 -2.25 -0.21
C LEU B 35 -4.88 -2.88 -1.49
N LYS B 36 -4.86 -2.14 -2.61
CA LYS B 36 -4.23 -2.57 -3.88
C LYS B 36 -2.72 -2.85 -3.72
N LEU B 37 -2.01 -2.04 -2.93
CA LEU B 37 -0.61 -2.28 -2.53
C LEU B 37 -0.48 -3.54 -1.66
N LYS B 38 -1.40 -3.78 -0.71
CA LYS B 38 -1.35 -4.93 0.19
C LYS B 38 -1.52 -6.27 -0.54
N GLN B 39 -2.53 -6.42 -1.39
CA GLN B 39 -2.79 -7.68 -2.10
C GLN B 39 -1.63 -8.08 -3.05
N GLN B 40 -0.90 -7.11 -3.62
CA GLN B 40 0.28 -7.34 -4.47
C GLN B 40 1.44 -7.98 -3.68
N GLN B 41 1.78 -7.43 -2.50
CA GLN B 41 2.81 -8.04 -1.64
C GLN B 41 2.37 -9.36 -0.99
N LEU B 42 1.07 -9.54 -0.71
CA LEU B 42 0.51 -10.75 -0.12
C LEU B 42 0.62 -11.99 -1.04
N GLU B 43 0.47 -11.77 -2.35
CA GLU B 43 0.66 -12.79 -3.40
C GLU B 43 2.12 -12.98 -3.87
N GLN B 44 3.03 -12.06 -3.51
CA GLN B 44 4.43 -12.06 -3.95
C GLN B 44 5.23 -13.26 -3.39
N GLY B 45 6.14 -13.82 -4.20
CA GLY B 45 7.02 -14.95 -3.83
C GLY B 45 7.80 -15.51 -5.02
N GLY A 1 -21.08 -12.98 23.98
CA GLY A 1 -20.12 -12.25 23.11
C GLY A 1 -20.55 -10.80 22.88
N PRO A 2 -19.63 -9.94 22.39
CA PRO A 2 -19.84 -8.49 22.22
C PRO A 2 -20.66 -8.10 20.97
N GLY A 3 -21.14 -9.06 20.17
CA GLY A 3 -21.86 -8.82 18.91
C GLY A 3 -20.95 -8.61 17.68
N SER A 4 -19.66 -8.95 17.79
CA SER A 4 -18.65 -8.88 16.73
C SER A 4 -17.56 -9.94 16.93
N MET A 5 -16.93 -10.40 15.85
CA MET A 5 -15.76 -11.28 15.89
C MET A 5 -14.47 -10.55 16.31
N ASN A 6 -14.41 -9.23 16.11
CA ASN A 6 -13.27 -8.30 16.30
C ASN A 6 -12.00 -8.59 15.46
N LYS A 7 -11.60 -9.86 15.30
CA LYS A 7 -10.50 -10.34 14.45
C LYS A 7 -10.82 -10.21 12.94
N PRO A 8 -9.81 -10.19 12.05
CA PRO A 8 -10.02 -10.22 10.60
C PRO A 8 -10.82 -11.47 10.15
N THR A 9 -11.69 -11.30 9.15
CA THR A 9 -12.53 -12.39 8.61
C THR A 9 -11.73 -13.38 7.73
N SER A 10 -12.16 -14.64 7.69
CA SER A 10 -11.54 -15.74 6.92
C SER A 10 -11.71 -15.58 5.41
N SER A 11 -10.90 -16.30 4.63
CA SER A 11 -10.91 -16.31 3.15
C SER A 11 -10.67 -14.92 2.53
N ASP A 12 -11.04 -14.73 1.26
CA ASP A 12 -10.76 -13.52 0.46
C ASP A 12 -11.44 -12.22 0.98
N GLY A 13 -12.39 -12.33 1.91
CA GLY A 13 -13.16 -11.21 2.47
C GLY A 13 -12.38 -10.28 3.42
N TRP A 14 -11.09 -10.55 3.70
CA TRP A 14 -10.22 -9.74 4.56
C TRP A 14 -10.14 -8.25 4.18
N LYS A 15 -10.40 -7.93 2.90
CA LYS A 15 -10.33 -6.58 2.30
C LYS A 15 -11.26 -5.58 2.98
N ASP A 16 -12.45 -6.00 3.41
CA ASP A 16 -13.44 -5.15 4.08
C ASP A 16 -12.94 -4.68 5.46
N ASP A 17 -12.34 -5.58 6.24
CA ASP A 17 -11.68 -5.23 7.51
C ASP A 17 -10.42 -4.36 7.28
N TYR A 18 -9.71 -4.57 6.16
CA TYR A 18 -8.52 -3.77 5.82
C TYR A 18 -8.89 -2.30 5.49
N LEU A 19 -9.94 -2.08 4.69
CA LEU A 19 -10.53 -0.74 4.48
C LEU A 19 -11.00 -0.10 5.80
N SER A 20 -11.61 -0.88 6.69
CA SER A 20 -12.06 -0.39 8.01
C SER A 20 -10.90 0.08 8.90
N ARG A 21 -9.78 -0.69 8.99
CA ARG A 21 -8.61 -0.29 9.80
C ARG A 21 -7.81 0.86 9.19
N LEU A 22 -7.70 0.92 7.85
CA LEU A 22 -7.04 2.02 7.11
C LEU A 22 -7.73 3.38 7.35
N SER A 23 -9.03 3.39 7.65
CA SER A 23 -9.78 4.60 8.00
C SER A 23 -9.34 5.28 9.31
N ARG A 24 -8.73 4.53 10.24
CA ARG A 24 -8.47 4.98 11.63
C ARG A 24 -7.20 5.83 11.77
N LEU A 25 -6.27 5.68 10.83
CA LEU A 25 -4.98 6.38 10.79
C LEU A 25 -5.12 7.88 10.48
N SER A 26 -4.24 8.69 11.09
CA SER A 26 -4.06 10.12 10.76
C SER A 26 -3.43 10.31 9.37
N LYS A 27 -3.46 11.54 8.83
CA LYS A 27 -2.99 11.86 7.46
C LYS A 27 -1.52 11.50 7.22
N ASN A 28 -0.64 11.72 8.20
CA ASN A 28 0.75 11.29 8.12
C ASN A 28 0.91 9.77 8.23
N GLN A 29 0.11 9.14 9.10
CA GLN A 29 0.18 7.70 9.40
C GLN A 29 -0.30 6.82 8.24
N LEU A 30 -1.39 7.19 7.54
CA LEU A 30 -1.87 6.47 6.35
C LEU A 30 -0.85 6.51 5.20
N MET A 31 -0.08 7.59 5.07
CA MET A 31 1.00 7.71 4.09
C MET A 31 2.22 6.87 4.49
N ALA A 32 2.60 6.88 5.78
CA ALA A 32 3.66 6.00 6.29
C ALA A 32 3.31 4.51 6.12
N LEU A 33 2.04 4.12 6.32
CA LEU A 33 1.53 2.77 6.06
C LEU A 33 1.68 2.39 4.58
N ALA A 34 1.16 3.21 3.67
CA ALA A 34 1.23 2.96 2.22
C ALA A 34 2.68 2.92 1.70
N LEU A 35 3.56 3.80 2.19
CA LEU A 35 4.99 3.82 1.84
C LEU A 35 5.71 2.56 2.35
N LYS A 36 5.42 2.12 3.58
CA LYS A 36 5.94 0.88 4.18
C LYS A 36 5.50 -0.37 3.41
N LEU A 37 4.26 -0.40 2.90
CA LEU A 37 3.78 -1.43 1.97
C LEU A 37 4.51 -1.35 0.61
N LYS A 38 4.74 -0.14 0.09
CA LYS A 38 5.36 0.07 -1.23
C LYS A 38 6.80 -0.43 -1.28
N GLN A 39 7.64 -0.06 -0.31
CA GLN A 39 9.03 -0.54 -0.25
C GLN A 39 9.12 -2.07 -0.05
N GLN A 40 8.16 -2.68 0.66
CA GLN A 40 8.08 -4.13 0.83
C GLN A 40 7.75 -4.87 -0.49
N GLN A 41 6.74 -4.44 -1.25
CA GLN A 41 6.40 -5.11 -2.52
C GLN A 41 7.49 -4.97 -3.60
N LEU A 42 8.33 -3.92 -3.53
CA LEU A 42 9.49 -3.74 -4.41
C LEU A 42 10.64 -4.72 -4.07
N GLU A 43 10.78 -5.12 -2.80
CA GLU A 43 11.81 -6.08 -2.35
C GLU A 43 11.34 -7.55 -2.43
N GLN A 44 10.08 -7.83 -2.12
CA GLN A 44 9.50 -9.19 -2.05
C GLN A 44 9.13 -9.82 -3.42
N GLY A 45 9.25 -9.06 -4.52
CA GLY A 45 9.00 -9.53 -5.89
C GLY A 45 9.84 -8.81 -6.95
N GLY B 1 2.88 -2.57 -16.20
CA GLY B 1 3.64 -1.96 -17.32
C GLY B 1 5.12 -1.84 -17.02
N PRO B 2 5.96 -1.57 -18.04
CA PRO B 2 7.43 -1.50 -17.92
C PRO B 2 7.96 -0.20 -17.25
N GLY B 3 7.11 0.80 -17.03
CA GLY B 3 7.50 2.13 -16.55
C GLY B 3 8.04 3.05 -17.67
N SER B 4 8.74 4.11 -17.28
CA SER B 4 9.28 5.14 -18.19
C SER B 4 10.82 5.29 -18.07
N MET B 5 11.49 5.53 -19.20
CA MET B 5 12.93 5.79 -19.26
C MET B 5 13.25 7.30 -19.32
N ASN B 6 14.39 7.76 -18.80
CA ASN B 6 15.39 7.00 -18.02
C ASN B 6 14.87 6.65 -16.61
N LYS B 7 15.31 5.51 -16.06
CA LYS B 7 14.93 5.00 -14.73
C LYS B 7 15.35 5.95 -13.57
N PRO B 8 14.62 5.99 -12.44
CA PRO B 8 14.99 6.82 -11.29
C PRO B 8 16.28 6.31 -10.64
N THR B 9 17.23 7.22 -10.40
CA THR B 9 18.57 6.89 -9.87
C THR B 9 18.59 6.73 -8.34
N SER B 10 17.76 7.48 -7.61
CA SER B 10 17.76 7.51 -6.14
C SER B 10 16.94 6.37 -5.50
N SER B 11 17.46 5.83 -4.38
CA SER B 11 16.75 4.88 -3.50
C SER B 11 15.78 5.55 -2.52
N ASP B 12 15.80 6.89 -2.39
CA ASP B 12 15.01 7.66 -1.42
C ASP B 12 14.20 8.81 -2.05
N GLY B 13 14.66 9.41 -3.15
CA GLY B 13 13.98 10.56 -3.79
C GLY B 13 12.56 10.24 -4.28
N TRP B 14 12.28 8.96 -4.60
CA TRP B 14 10.94 8.47 -4.96
C TRP B 14 9.95 8.52 -3.79
N LYS B 15 10.43 8.40 -2.53
CA LYS B 15 9.57 8.37 -1.33
C LYS B 15 8.88 9.71 -1.10
N ASP B 16 9.59 10.82 -1.31
CA ASP B 16 9.04 12.17 -1.21
C ASP B 16 7.96 12.43 -2.27
N ASP B 17 8.17 11.97 -3.51
CA ASP B 17 7.16 12.04 -4.58
C ASP B 17 5.95 11.13 -4.30
N TYR B 18 6.16 9.96 -3.70
CA TYR B 18 5.08 9.04 -3.34
C TYR B 18 4.19 9.63 -2.23
N LEU B 19 4.79 10.20 -1.17
CA LEU B 19 4.05 10.95 -0.15
C LEU B 19 3.32 12.16 -0.74
N SER B 20 3.96 12.90 -1.65
CA SER B 20 3.34 14.07 -2.31
C SER B 20 2.09 13.70 -3.12
N ARG B 21 2.09 12.57 -3.85
CA ARG B 21 0.92 12.10 -4.62
C ARG B 21 -0.15 11.44 -3.75
N LEU B 22 0.23 10.62 -2.76
CA LEU B 22 -0.69 9.97 -1.81
C LEU B 22 -1.53 10.99 -1.03
N SER B 23 -0.94 12.11 -0.62
CA SER B 23 -1.61 13.20 0.10
C SER B 23 -2.83 13.80 -0.64
N ARG B 24 -2.88 13.70 -1.98
CA ARG B 24 -3.93 14.30 -2.81
C ARG B 24 -5.25 13.50 -2.82
N LEU B 25 -5.21 12.20 -2.50
CA LEU B 25 -6.36 11.29 -2.57
C LEU B 25 -7.38 11.54 -1.44
N SER B 26 -8.68 11.38 -1.76
CA SER B 26 -9.80 11.41 -0.82
C SER B 26 -9.82 10.17 0.09
N LYS B 27 -10.62 10.19 1.18
CA LYS B 27 -10.65 9.16 2.23
C LYS B 27 -10.96 7.74 1.71
N ASN B 28 -11.85 7.61 0.73
CA ASN B 28 -12.14 6.33 0.06
C ASN B 28 -10.99 5.87 -0.86
N GLN B 29 -10.36 6.81 -1.57
CA GLN B 29 -9.37 6.54 -2.61
C GLN B 29 -7.98 6.16 -2.04
N LEU B 30 -7.56 6.78 -0.93
CA LEU B 30 -6.33 6.41 -0.21
C LEU B 30 -6.39 4.97 0.35
N MET B 31 -7.58 4.46 0.68
CA MET B 31 -7.76 3.05 1.08
C MET B 31 -7.53 2.12 -0.10
N ALA B 32 -8.10 2.45 -1.27
CA ALA B 32 -7.97 1.64 -2.48
C ALA B 32 -6.52 1.51 -2.94
N LEU B 33 -5.71 2.57 -2.81
CA LEU B 33 -4.26 2.54 -3.07
C LEU B 33 -3.54 1.56 -2.13
N ALA B 34 -3.72 1.69 -0.82
CA ALA B 34 -3.08 0.81 0.17
C ALA B 34 -3.57 -0.66 0.05
N LEU B 35 -4.86 -0.88 -0.26
CA LEU B 35 -5.44 -2.20 -0.53
C LEU B 35 -4.82 -2.85 -1.78
N LYS B 36 -4.68 -2.09 -2.88
CA LYS B 36 -4.02 -2.53 -4.12
C LYS B 36 -2.58 -2.99 -3.87
N LEU B 37 -1.81 -2.22 -3.08
CA LEU B 37 -0.46 -2.62 -2.63
C LEU B 37 -0.48 -3.88 -1.75
N LYS B 38 -1.46 -3.99 -0.83
CA LYS B 38 -1.60 -5.13 0.09
C LYS B 38 -1.88 -6.44 -0.64
N GLN B 39 -2.83 -6.46 -1.58
CA GLN B 39 -3.11 -7.67 -2.37
C GLN B 39 -1.94 -8.03 -3.31
N GLN B 40 -1.18 -7.05 -3.81
CA GLN B 40 0.02 -7.29 -4.62
C GLN B 40 1.13 -8.02 -3.84
N GLN B 41 1.47 -7.58 -2.62
CA GLN B 41 2.45 -8.31 -1.78
C GLN B 41 1.96 -9.69 -1.29
N LEU B 42 0.64 -9.93 -1.25
CA LEU B 42 0.06 -11.27 -1.03
C LEU B 42 0.18 -12.17 -2.28
N GLU B 43 -0.04 -11.63 -3.48
CA GLU B 43 0.11 -12.35 -4.76
C GLU B 43 1.58 -12.70 -5.11
N GLN B 44 2.55 -12.02 -4.48
CA GLN B 44 3.99 -12.38 -4.54
C GLN B 44 4.33 -13.65 -3.72
N GLY B 45 3.42 -14.14 -2.87
CA GLY B 45 3.59 -15.36 -2.03
C GLY B 45 3.65 -16.66 -2.83
N GLY A 1 -23.42 -35.19 0.54
CA GLY A 1 -23.25 -34.11 -0.47
C GLY A 1 -22.37 -32.98 0.05
N PRO A 2 -22.51 -31.75 -0.50
CA PRO A 2 -21.75 -30.57 -0.08
C PRO A 2 -21.94 -30.18 1.39
N GLY A 3 -20.98 -29.43 1.95
CA GLY A 3 -21.05 -28.89 3.31
C GLY A 3 -22.17 -27.86 3.52
N SER A 4 -22.59 -27.69 4.78
CA SER A 4 -23.71 -26.81 5.16
C SER A 4 -23.35 -25.31 5.10
N MET A 5 -22.07 -24.96 5.29
CA MET A 5 -21.48 -23.61 5.11
C MET A 5 -22.24 -22.50 5.86
N ASN A 6 -22.44 -22.68 7.16
CA ASN A 6 -23.29 -21.85 8.01
C ASN A 6 -22.72 -20.45 8.35
N LYS A 7 -21.43 -20.19 8.05
CA LYS A 7 -20.76 -18.90 8.31
C LYS A 7 -21.36 -17.73 7.51
N PRO A 8 -21.38 -16.50 8.06
CA PRO A 8 -21.88 -15.31 7.36
C PRO A 8 -20.91 -14.78 6.28
N THR A 9 -19.65 -15.23 6.30
CA THR A 9 -18.54 -14.76 5.44
C THR A 9 -17.71 -15.92 4.89
N SER A 10 -16.88 -15.66 3.88
CA SER A 10 -16.05 -16.63 3.14
C SER A 10 -14.69 -16.06 2.73
N SER A 11 -13.94 -16.76 1.88
CA SER A 11 -12.58 -16.43 1.46
C SER A 11 -12.42 -15.03 0.85
N ASP A 12 -11.23 -14.44 1.01
CA ASP A 12 -10.86 -13.06 0.62
C ASP A 12 -11.65 -11.94 1.34
N GLY A 13 -12.40 -12.27 2.40
CA GLY A 13 -13.18 -11.33 3.22
C GLY A 13 -12.35 -10.36 4.06
N TRP A 14 -11.02 -10.57 4.18
CA TRP A 14 -10.08 -9.73 4.91
C TRP A 14 -10.03 -8.28 4.39
N LYS A 15 -10.36 -8.07 3.11
CA LYS A 15 -10.32 -6.76 2.43
C LYS A 15 -11.28 -5.73 3.04
N ASP A 16 -12.45 -6.15 3.52
CA ASP A 16 -13.42 -5.28 4.20
C ASP A 16 -12.90 -4.80 5.57
N ASP A 17 -12.25 -5.68 6.32
CA ASP A 17 -11.59 -5.32 7.59
C ASP A 17 -10.35 -4.45 7.36
N TYR A 18 -9.64 -4.62 6.23
CA TYR A 18 -8.50 -3.79 5.88
C TYR A 18 -8.92 -2.36 5.54
N LEU A 19 -9.99 -2.18 4.74
CA LEU A 19 -10.61 -0.85 4.52
C LEU A 19 -11.10 -0.21 5.82
N SER A 20 -11.65 -0.99 6.76
CA SER A 20 -12.07 -0.49 8.08
C SER A 20 -10.89 0.03 8.93
N ARG A 21 -9.77 -0.71 9.02
CA ARG A 21 -8.60 -0.30 9.82
C ARG A 21 -7.78 0.84 9.20
N LEU A 22 -7.70 0.89 7.87
CA LEU A 22 -7.05 1.99 7.12
C LEU A 22 -7.71 3.36 7.36
N SER A 23 -9.02 3.40 7.68
CA SER A 23 -9.75 4.63 8.02
C SER A 23 -9.28 5.30 9.34
N ARG A 24 -8.68 4.53 10.26
CA ARG A 24 -8.41 4.96 11.65
C ARG A 24 -7.14 5.78 11.81
N LEU A 25 -6.21 5.62 10.87
CA LEU A 25 -4.92 6.33 10.81
C LEU A 25 -5.11 7.85 10.57
N SER A 26 -4.22 8.65 11.17
CA SER A 26 -4.07 10.08 10.87
C SER A 26 -3.50 10.31 9.47
N LYS A 27 -3.64 11.53 8.93
CA LYS A 27 -3.26 11.87 7.53
C LYS A 27 -1.78 11.60 7.21
N ASN A 28 -0.87 11.82 8.16
CA ASN A 28 0.55 11.47 8.01
C ASN A 28 0.81 9.95 8.18
N GLN A 29 0.09 9.30 9.10
CA GLN A 29 0.26 7.86 9.39
C GLN A 29 -0.21 6.97 8.23
N LEU A 30 -1.31 7.32 7.55
CA LEU A 30 -1.76 6.60 6.36
C LEU A 30 -0.79 6.71 5.17
N MET A 31 -0.04 7.82 5.06
CA MET A 31 1.04 7.94 4.05
C MET A 31 2.21 7.03 4.40
N ALA A 32 2.64 7.01 5.66
CA ALA A 32 3.71 6.14 6.13
C ALA A 32 3.37 4.65 5.97
N LEU A 33 2.11 4.26 6.22
CA LEU A 33 1.60 2.91 6.01
C LEU A 33 1.64 2.50 4.52
N ALA A 34 1.12 3.34 3.63
CA ALA A 34 1.12 3.06 2.19
C ALA A 34 2.55 3.03 1.59
N LEU A 35 3.45 3.91 2.06
CA LEU A 35 4.87 3.90 1.71
C LEU A 35 5.57 2.62 2.19
N LYS A 36 5.31 2.19 3.43
CA LYS A 36 5.83 0.93 4.01
C LYS A 36 5.38 -0.28 3.19
N LEU A 37 4.10 -0.35 2.84
CA LEU A 37 3.54 -1.36 1.92
C LEU A 37 4.22 -1.33 0.54
N LYS A 38 4.51 -0.14 -0.01
CA LYS A 38 5.13 0.01 -1.33
C LYS A 38 6.59 -0.48 -1.35
N GLN A 39 7.42 -0.06 -0.39
CA GLN A 39 8.82 -0.51 -0.33
C GLN A 39 8.94 -2.03 -0.07
N GLN A 40 7.98 -2.64 0.62
CA GLN A 40 7.93 -4.09 0.83
C GLN A 40 7.75 -4.85 -0.50
N GLN A 41 6.77 -4.48 -1.33
CA GLN A 41 6.60 -5.11 -2.65
C GLN A 41 7.74 -4.76 -3.62
N LEU A 42 8.36 -3.58 -3.50
CA LEU A 42 9.49 -3.15 -4.32
C LEU A 42 10.77 -3.98 -4.04
N GLU A 43 11.02 -4.34 -2.78
CA GLU A 43 12.12 -5.25 -2.39
C GLU A 43 11.85 -6.73 -2.75
N GLN A 44 10.59 -7.14 -2.86
CA GLN A 44 10.19 -8.47 -3.37
C GLN A 44 10.36 -8.58 -4.91
N GLY A 45 10.39 -7.44 -5.63
CA GLY A 45 10.61 -7.36 -7.09
C GLY A 45 12.09 -7.27 -7.50
N GLY B 1 -8.92 10.79 -24.73
CA GLY B 1 -9.67 10.00 -23.73
C GLY B 1 -8.81 9.59 -22.54
N PRO B 2 -9.43 9.13 -21.44
CA PRO B 2 -8.71 8.70 -20.23
C PRO B 2 -7.90 7.40 -20.45
N GLY B 3 -6.89 7.10 -19.62
CA GLY B 3 -6.42 7.90 -18.47
C GLY B 3 -5.03 7.52 -17.94
N SER B 4 -4.24 6.75 -18.70
CA SER B 4 -2.90 6.30 -18.33
C SER B 4 -1.88 7.45 -18.24
N MET B 5 -0.84 7.28 -17.42
CA MET B 5 0.28 8.23 -17.26
C MET B 5 1.59 7.52 -16.88
N ASN B 6 2.72 8.23 -17.03
CA ASN B 6 4.08 7.71 -16.84
C ASN B 6 4.91 8.59 -15.88
N LYS B 7 6.08 8.10 -15.47
CA LYS B 7 7.02 8.74 -14.52
C LYS B 7 8.48 8.64 -15.03
N PRO B 8 9.32 9.70 -14.92
CA PRO B 8 10.76 9.64 -15.21
C PRO B 8 11.56 8.70 -14.27
N THR B 9 12.88 8.65 -14.45
CA THR B 9 13.82 7.86 -13.62
C THR B 9 13.64 8.15 -12.13
N SER B 10 13.37 7.11 -11.33
CA SER B 10 12.89 7.22 -9.95
C SER B 10 13.97 7.58 -8.91
N SER B 11 15.22 7.14 -9.12
CA SER B 11 16.32 7.21 -8.13
C SER B 11 15.91 6.63 -6.76
N ASP B 12 16.57 7.02 -5.66
CA ASP B 12 16.09 6.80 -4.29
C ASP B 12 15.12 7.90 -3.80
N GLY B 13 14.96 8.99 -4.55
CA GLY B 13 14.09 10.14 -4.24
C GLY B 13 12.58 9.89 -4.38
N TRP B 14 12.18 8.71 -4.88
CA TRP B 14 10.79 8.35 -5.15
C TRP B 14 9.89 8.43 -3.91
N LYS B 15 10.45 8.18 -2.71
CA LYS B 15 9.72 8.14 -1.43
C LYS B 15 9.10 9.50 -1.06
N ASP B 16 9.81 10.59 -1.34
CA ASP B 16 9.35 11.97 -1.11
C ASP B 16 8.19 12.33 -2.06
N ASP B 17 8.29 11.96 -3.35
CA ASP B 17 7.19 12.09 -4.32
C ASP B 17 5.99 11.20 -3.97
N TYR B 18 6.22 10.04 -3.34
CA TYR B 18 5.15 9.13 -2.90
C TYR B 18 4.33 9.76 -1.77
N LEU B 19 4.97 10.31 -0.72
CA LEU B 19 4.26 11.07 0.31
C LEU B 19 3.57 12.32 -0.26
N SER B 20 4.20 13.02 -1.21
CA SER B 20 3.60 14.17 -1.89
C SER B 20 2.31 13.82 -2.63
N ARG B 21 2.28 12.71 -3.40
CA ARG B 21 1.09 12.27 -4.14
C ARG B 21 0.01 11.63 -3.25
N LEU B 22 0.39 10.82 -2.25
CA LEU B 22 -0.54 10.13 -1.35
C LEU B 22 -1.40 11.11 -0.54
N SER B 23 -0.84 12.27 -0.18
CA SER B 23 -1.57 13.37 0.47
C SER B 23 -2.80 13.85 -0.32
N ARG B 24 -2.75 13.81 -1.66
CA ARG B 24 -3.78 14.36 -2.57
C ARG B 24 -5.06 13.51 -2.66
N LEU B 25 -5.01 12.22 -2.31
CA LEU B 25 -6.16 11.31 -2.37
C LEU B 25 -7.21 11.61 -1.28
N SER B 26 -8.48 11.45 -1.64
CA SER B 26 -9.64 11.42 -0.74
C SER B 26 -9.66 10.14 0.13
N LYS B 27 -10.48 10.12 1.19
CA LYS B 27 -10.52 9.07 2.22
C LYS B 27 -10.82 7.67 1.66
N ASN B 28 -11.67 7.56 0.63
CA ASN B 28 -11.94 6.30 -0.07
C ASN B 28 -10.82 5.91 -1.08
N GLN B 29 -10.22 6.90 -1.73
CA GLN B 29 -9.19 6.70 -2.77
C GLN B 29 -7.86 6.19 -2.17
N LEU B 30 -7.44 6.71 -1.02
CA LEU B 30 -6.24 6.25 -0.31
C LEU B 30 -6.36 4.80 0.18
N MET B 31 -7.57 4.35 0.52
CA MET B 31 -7.84 2.94 0.87
C MET B 31 -7.65 2.02 -0.33
N ALA B 32 -8.21 2.37 -1.50
CA ALA B 32 -8.11 1.56 -2.72
C ALA B 32 -6.64 1.39 -3.17
N LEU B 33 -5.82 2.44 -3.04
CA LEU B 33 -4.38 2.40 -3.29
C LEU B 33 -3.67 1.43 -2.34
N ALA B 34 -3.85 1.59 -1.03
CA ALA B 34 -3.22 0.73 -0.01
C ALA B 34 -3.68 -0.73 -0.11
N LEU B 35 -4.96 -0.99 -0.41
CA LEU B 35 -5.52 -2.34 -0.60
C LEU B 35 -4.90 -3.04 -1.81
N LYS B 36 -4.75 -2.34 -2.94
CA LYS B 36 -4.06 -2.83 -4.15
C LYS B 36 -2.60 -3.21 -3.87
N LEU B 37 -1.86 -2.37 -3.16
CA LEU B 37 -0.50 -2.69 -2.70
C LEU B 37 -0.48 -3.90 -1.75
N LYS B 38 -1.47 -4.01 -0.85
CA LYS B 38 -1.56 -5.09 0.15
C LYS B 38 -1.82 -6.46 -0.47
N GLN B 39 -2.80 -6.59 -1.36
CA GLN B 39 -3.09 -7.87 -2.02
C GLN B 39 -1.92 -8.34 -2.92
N GLN B 40 -1.15 -7.42 -3.51
CA GLN B 40 0.07 -7.71 -4.27
C GLN B 40 1.17 -8.34 -3.39
N GLN B 41 1.51 -7.74 -2.25
CA GLN B 41 2.51 -8.31 -1.32
C GLN B 41 2.04 -9.61 -0.62
N LEU B 42 0.72 -9.85 -0.54
CA LEU B 42 0.13 -11.11 -0.03
C LEU B 42 0.17 -12.25 -1.06
N GLU B 43 -0.01 -11.96 -2.36
CA GLU B 43 0.18 -12.94 -3.45
C GLU B 43 1.65 -13.27 -3.69
N GLN B 44 2.56 -12.30 -3.53
CA GLN B 44 4.02 -12.47 -3.58
C GLN B 44 4.58 -13.19 -2.34
N GLY B 45 5.77 -13.80 -2.47
CA GLY B 45 6.48 -14.52 -1.40
C GLY B 45 7.71 -15.29 -1.88
N GLY A 1 -7.10 -2.94 18.84
CA GLY A 1 -7.68 -4.05 19.63
C GLY A 1 -6.75 -5.25 19.72
N PRO A 2 -7.22 -6.38 20.28
CA PRO A 2 -6.44 -7.61 20.45
C PRO A 2 -5.94 -8.22 19.12
N GLY A 3 -4.83 -8.95 19.17
CA GLY A 3 -4.21 -9.62 18.00
C GLY A 3 -3.64 -8.65 16.95
N SER A 4 -3.46 -9.15 15.73
CA SER A 4 -3.01 -8.38 14.55
C SER A 4 -3.52 -8.99 13.24
N MET A 5 -3.54 -8.18 12.17
CA MET A 5 -4.10 -8.53 10.84
C MET A 5 -3.10 -8.29 9.68
N ASN A 6 -1.81 -8.15 9.98
CA ASN A 6 -0.75 -7.91 8.98
C ASN A 6 -0.57 -9.12 8.05
N LYS A 7 -0.44 -10.33 8.61
CA LYS A 7 -0.30 -11.61 7.87
C LYS A 7 -1.66 -12.08 7.29
N PRO A 8 -1.69 -12.85 6.19
CA PRO A 8 -2.93 -13.39 5.63
C PRO A 8 -3.73 -14.25 6.63
N THR A 9 -5.06 -14.15 6.56
CA THR A 9 -6.01 -14.83 7.47
C THR A 9 -6.64 -16.11 6.86
N SER A 10 -6.10 -16.60 5.74
CA SER A 10 -6.55 -17.80 5.01
C SER A 10 -8.02 -17.76 4.53
N SER A 11 -8.55 -16.57 4.30
CA SER A 11 -9.90 -16.30 3.78
C SER A 11 -9.95 -14.95 3.05
N ASP A 12 -10.73 -14.87 1.96
CA ASP A 12 -10.81 -13.67 1.09
C ASP A 12 -11.48 -12.46 1.76
N GLY A 13 -12.14 -12.65 2.91
CA GLY A 13 -12.82 -11.59 3.67
C GLY A 13 -11.90 -10.57 4.36
N TRP A 14 -10.57 -10.73 4.28
CA TRP A 14 -9.58 -9.84 4.91
C TRP A 14 -9.70 -8.38 4.44
N LYS A 15 -10.14 -8.15 3.20
CA LYS A 15 -10.21 -6.83 2.54
C LYS A 15 -11.15 -5.85 3.23
N ASP A 16 -12.30 -6.32 3.72
CA ASP A 16 -13.28 -5.48 4.41
C ASP A 16 -12.77 -5.00 5.77
N ASP A 17 -12.08 -5.87 6.52
CA ASP A 17 -11.40 -5.50 7.76
C ASP A 17 -10.18 -4.58 7.50
N TYR A 18 -9.48 -4.76 6.37
CA TYR A 18 -8.36 -3.90 5.99
C TYR A 18 -8.81 -2.48 5.64
N LEU A 19 -9.92 -2.31 4.90
CA LEU A 19 -10.56 -1.00 4.69
C LEU A 19 -11.02 -0.37 6.03
N SER A 20 -11.62 -1.17 6.93
CA SER A 20 -12.06 -0.67 8.24
C SER A 20 -10.91 -0.11 9.08
N ARG A 21 -9.76 -0.82 9.15
CA ARG A 21 -8.59 -0.36 9.91
C ARG A 21 -7.85 0.81 9.25
N LEU A 22 -7.75 0.83 7.91
CA LEU A 22 -7.10 1.92 7.15
C LEU A 22 -7.77 3.29 7.34
N SER A 23 -9.10 3.33 7.52
CA SER A 23 -9.86 4.55 7.82
C SER A 23 -9.45 5.21 9.15
N ARG A 24 -8.88 4.45 10.11
CA ARG A 24 -8.53 4.93 11.47
C ARG A 24 -7.23 5.77 11.51
N LEU A 25 -6.37 5.58 10.52
CA LEU A 25 -5.06 6.25 10.38
C LEU A 25 -5.22 7.76 10.10
N SER A 26 -4.44 8.60 10.77
CA SER A 26 -4.30 10.05 10.49
C SER A 26 -3.52 10.32 9.19
N LYS A 27 -3.51 11.55 8.68
CA LYS A 27 -2.93 11.93 7.37
C LYS A 27 -1.45 11.55 7.22
N ASN A 28 -0.63 11.74 8.25
CA ASN A 28 0.78 11.32 8.25
C ASN A 28 0.92 9.78 8.30
N GLN A 29 0.05 9.13 9.07
CA GLN A 29 0.12 7.71 9.39
C GLN A 29 -0.35 6.82 8.22
N LEU A 30 -1.39 7.22 7.48
CA LEU A 30 -1.84 6.50 6.26
C LEU A 30 -0.77 6.53 5.16
N MET A 31 0.00 7.64 5.06
CA MET A 31 1.10 7.74 4.11
C MET A 31 2.32 6.93 4.55
N ALA A 32 2.65 6.91 5.84
CA ALA A 32 3.69 6.03 6.38
C ALA A 32 3.34 4.54 6.15
N LEU A 33 2.08 4.15 6.36
CA LEU A 33 1.58 2.79 6.10
C LEU A 33 1.69 2.42 4.61
N ALA A 34 1.16 3.26 3.71
CA ALA A 34 1.21 3.02 2.27
C ALA A 34 2.65 2.99 1.72
N LEU A 35 3.55 3.84 2.22
CA LEU A 35 4.98 3.84 1.85
C LEU A 35 5.69 2.57 2.35
N LYS A 36 5.40 2.10 3.57
CA LYS A 36 5.90 0.81 4.09
C LYS A 36 5.45 -0.38 3.22
N LEU A 37 4.18 -0.41 2.83
CA LEU A 37 3.66 -1.37 1.86
C LEU A 37 4.34 -1.26 0.48
N LYS A 38 4.68 -0.04 0.02
CA LYS A 38 5.34 0.17 -1.27
C LYS A 38 6.77 -0.35 -1.29
N GLN A 39 7.59 0.00 -0.30
CA GLN A 39 8.97 -0.51 -0.22
C GLN A 39 9.01 -2.04 -0.01
N GLN A 40 8.01 -2.63 0.66
CA GLN A 40 7.86 -4.09 0.79
C GLN A 40 7.67 -4.80 -0.56
N GLN A 41 6.78 -4.32 -1.45
CA GLN A 41 6.58 -4.91 -2.78
C GLN A 41 7.75 -4.64 -3.76
N LEU A 42 8.56 -3.60 -3.52
CA LEU A 42 9.79 -3.30 -4.26
C LEU A 42 10.97 -4.21 -3.83
N GLU A 43 11.12 -4.46 -2.51
CA GLU A 43 12.22 -5.28 -1.96
C GLU A 43 11.99 -6.80 -2.16
N GLN A 44 10.76 -7.29 -2.01
CA GLN A 44 10.40 -8.71 -2.18
C GLN A 44 10.29 -9.13 -3.66
N GLY A 45 10.48 -10.43 -3.93
CA GLY A 45 10.42 -11.04 -5.27
C GLY A 45 10.55 -12.56 -5.25
N GLY B 1 3.36 13.75 -23.12
CA GLY B 1 2.40 13.40 -22.04
C GLY B 1 2.64 12.00 -21.51
N PRO B 2 1.89 10.98 -21.97
CA PRO B 2 2.11 9.58 -21.57
C PRO B 2 3.50 9.08 -22.01
N GLY B 3 4.21 8.41 -21.10
CA GLY B 3 5.57 7.90 -21.30
C GLY B 3 6.70 8.95 -21.21
N SER B 4 6.37 10.24 -21.06
CA SER B 4 7.36 11.34 -20.96
C SER B 4 8.00 11.48 -19.56
N MET B 5 7.50 10.75 -18.57
CA MET B 5 7.96 10.80 -17.17
C MET B 5 9.43 10.38 -17.01
N ASN B 6 10.17 11.07 -16.14
CA ASN B 6 11.58 10.79 -15.83
C ASN B 6 11.77 9.45 -15.09
N LYS B 7 12.93 8.81 -15.29
CA LYS B 7 13.30 7.57 -14.59
C LYS B 7 13.59 7.81 -13.09
N PRO B 8 13.30 6.85 -12.18
CA PRO B 8 13.55 7.01 -10.75
C PRO B 8 15.04 7.22 -10.40
N THR B 9 15.30 7.94 -9.31
CA THR B 9 16.62 8.07 -8.69
C THR B 9 17.04 6.77 -7.96
N SER B 10 18.36 6.52 -7.86
CA SER B 10 18.94 5.48 -6.98
C SER B 10 18.85 5.85 -5.48
N SER B 11 18.63 7.13 -5.16
CA SER B 11 18.45 7.65 -3.79
C SER B 11 17.11 7.23 -3.15
N ASP B 12 16.95 7.42 -1.85
CA ASP B 12 15.66 7.37 -1.14
C ASP B 12 14.67 8.48 -1.57
N GLY B 13 15.10 9.47 -2.37
CA GLY B 13 14.27 10.61 -2.81
C GLY B 13 12.97 10.26 -3.55
N TRP B 14 12.81 9.01 -4.05
CA TRP B 14 11.53 8.54 -4.59
C TRP B 14 10.40 8.53 -3.55
N LYS B 15 10.73 8.34 -2.26
CA LYS B 15 9.76 8.26 -1.15
C LYS B 15 9.06 9.58 -0.89
N ASP B 16 9.76 10.70 -1.03
CA ASP B 16 9.19 12.06 -0.91
C ASP B 16 8.19 12.36 -2.02
N ASP B 17 8.48 11.96 -3.26
CA ASP B 17 7.55 12.05 -4.40
C ASP B 17 6.34 11.11 -4.23
N TYR B 18 6.53 9.93 -3.63
CA TYR B 18 5.44 8.99 -3.34
C TYR B 18 4.50 9.53 -2.26
N LEU B 19 5.01 10.12 -1.18
CA LEU B 19 4.21 10.86 -0.19
C LEU B 19 3.48 12.05 -0.83
N SER B 20 4.13 12.79 -1.73
CA SER B 20 3.53 13.94 -2.43
C SER B 20 2.29 13.54 -3.25
N ARG B 21 2.35 12.42 -4.00
CA ARG B 21 1.18 11.92 -4.76
C ARG B 21 0.09 11.31 -3.87
N LEU B 22 0.45 10.58 -2.82
CA LEU B 22 -0.49 9.96 -1.87
C LEU B 22 -1.34 11.00 -1.11
N SER B 23 -0.73 12.13 -0.73
CA SER B 23 -1.39 13.25 -0.04
C SER B 23 -2.61 13.83 -0.79
N ARG B 24 -2.68 13.67 -2.12
CA ARG B 24 -3.75 14.21 -2.98
C ARG B 24 -5.08 13.46 -2.89
N LEU B 25 -5.09 12.21 -2.44
CA LEU B 25 -6.29 11.35 -2.42
C LEU B 25 -7.25 11.65 -1.26
N SER B 26 -8.55 11.53 -1.53
CA SER B 26 -9.63 11.43 -0.54
C SER B 26 -9.70 10.04 0.10
N LYS B 27 -10.49 9.88 1.17
CA LYS B 27 -10.47 8.69 2.04
C LYS B 27 -10.80 7.38 1.31
N ASN B 28 -11.78 7.39 0.41
CA ASN B 28 -12.12 6.22 -0.41
C ASN B 28 -10.97 5.82 -1.34
N GLN B 29 -10.29 6.81 -1.93
CA GLN B 29 -9.18 6.61 -2.86
C GLN B 29 -7.88 6.17 -2.18
N LEU B 30 -7.50 6.75 -1.03
CA LEU B 30 -6.33 6.31 -0.26
C LEU B 30 -6.51 4.89 0.30
N MET B 31 -7.75 4.52 0.68
CA MET B 31 -8.07 3.14 1.09
C MET B 31 -7.93 2.17 -0.09
N ALA B 32 -8.44 2.51 -1.28
CA ALA B 32 -8.27 1.69 -2.48
C ALA B 32 -6.80 1.55 -2.90
N LEU B 33 -5.99 2.61 -2.75
CA LEU B 33 -4.55 2.61 -3.02
C LEU B 33 -3.79 1.65 -2.08
N ALA B 34 -3.99 1.78 -0.77
CA ALA B 34 -3.35 0.92 0.22
C ALA B 34 -3.81 -0.54 0.13
N LEU B 35 -5.09 -0.79 -0.17
CA LEU B 35 -5.63 -2.13 -0.43
C LEU B 35 -4.99 -2.75 -1.70
N LYS B 36 -4.88 -1.98 -2.79
CA LYS B 36 -4.20 -2.39 -4.04
C LYS B 36 -2.74 -2.79 -3.79
N LEU B 37 -1.98 -2.00 -3.04
CA LEU B 37 -0.61 -2.33 -2.63
C LEU B 37 -0.56 -3.61 -1.75
N LYS B 38 -1.52 -3.80 -0.83
CA LYS B 38 -1.59 -4.97 0.05
C LYS B 38 -1.90 -6.26 -0.71
N GLN B 39 -2.88 -6.26 -1.62
CA GLN B 39 -3.18 -7.44 -2.43
C GLN B 39 -2.04 -7.78 -3.42
N GLN B 40 -1.29 -6.77 -3.90
CA GLN B 40 -0.12 -6.99 -4.77
C GLN B 40 1.00 -7.78 -4.06
N GLN B 41 1.40 -7.40 -2.85
CA GLN B 41 2.41 -8.16 -2.09
C GLN B 41 1.91 -9.56 -1.64
N LEU B 42 0.59 -9.76 -1.52
CA LEU B 42 -0.04 -11.08 -1.27
C LEU B 42 -0.08 -11.96 -2.53
N GLU B 43 -0.33 -11.40 -3.72
CA GLU B 43 -0.24 -12.12 -5.00
C GLU B 43 1.22 -12.53 -5.34
N GLN B 44 2.21 -11.78 -4.85
CA GLN B 44 3.64 -12.09 -4.99
C GLN B 44 4.13 -13.25 -4.09
N GLY B 45 3.33 -13.75 -3.14
CA GLY B 45 3.70 -14.83 -2.21
C GLY B 45 2.55 -15.32 -1.34
N GLY A 1 -15.65 -28.84 -18.03
CA GLY A 1 -16.48 -28.98 -16.83
C GLY A 1 -17.62 -27.96 -16.78
N PRO A 2 -18.72 -28.25 -16.07
CA PRO A 2 -19.88 -27.36 -15.95
C PRO A 2 -19.58 -26.09 -15.14
N GLY A 3 -20.33 -25.01 -15.40
CA GLY A 3 -20.25 -23.72 -14.69
C GLY A 3 -21.05 -23.64 -13.38
N SER A 4 -21.73 -24.72 -12.98
CA SER A 4 -22.65 -24.80 -11.83
C SER A 4 -22.51 -26.14 -11.10
N MET A 5 -22.83 -26.25 -9.80
CA MET A 5 -23.41 -25.24 -8.91
C MET A 5 -22.35 -24.59 -7.96
N ASN A 6 -21.07 -24.62 -8.36
CA ASN A 6 -19.93 -24.10 -7.59
C ASN A 6 -20.04 -22.59 -7.30
N LYS A 7 -19.40 -22.14 -6.21
CA LYS A 7 -19.40 -20.75 -5.69
C LYS A 7 -18.06 -20.39 -5.02
N PRO A 8 -17.67 -19.10 -4.94
CA PRO A 8 -16.45 -18.66 -4.25
C PRO A 8 -16.51 -18.93 -2.74
N THR A 9 -15.34 -19.14 -2.13
CA THR A 9 -15.14 -19.44 -0.69
C THR A 9 -15.20 -18.21 0.21
N SER A 10 -15.14 -16.99 -0.36
CA SER A 10 -15.04 -15.70 0.36
C SER A 10 -13.82 -15.59 1.29
N SER A 11 -12.73 -16.31 0.99
CA SER A 11 -11.48 -16.30 1.78
C SER A 11 -10.77 -14.93 1.78
N ASP A 12 -11.05 -14.07 0.81
CA ASP A 12 -10.57 -12.68 0.71
C ASP A 12 -11.40 -11.68 1.54
N GLY A 13 -12.24 -12.15 2.47
CA GLY A 13 -13.05 -11.31 3.38
C GLY A 13 -12.24 -10.38 4.29
N TRP A 14 -10.92 -10.59 4.42
CA TRP A 14 -9.98 -9.70 5.11
C TRP A 14 -9.99 -8.27 4.55
N LYS A 15 -10.35 -8.09 3.27
CA LYS A 15 -10.39 -6.79 2.58
C LYS A 15 -11.36 -5.79 3.23
N ASP A 16 -12.48 -6.26 3.75
CA ASP A 16 -13.49 -5.43 4.45
C ASP A 16 -12.96 -4.89 5.78
N ASP A 17 -12.24 -5.72 6.55
CA ASP A 17 -11.53 -5.29 7.76
C ASP A 17 -10.38 -4.33 7.43
N TYR A 18 -9.69 -4.55 6.31
CA TYR A 18 -8.57 -3.70 5.89
C TYR A 18 -9.05 -2.28 5.51
N LEU A 19 -10.13 -2.15 4.74
CA LEU A 19 -10.77 -0.85 4.48
C LEU A 19 -11.26 -0.15 5.77
N SER A 20 -11.81 -0.91 6.73
CA SER A 20 -12.25 -0.36 8.02
C SER A 20 -11.08 0.15 8.89
N ARG A 21 -9.96 -0.59 8.96
CA ARG A 21 -8.80 -0.21 9.79
C ARG A 21 -7.94 0.90 9.18
N LEU A 22 -7.87 0.98 7.85
CA LEU A 22 -7.20 2.06 7.10
C LEU A 22 -7.85 3.44 7.35
N SER A 23 -9.15 3.48 7.62
CA SER A 23 -9.91 4.69 7.97
C SER A 23 -9.45 5.36 9.27
N ARG A 24 -8.86 4.60 10.21
CA ARG A 24 -8.56 5.05 11.58
C ARG A 24 -7.28 5.87 11.71
N LEU A 25 -6.36 5.70 10.76
CA LEU A 25 -5.05 6.39 10.72
C LEU A 25 -5.21 7.91 10.46
N SER A 26 -4.33 8.70 11.09
CA SER A 26 -4.11 10.12 10.77
C SER A 26 -3.51 10.31 9.37
N LYS A 27 -3.59 11.52 8.81
CA LYS A 27 -3.14 11.86 7.45
C LYS A 27 -1.66 11.59 7.21
N ASN A 28 -0.79 11.80 8.21
CA ASN A 28 0.63 11.40 8.15
C ASN A 28 0.84 9.89 8.32
N GLN A 29 0.07 9.24 9.18
CA GLN A 29 0.19 7.81 9.47
C GLN A 29 -0.20 6.93 8.27
N LEU A 30 -1.27 7.27 7.55
CA LEU A 30 -1.67 6.56 6.32
C LEU A 30 -0.65 6.68 5.19
N MET A 31 0.13 7.78 5.13
CA MET A 31 1.23 7.91 4.17
C MET A 31 2.38 6.96 4.52
N ALA A 32 2.77 6.91 5.80
CA ALA A 32 3.82 6.01 6.28
C ALA A 32 3.45 4.53 6.06
N LEU A 33 2.19 4.16 6.28
CA LEU A 33 1.65 2.82 6.00
C LEU A 33 1.74 2.47 4.51
N ALA A 34 1.22 3.32 3.61
CA ALA A 34 1.26 3.08 2.17
C ALA A 34 2.70 3.07 1.60
N LEU A 35 3.59 3.94 2.08
CA LEU A 35 5.01 3.97 1.74
C LEU A 35 5.71 2.67 2.15
N LYS A 36 5.48 2.20 3.38
CA LYS A 36 6.01 0.94 3.91
C LYS A 36 5.56 -0.27 3.08
N LEU A 37 4.27 -0.35 2.73
CA LEU A 37 3.75 -1.36 1.81
C LEU A 37 4.41 -1.27 0.42
N LYS A 38 4.64 -0.07 -0.10
CA LYS A 38 5.23 0.13 -1.44
C LYS A 38 6.69 -0.34 -1.51
N GLN A 39 7.53 0.00 -0.52
CA GLN A 39 8.91 -0.49 -0.48
C GLN A 39 8.98 -2.02 -0.26
N GLN A 40 8.05 -2.61 0.50
CA GLN A 40 7.94 -4.06 0.70
C GLN A 40 7.70 -4.81 -0.61
N GLN A 41 6.72 -4.39 -1.42
CA GLN A 41 6.44 -5.05 -2.70
C GLN A 41 7.55 -4.90 -3.75
N LEU A 42 8.40 -3.87 -3.64
CA LEU A 42 9.61 -3.69 -4.45
C LEU A 42 10.77 -4.56 -3.96
N GLU A 43 10.99 -4.70 -2.64
CA GLU A 43 12.01 -5.58 -2.08
C GLU A 43 11.70 -7.07 -2.30
N GLN A 44 10.43 -7.46 -2.31
CA GLN A 44 9.94 -8.79 -2.68
C GLN A 44 9.97 -9.08 -4.21
N GLY A 45 10.30 -8.07 -5.04
CA GLY A 45 10.41 -8.17 -6.50
C GLY A 45 11.63 -8.95 -6.97
N GLY B 1 -1.14 -12.72 -15.97
CA GLY B 1 -0.05 -12.85 -14.98
C GLY B 1 0.08 -11.63 -14.07
N PRO B 2 1.15 -11.55 -13.27
CA PRO B 2 1.41 -10.42 -12.36
C PRO B 2 1.76 -9.12 -13.10
N GLY B 3 1.60 -7.98 -12.42
CA GLY B 3 2.05 -6.67 -12.88
C GLY B 3 3.58 -6.47 -12.83
N SER B 4 4.05 -5.28 -13.20
CA SER B 4 5.47 -4.92 -13.17
C SER B 4 6.04 -4.94 -11.73
N MET B 5 7.17 -5.62 -11.55
CA MET B 5 7.72 -5.95 -10.22
C MET B 5 8.78 -4.95 -9.70
N ASN B 6 9.21 -3.98 -10.51
CA ASN B 6 10.19 -2.96 -10.16
C ASN B 6 10.03 -1.66 -10.98
N LYS B 7 10.56 -0.55 -10.49
CA LYS B 7 10.56 0.77 -11.17
C LYS B 7 11.42 0.77 -12.46
N PRO B 8 11.11 1.65 -13.44
CA PRO B 8 11.83 1.72 -14.72
C PRO B 8 13.25 2.32 -14.64
N THR B 9 13.63 2.94 -13.52
CA THR B 9 14.96 3.50 -13.27
C THR B 9 15.36 3.40 -11.79
N SER B 10 16.67 3.28 -11.52
CA SER B 10 17.22 3.17 -10.16
C SER B 10 17.36 4.55 -9.49
N SER B 11 16.66 4.73 -8.36
CA SER B 11 16.76 5.89 -7.47
C SER B 11 16.19 5.56 -6.09
N ASP B 12 16.71 6.17 -5.03
CA ASP B 12 16.14 6.11 -3.66
C ASP B 12 15.12 7.23 -3.39
N GLY B 13 15.13 8.31 -4.18
CA GLY B 13 14.46 9.58 -3.89
C GLY B 13 12.95 9.63 -4.17
N TRP B 14 12.37 8.55 -4.74
CA TRP B 14 10.95 8.46 -5.09
C TRP B 14 10.00 8.63 -3.88
N LYS B 15 10.49 8.33 -2.67
CA LYS B 15 9.70 8.32 -1.42
C LYS B 15 9.11 9.68 -1.07
N ASP B 16 9.83 10.76 -1.33
CA ASP B 16 9.37 12.15 -1.08
C ASP B 16 8.23 12.55 -2.03
N ASP B 17 8.33 12.17 -3.30
CA ASP B 17 7.24 12.34 -4.28
C ASP B 17 6.04 11.45 -3.97
N TYR B 18 6.26 10.24 -3.43
CA TYR B 18 5.20 9.33 -3.01
C TYR B 18 4.38 9.89 -1.85
N LEU B 19 5.02 10.42 -0.79
CA LEU B 19 4.33 11.14 0.27
C LEU B 19 3.58 12.39 -0.24
N SER B 20 4.18 13.14 -1.18
CA SER B 20 3.55 14.30 -1.79
C SER B 20 2.25 13.96 -2.54
N ARG B 21 2.26 12.91 -3.39
CA ARG B 21 1.07 12.48 -4.16
C ARG B 21 0.00 11.78 -3.30
N LEU B 22 0.40 10.98 -2.31
CA LEU B 22 -0.51 10.29 -1.38
C LEU B 22 -1.40 11.26 -0.58
N SER B 23 -0.86 12.44 -0.25
CA SER B 23 -1.62 13.52 0.40
C SER B 23 -2.84 13.99 -0.40
N ARG B 24 -2.80 13.90 -1.73
CA ARG B 24 -3.85 14.39 -2.64
C ARG B 24 -5.11 13.52 -2.68
N LEU B 25 -5.03 12.24 -2.30
CA LEU B 25 -6.16 11.32 -2.30
C LEU B 25 -7.16 11.61 -1.17
N SER B 26 -8.45 11.43 -1.47
CA SER B 26 -9.55 11.32 -0.48
C SER B 26 -9.52 9.95 0.21
N LYS B 27 -10.24 9.79 1.33
CA LYS B 27 -10.22 8.57 2.16
C LYS B 27 -10.63 7.30 1.43
N ASN B 28 -11.62 7.36 0.53
CA ASN B 28 -12.01 6.22 -0.32
C ASN B 28 -10.93 5.84 -1.34
N GLN B 29 -10.17 6.81 -1.86
CA GLN B 29 -9.10 6.61 -2.85
C GLN B 29 -7.81 6.05 -2.21
N LEU B 30 -7.38 6.60 -1.07
CA LEU B 30 -6.19 6.09 -0.35
C LEU B 30 -6.42 4.68 0.21
N MET B 31 -7.67 4.32 0.55
CA MET B 31 -8.04 2.94 0.90
C MET B 31 -7.83 1.99 -0.28
N ALA B 32 -8.35 2.32 -1.47
CA ALA B 32 -8.21 1.48 -2.67
C ALA B 32 -6.72 1.32 -3.08
N LEU B 33 -5.92 2.38 -2.97
CA LEU B 33 -4.48 2.36 -3.21
C LEU B 33 -3.75 1.41 -2.24
N ALA B 34 -3.98 1.55 -0.92
CA ALA B 34 -3.35 0.69 0.09
C ALA B 34 -3.82 -0.77 0.00
N LEU B 35 -5.10 -1.01 -0.33
CA LEU B 35 -5.66 -2.36 -0.56
C LEU B 35 -5.00 -3.04 -1.77
N LYS B 36 -4.83 -2.31 -2.89
CA LYS B 36 -4.14 -2.78 -4.10
C LYS B 36 -2.70 -3.19 -3.81
N LEU B 37 -1.95 -2.38 -3.06
CA LEU B 37 -0.59 -2.73 -2.61
C LEU B 37 -0.59 -3.94 -1.66
N LYS B 38 -1.57 -4.04 -0.75
CA LYS B 38 -1.70 -5.13 0.24
C LYS B 38 -1.91 -6.49 -0.42
N GLN B 39 -2.82 -6.60 -1.39
CA GLN B 39 -3.03 -7.86 -2.12
C GLN B 39 -1.83 -8.24 -3.01
N GLN B 40 -1.12 -7.26 -3.57
CA GLN B 40 0.11 -7.48 -4.36
C GLN B 40 1.23 -8.09 -3.51
N GLN B 41 1.54 -7.53 -2.33
CA GLN B 41 2.58 -8.08 -1.44
C GLN B 41 2.21 -9.46 -0.86
N LEU B 42 0.92 -9.76 -0.72
CA LEU B 42 0.43 -11.09 -0.31
C LEU B 42 0.57 -12.14 -1.44
N GLU B 43 0.31 -11.78 -2.70
CA GLU B 43 0.53 -12.69 -3.84
C GLU B 43 2.02 -13.00 -4.09
N GLN B 44 2.92 -12.09 -3.72
CA GLN B 44 4.38 -12.31 -3.72
C GLN B 44 4.87 -13.23 -2.57
N GLY B 45 4.09 -13.36 -1.49
CA GLY B 45 4.43 -14.14 -0.29
C GLY B 45 3.85 -15.55 -0.28
N GLY A 1 -26.77 -14.42 0.32
CA GLY A 1 -27.92 -13.52 0.56
C GLY A 1 -28.04 -13.11 2.03
N PRO A 2 -28.82 -12.05 2.36
CA PRO A 2 -29.01 -11.57 3.73
C PRO A 2 -29.67 -12.58 4.69
N GLY A 3 -29.43 -12.42 5.99
CA GLY A 3 -30.03 -13.22 7.06
C GLY A 3 -29.23 -14.47 7.46
N SER A 4 -29.62 -15.10 8.58
CA SER A 4 -28.92 -16.24 9.18
C SER A 4 -28.91 -17.48 8.26
N MET A 5 -27.74 -18.15 8.18
CA MET A 5 -27.46 -19.32 7.32
C MET A 5 -27.64 -19.14 5.80
N ASN A 6 -27.97 -17.92 5.33
CA ASN A 6 -28.14 -17.61 3.89
C ASN A 6 -26.84 -17.18 3.19
N LYS A 7 -25.69 -17.29 3.87
CA LYS A 7 -24.34 -16.84 3.42
C LYS A 7 -24.29 -15.35 3.04
N PRO A 8 -24.40 -14.42 4.02
CA PRO A 8 -24.29 -12.97 3.79
C PRO A 8 -22.85 -12.49 3.45
N THR A 9 -21.83 -13.33 3.69
CA THR A 9 -20.41 -13.04 3.46
C THR A 9 -19.69 -14.20 2.77
N SER A 10 -18.63 -13.90 2.02
CA SER A 10 -17.86 -14.88 1.21
C SER A 10 -16.45 -14.40 0.85
N SER A 11 -15.62 -15.32 0.33
CA SER A 11 -14.30 -15.11 -0.28
C SER A 11 -13.33 -14.22 0.53
N ASP A 12 -12.89 -13.08 -0.02
CA ASP A 12 -11.82 -12.21 0.51
C ASP A 12 -12.28 -11.29 1.65
N GLY A 13 -12.88 -11.86 2.70
CA GLY A 13 -13.43 -11.12 3.86
C GLY A 13 -12.41 -10.27 4.63
N TRP A 14 -11.11 -10.57 4.50
CA TRP A 14 -10.02 -9.75 5.07
C TRP A 14 -9.98 -8.32 4.51
N LYS A 15 -10.41 -8.11 3.25
CA LYS A 15 -10.36 -6.80 2.58
C LYS A 15 -11.31 -5.78 3.20
N ASP A 16 -12.50 -6.21 3.64
CA ASP A 16 -13.47 -5.34 4.34
C ASP A 16 -12.96 -4.93 5.72
N ASP A 17 -12.31 -5.84 6.44
CA ASP A 17 -11.63 -5.54 7.71
C ASP A 17 -10.42 -4.61 7.52
N TYR A 18 -9.67 -4.77 6.41
CA TYR A 18 -8.54 -3.90 6.07
C TYR A 18 -9.01 -2.47 5.76
N LEU A 19 -10.06 -2.28 4.96
CA LEU A 19 -10.68 -0.96 4.76
C LEU A 19 -11.20 -0.37 6.10
N SER A 20 -11.82 -1.19 6.96
CA SER A 20 -12.34 -0.74 8.26
C SER A 20 -11.23 -0.18 9.17
N ARG A 21 -10.07 -0.84 9.23
CA ARG A 21 -8.91 -0.38 10.03
C ARG A 21 -8.15 0.79 9.38
N LEU A 22 -8.00 0.79 8.05
CA LEU A 22 -7.29 1.85 7.31
C LEU A 22 -7.95 3.23 7.46
N SER A 23 -9.28 3.28 7.54
CA SER A 23 -10.03 4.53 7.78
C SER A 23 -9.69 5.21 9.13
N ARG A 24 -9.12 4.47 10.11
CA ARG A 24 -8.76 4.99 11.43
C ARG A 24 -7.46 5.80 11.48
N LEU A 25 -6.56 5.63 10.51
CA LEU A 25 -5.27 6.34 10.49
C LEU A 25 -5.42 7.84 10.16
N SER A 26 -4.58 8.66 10.80
CA SER A 26 -4.39 10.08 10.48
C SER A 26 -3.60 10.29 9.18
N LYS A 27 -3.59 11.52 8.63
CA LYS A 27 -3.06 11.87 7.29
C LYS A 27 -1.57 11.52 7.10
N ASN A 28 -0.76 11.64 8.15
CA ASN A 28 0.66 11.26 8.16
C ASN A 28 0.90 9.76 8.46
N GLN A 29 -0.03 9.11 9.18
CA GLN A 29 0.04 7.67 9.50
C GLN A 29 -0.30 6.79 8.30
N LEU A 30 -1.32 7.15 7.51
CA LEU A 30 -1.66 6.46 6.27
C LEU A 30 -0.56 6.61 5.20
N MET A 31 0.18 7.72 5.20
CA MET A 31 1.37 7.90 4.36
C MET A 31 2.48 6.91 4.72
N ALA A 32 2.82 6.80 6.02
CA ALA A 32 3.86 5.90 6.49
C ALA A 32 3.52 4.42 6.21
N LEU A 33 2.25 4.04 6.40
CA LEU A 33 1.74 2.70 6.07
C LEU A 33 1.84 2.39 4.56
N ALA A 34 1.35 3.29 3.71
CA ALA A 34 1.38 3.10 2.26
C ALA A 34 2.83 3.10 1.70
N LEU A 35 3.72 3.95 2.22
CA LEU A 35 5.14 3.96 1.84
C LEU A 35 5.84 2.65 2.23
N LYS A 36 5.61 2.16 3.47
CA LYS A 36 6.12 0.87 3.95
C LYS A 36 5.67 -0.30 3.07
N LEU A 37 4.38 -0.37 2.73
CA LEU A 37 3.84 -1.35 1.78
C LEU A 37 4.46 -1.20 0.38
N LYS A 38 4.70 0.03 -0.09
CA LYS A 38 5.27 0.30 -1.43
C LYS A 38 6.71 -0.19 -1.55
N GLN A 39 7.60 0.18 -0.62
CA GLN A 39 8.98 -0.28 -0.66
C GLN A 39 9.08 -1.81 -0.51
N GLN A 40 8.17 -2.43 0.25
CA GLN A 40 8.07 -3.90 0.36
C GLN A 40 7.74 -4.56 -0.99
N GLN A 41 6.70 -4.12 -1.69
CA GLN A 41 6.35 -4.71 -3.01
C GLN A 41 7.40 -4.44 -4.11
N LEU A 42 8.18 -3.36 -4.00
CA LEU A 42 9.30 -3.04 -4.90
C LEU A 42 10.53 -3.93 -4.62
N GLU A 43 10.89 -4.16 -3.35
CA GLU A 43 12.00 -5.05 -2.97
C GLU A 43 11.69 -6.54 -3.24
N GLN A 44 10.42 -6.94 -3.13
CA GLN A 44 9.92 -8.28 -3.48
C GLN A 44 9.74 -8.49 -5.01
N GLY A 45 9.95 -7.46 -5.84
CA GLY A 45 9.85 -7.51 -7.31
C GLY A 45 10.89 -8.40 -7.97
N GLY B 1 30.81 6.68 -14.04
CA GLY B 1 29.54 5.94 -14.16
C GLY B 1 29.31 5.44 -15.59
N PRO B 2 28.66 4.27 -15.78
CA PRO B 2 28.39 3.64 -17.09
C PRO B 2 27.21 4.32 -17.84
N GLY B 3 27.39 5.59 -18.21
CA GLY B 3 26.38 6.42 -18.86
C GLY B 3 25.26 6.91 -17.91
N SER B 4 24.25 7.56 -18.49
CA SER B 4 23.03 8.04 -17.81
C SER B 4 23.25 9.03 -16.65
N MET B 5 24.35 9.79 -16.66
CA MET B 5 24.75 10.68 -15.55
C MET B 5 23.70 11.78 -15.24
N ASN B 6 22.93 12.20 -16.24
CA ASN B 6 21.87 13.21 -16.12
C ASN B 6 20.65 12.73 -15.30
N LYS B 7 20.39 11.41 -15.30
CA LYS B 7 19.20 10.77 -14.67
C LYS B 7 19.51 9.32 -14.23
N PRO B 8 20.34 9.12 -13.16
CA PRO B 8 20.68 7.79 -12.67
C PRO B 8 19.47 7.07 -12.05
N THR B 9 19.28 5.79 -12.39
CA THR B 9 18.14 4.97 -11.95
C THR B 9 18.24 4.49 -10.49
N SER B 10 19.40 4.67 -9.85
CA SER B 10 19.69 4.22 -8.48
C SER B 10 19.11 5.10 -7.36
N SER B 11 18.51 6.25 -7.69
CA SER B 11 17.99 7.22 -6.71
C SER B 11 16.83 6.66 -5.85
N ASP B 12 16.88 6.94 -4.54
CA ASP B 12 15.80 6.67 -3.58
C ASP B 12 14.83 7.86 -3.41
N GLY B 13 14.98 8.91 -4.22
CA GLY B 13 14.17 10.15 -4.16
C GLY B 13 12.68 9.97 -4.48
N TRP B 14 12.29 8.79 -5.00
CA TRP B 14 10.88 8.45 -5.29
C TRP B 14 10.00 8.47 -4.03
N LYS B 15 10.56 8.23 -2.84
CA LYS B 15 9.83 8.15 -1.57
C LYS B 15 9.18 9.48 -1.15
N ASP B 16 9.88 10.60 -1.37
CA ASP B 16 9.35 11.95 -1.11
C ASP B 16 8.22 12.32 -2.09
N ASP B 17 8.36 11.94 -3.37
CA ASP B 17 7.31 12.10 -4.37
C ASP B 17 6.09 11.19 -4.09
N TYR B 18 6.33 9.99 -3.54
CA TYR B 18 5.26 9.08 -3.12
C TYR B 18 4.44 9.67 -1.96
N LEU B 19 5.10 10.19 -0.92
CA LEU B 19 4.43 10.94 0.17
C LEU B 19 3.66 12.17 -0.36
N SER B 20 4.22 12.88 -1.34
CA SER B 20 3.55 14.02 -1.99
C SER B 20 2.26 13.62 -2.72
N ARG B 21 2.27 12.53 -3.51
CA ARG B 21 1.06 12.05 -4.21
C ARG B 21 0.02 11.42 -3.28
N LEU B 22 0.44 10.71 -2.24
CA LEU B 22 -0.44 10.10 -1.22
C LEU B 22 -1.28 11.16 -0.46
N SER B 23 -0.78 12.39 -0.32
CA SER B 23 -1.52 13.51 0.27
C SER B 23 -2.76 13.92 -0.53
N ARG B 24 -2.75 13.72 -1.86
CA ARG B 24 -3.76 14.28 -2.79
C ARG B 24 -5.07 13.49 -2.83
N LEU B 25 -5.02 12.21 -2.45
CA LEU B 25 -6.18 11.31 -2.47
C LEU B 25 -7.26 11.68 -1.44
N SER B 26 -8.53 11.49 -1.83
CA SER B 26 -9.68 11.44 -0.92
C SER B 26 -9.70 10.16 -0.07
N LYS B 27 -10.54 10.11 0.97
CA LYS B 27 -10.56 9.03 1.98
C LYS B 27 -10.82 7.64 1.38
N ASN B 28 -11.73 7.52 0.40
CA ASN B 28 -11.97 6.27 -0.33
C ASN B 28 -10.80 5.88 -1.25
N GLN B 29 -10.19 6.86 -1.92
CA GLN B 29 -9.11 6.66 -2.91
C GLN B 29 -7.81 6.18 -2.25
N LEU B 30 -7.43 6.73 -1.09
CA LEU B 30 -6.25 6.28 -0.34
C LEU B 30 -6.42 4.84 0.19
N MET B 31 -7.64 4.43 0.54
CA MET B 31 -7.93 3.05 0.95
C MET B 31 -7.89 2.09 -0.24
N ALA B 32 -8.43 2.46 -1.40
CA ALA B 32 -8.33 1.66 -2.62
C ALA B 32 -6.87 1.44 -3.06
N LEU B 33 -6.03 2.47 -2.96
CA LEU B 33 -4.59 2.40 -3.23
C LEU B 33 -3.87 1.48 -2.23
N ALA B 34 -4.07 1.66 -0.93
CA ALA B 34 -3.43 0.85 0.11
C ALA B 34 -3.86 -0.63 0.05
N LEU B 35 -5.13 -0.92 -0.27
CA LEU B 35 -5.65 -2.28 -0.46
C LEU B 35 -5.02 -2.95 -1.68
N LYS B 36 -4.90 -2.24 -2.81
CA LYS B 36 -4.18 -2.70 -4.03
C LYS B 36 -2.71 -3.02 -3.75
N LEU B 37 -2.03 -2.17 -2.97
CA LEU B 37 -0.65 -2.42 -2.49
C LEU B 37 -0.58 -3.67 -1.62
N LYS B 38 -1.54 -3.86 -0.70
CA LYS B 38 -1.55 -4.98 0.24
C LYS B 38 -1.73 -6.33 -0.46
N GLN B 39 -2.72 -6.46 -1.35
CA GLN B 39 -2.96 -7.74 -2.06
C GLN B 39 -1.80 -8.11 -3.01
N GLN B 40 -1.08 -7.14 -3.57
CA GLN B 40 0.15 -7.38 -4.35
C GLN B 40 1.28 -7.99 -3.50
N GLN B 41 1.58 -7.42 -2.32
CA GLN B 41 2.61 -7.98 -1.44
C GLN B 41 2.22 -9.33 -0.80
N LEU B 42 0.92 -9.62 -0.65
CA LEU B 42 0.40 -10.92 -0.22
C LEU B 42 0.54 -11.99 -1.33
N GLU B 43 0.30 -11.65 -2.59
CA GLU B 43 0.55 -12.54 -3.74
C GLU B 43 2.05 -12.86 -3.94
N GLN B 44 2.94 -11.93 -3.58
CA GLN B 44 4.39 -12.12 -3.53
C GLN B 44 4.88 -12.95 -2.31
N GLY B 45 4.00 -13.26 -1.35
CA GLY B 45 4.32 -13.96 -0.09
C GLY B 45 4.80 -15.41 -0.25
N GLY A 1 -24.52 -20.21 0.59
CA GLY A 1 -24.26 -20.29 2.04
C GLY A 1 -22.79 -20.65 2.35
N PRO A 2 -22.48 -20.95 3.61
CA PRO A 2 -21.14 -21.35 4.04
C PRO A 2 -20.69 -22.71 3.46
N GLY A 3 -19.38 -22.93 3.38
CA GLY A 3 -18.77 -24.18 2.91
C GLY A 3 -18.85 -25.31 3.94
N SER A 4 -18.97 -26.55 3.48
CA SER A 4 -19.02 -27.77 4.32
C SER A 4 -18.62 -29.03 3.53
N MET A 5 -18.28 -30.10 4.25
CA MET A 5 -18.06 -31.47 3.75
C MET A 5 -17.18 -31.58 2.47
N ASN A 6 -15.95 -31.05 2.43
CA ASN A 6 -15.16 -30.42 3.50
C ASN A 6 -14.58 -29.05 3.08
N LYS A 7 -15.15 -28.44 2.02
CA LYS A 7 -14.66 -27.17 1.42
C LYS A 7 -14.86 -25.97 2.36
N PRO A 8 -13.94 -24.99 2.39
CA PRO A 8 -14.10 -23.73 3.12
C PRO A 8 -15.11 -22.77 2.45
N THR A 9 -15.63 -21.81 3.22
CA THR A 9 -16.40 -20.66 2.71
C THR A 9 -15.53 -19.73 1.86
N SER A 10 -16.08 -19.13 0.79
CA SER A 10 -15.37 -18.22 -0.11
C SER A 10 -16.19 -16.94 -0.37
N SER A 11 -15.69 -15.81 0.15
CA SER A 11 -16.32 -14.49 0.05
C SER A 11 -15.31 -13.31 0.17
N ASP A 12 -14.01 -13.59 0.13
CA ASP A 12 -12.88 -12.71 0.50
C ASP A 12 -12.91 -12.24 1.96
N GLY A 13 -13.84 -11.32 2.30
CA GLY A 13 -14.11 -10.80 3.66
C GLY A 13 -13.04 -9.84 4.22
N TRP A 14 -11.76 -10.18 4.11
CA TRP A 14 -10.64 -9.44 4.71
C TRP A 14 -10.46 -8.03 4.14
N LYS A 15 -10.87 -7.78 2.89
CA LYS A 15 -10.68 -6.50 2.18
C LYS A 15 -11.47 -5.35 2.81
N ASP A 16 -12.71 -5.61 3.19
CA ASP A 16 -13.58 -4.65 3.87
C ASP A 16 -13.07 -4.34 5.30
N ASP A 17 -12.56 -5.36 6.01
CA ASP A 17 -11.91 -5.20 7.31
C ASP A 17 -10.58 -4.41 7.21
N TYR A 18 -9.83 -4.60 6.12
CA TYR A 18 -8.59 -3.84 5.87
C TYR A 18 -8.88 -2.36 5.58
N LEU A 19 -9.88 -2.05 4.75
CA LEU A 19 -10.42 -0.69 4.59
C LEU A 19 -10.88 -0.09 5.94
N SER A 20 -11.61 -0.86 6.76
CA SER A 20 -12.05 -0.41 8.09
C SER A 20 -10.89 0.00 9.00
N ARG A 21 -9.78 -0.75 9.03
CA ARG A 21 -8.60 -0.39 9.85
C ARG A 21 -7.75 0.73 9.24
N LEU A 22 -7.64 0.81 7.90
CA LEU A 22 -6.93 1.88 7.19
C LEU A 22 -7.58 3.27 7.40
N SER A 23 -8.91 3.31 7.52
CA SER A 23 -9.69 4.52 7.84
C SER A 23 -9.26 5.22 9.14
N ARG A 24 -8.76 4.45 10.13
CA ARG A 24 -8.48 4.94 11.50
C ARG A 24 -7.21 5.80 11.61
N LEU A 25 -6.29 5.67 10.67
CA LEU A 25 -5.01 6.39 10.64
C LEU A 25 -5.19 7.89 10.32
N SER A 26 -4.35 8.72 10.96
CA SER A 26 -4.20 10.15 10.67
C SER A 26 -3.49 10.40 9.32
N LYS A 27 -3.51 11.65 8.83
CA LYS A 27 -3.03 12.04 7.48
C LYS A 27 -1.55 11.72 7.24
N ASN A 28 -0.69 11.85 8.25
CA ASN A 28 0.72 11.42 8.18
C ASN A 28 0.89 9.89 8.32
N GLN A 29 0.10 9.24 9.19
CA GLN A 29 0.17 7.81 9.47
C GLN A 29 -0.25 6.95 8.26
N LEU A 30 -1.31 7.35 7.52
CA LEU A 30 -1.75 6.66 6.31
C LEU A 30 -0.71 6.73 5.18
N MET A 31 0.10 7.79 5.13
CA MET A 31 1.21 7.89 4.17
C MET A 31 2.34 6.93 4.54
N ALA A 32 2.72 6.87 5.82
CA ALA A 32 3.74 5.95 6.32
C ALA A 32 3.35 4.47 6.10
N LEU A 33 2.07 4.13 6.30
CA LEU A 33 1.49 2.83 6.00
C LEU A 33 1.64 2.47 4.51
N ALA A 34 1.17 3.35 3.61
CA ALA A 34 1.25 3.14 2.17
C ALA A 34 2.70 3.08 1.64
N LEU A 35 3.60 3.92 2.16
CA LEU A 35 5.03 3.92 1.84
C LEU A 35 5.70 2.60 2.25
N LYS A 36 5.43 2.11 3.47
CA LYS A 36 5.91 0.82 3.98
C LYS A 36 5.46 -0.35 3.10
N LEU A 37 4.17 -0.39 2.74
CA LEU A 37 3.63 -1.38 1.80
C LEU A 37 4.27 -1.30 0.41
N LYS A 38 4.58 -0.09 -0.08
CA LYS A 38 5.20 0.12 -1.40
C LYS A 38 6.64 -0.38 -1.44
N GLN A 39 7.48 -0.03 -0.47
CA GLN A 39 8.87 -0.51 -0.43
C GLN A 39 8.96 -2.03 -0.24
N GLN A 40 7.99 -2.65 0.45
CA GLN A 40 7.88 -4.11 0.60
C GLN A 40 7.65 -4.83 -0.74
N GLN A 41 6.71 -4.37 -1.57
CA GLN A 41 6.49 -4.96 -2.91
C GLN A 41 7.64 -4.65 -3.89
N LEU A 42 8.37 -3.54 -3.72
CA LEU A 42 9.60 -3.24 -4.48
C LEU A 42 10.75 -4.21 -4.13
N GLU A 43 10.89 -4.63 -2.88
CA GLU A 43 11.87 -5.65 -2.46
C GLU A 43 11.55 -7.07 -2.98
N GLN A 44 10.28 -7.36 -3.31
CA GLN A 44 9.87 -8.60 -3.99
C GLN A 44 10.20 -8.63 -5.50
N GLY A 45 10.57 -7.48 -6.09
CA GLY A 45 10.93 -7.31 -7.52
C GLY A 45 9.73 -7.17 -8.44
N GLY B 1 29.88 -4.38 -29.63
CA GLY B 1 28.61 -4.00 -28.96
C GLY B 1 28.32 -2.50 -29.10
N PRO B 2 27.04 -2.08 -28.96
CA PRO B 2 26.63 -0.68 -29.13
C PRO B 2 27.12 0.27 -28.02
N GLY B 3 27.33 -0.24 -26.80
CA GLY B 3 27.84 0.50 -25.65
C GLY B 3 27.70 -0.24 -24.32
N SER B 4 28.46 0.20 -23.30
CA SER B 4 28.51 -0.42 -21.96
C SER B 4 27.38 0.05 -21.00
N MET B 5 26.43 0.84 -21.50
CA MET B 5 25.34 1.46 -20.71
C MET B 5 24.38 0.45 -20.04
N ASN B 6 23.69 0.90 -18.99
CA ASN B 6 22.71 0.13 -18.21
C ASN B 6 21.56 1.04 -17.71
N LYS B 7 20.40 0.45 -17.38
CA LYS B 7 19.20 1.18 -16.92
C LYS B 7 19.42 1.92 -15.58
N PRO B 8 18.81 3.11 -15.38
CA PRO B 8 18.91 3.87 -14.14
C PRO B 8 18.09 3.25 -13.00
N THR B 9 18.50 3.52 -11.75
CA THR B 9 17.77 3.14 -10.52
C THR B 9 18.21 4.00 -9.32
N SER B 10 17.34 4.13 -8.30
CA SER B 10 17.65 4.76 -7.01
C SER B 10 16.73 4.25 -5.89
N SER B 11 17.29 4.04 -4.70
CA SER B 11 16.57 3.61 -3.50
C SER B 11 15.74 4.72 -2.83
N ASP B 12 16.04 5.99 -3.13
CA ASP B 12 15.54 7.19 -2.44
C ASP B 12 15.01 8.27 -3.42
N GLY B 13 14.54 9.40 -2.88
CA GLY B 13 13.99 10.54 -3.65
C GLY B 13 12.55 10.34 -4.13
N TRP B 14 12.21 9.13 -4.58
CA TRP B 14 10.85 8.73 -4.94
C TRP B 14 9.88 8.79 -3.72
N LYS B 15 10.41 8.60 -2.51
CA LYS B 15 9.67 8.54 -1.24
C LYS B 15 9.00 9.88 -0.91
N ASP B 16 9.69 11.00 -1.13
CA ASP B 16 9.15 12.35 -0.92
C ASP B 16 8.02 12.67 -1.92
N ASP B 17 8.19 12.27 -3.18
CA ASP B 17 7.14 12.37 -4.20
C ASP B 17 5.93 11.45 -3.90
N TYR B 18 6.17 10.27 -3.32
CA TYR B 18 5.11 9.35 -2.91
C TYR B 18 4.28 9.92 -1.76
N LEU B 19 4.91 10.43 -0.69
CA LEU B 19 4.21 11.14 0.40
C LEU B 19 3.45 12.38 -0.11
N SER B 20 4.01 13.11 -1.08
CA SER B 20 3.35 14.26 -1.71
C SER B 20 2.08 13.88 -2.48
N ARG B 21 2.14 12.87 -3.38
CA ARG B 21 0.99 12.46 -4.21
C ARG B 21 -0.11 11.74 -3.41
N LEU B 22 0.27 10.98 -2.37
CA LEU B 22 -0.66 10.31 -1.44
C LEU B 22 -1.58 11.30 -0.71
N SER B 23 -1.13 12.53 -0.48
CA SER B 23 -1.95 13.61 0.11
C SER B 23 -3.14 14.04 -0.76
N ARG B 24 -3.05 13.87 -2.09
CA ARG B 24 -4.04 14.33 -3.08
C ARG B 24 -5.26 13.43 -3.22
N LEU B 25 -5.16 12.16 -2.83
CA LEU B 25 -6.26 11.17 -2.88
C LEU B 25 -7.31 11.45 -1.80
N SER B 26 -8.58 11.20 -2.13
CA SER B 26 -9.70 11.22 -1.17
C SER B 26 -9.58 10.10 -0.12
N LYS B 27 -10.31 10.22 1.00
CA LYS B 27 -10.25 9.30 2.15
C LYS B 27 -10.54 7.84 1.77
N ASN B 28 -11.45 7.59 0.82
CA ASN B 28 -11.71 6.25 0.29
C ASN B 28 -10.64 5.79 -0.72
N GLN B 29 -10.13 6.69 -1.56
CA GLN B 29 -9.17 6.40 -2.63
C GLN B 29 -7.80 5.96 -2.08
N LEU B 30 -7.31 6.63 -1.01
CA LEU B 30 -6.08 6.21 -0.31
C LEU B 30 -6.20 4.80 0.32
N MET B 31 -7.41 4.37 0.72
CA MET B 31 -7.63 3.00 1.20
C MET B 31 -7.57 2.00 0.05
N ALA B 32 -8.19 2.30 -1.10
CA ALA B 32 -8.14 1.47 -2.29
C ALA B 32 -6.71 1.28 -2.84
N LEU B 33 -5.87 2.33 -2.78
CA LEU B 33 -4.45 2.25 -3.12
C LEU B 33 -3.68 1.30 -2.18
N ALA B 34 -3.83 1.48 -0.86
CA ALA B 34 -3.17 0.62 0.14
C ALA B 34 -3.65 -0.85 0.06
N LEU B 35 -4.95 -1.07 -0.21
CA LEU B 35 -5.53 -2.40 -0.44
C LEU B 35 -4.95 -3.07 -1.70
N LYS B 36 -4.83 -2.33 -2.80
CA LYS B 36 -4.20 -2.79 -4.05
C LYS B 36 -2.74 -3.22 -3.83
N LEU B 37 -1.97 -2.42 -3.09
CA LEU B 37 -0.60 -2.77 -2.66
C LEU B 37 -0.58 -4.02 -1.76
N LYS B 38 -1.53 -4.14 -0.81
CA LYS B 38 -1.63 -5.26 0.15
C LYS B 38 -1.86 -6.60 -0.55
N GLN B 39 -2.79 -6.66 -1.52
CA GLN B 39 -3.02 -7.91 -2.28
C GLN B 39 -1.84 -8.26 -3.20
N GLN B 40 -1.14 -7.26 -3.74
CA GLN B 40 0.05 -7.43 -4.61
C GLN B 40 1.27 -8.01 -3.87
N GLN B 41 1.52 -7.58 -2.63
CA GLN B 41 2.62 -8.15 -1.80
C GLN B 41 2.29 -9.54 -1.23
N LEU B 42 1.02 -9.95 -1.20
CA LEU B 42 0.56 -11.29 -0.78
C LEU B 42 0.48 -12.32 -1.92
N GLU B 43 -0.03 -11.92 -3.09
CA GLU B 43 -0.32 -12.81 -4.24
C GLU B 43 -0.05 -12.13 -5.60
N GLN B 44 -0.01 -12.94 -6.66
CA GLN B 44 0.29 -12.54 -8.05
C GLN B 44 -0.63 -13.25 -9.05
N GLY B 45 -0.85 -12.60 -10.21
CA GLY B 45 -1.75 -13.09 -11.28
C GLY B 45 -1.79 -12.16 -12.50
N GLY A 1 -22.63 -25.40 24.07
CA GLY A 1 -22.38 -26.81 23.70
C GLY A 1 -22.42 -27.02 22.19
N PRO A 2 -22.77 -28.24 21.73
CA PRO A 2 -22.90 -28.57 20.30
C PRO A 2 -23.96 -27.74 19.54
N GLY A 3 -23.86 -27.73 18.21
CA GLY A 3 -24.78 -27.02 17.32
C GLY A 3 -24.72 -27.51 15.85
N SER A 4 -25.54 -26.89 14.99
CA SER A 4 -25.60 -27.21 13.55
C SER A 4 -24.30 -26.88 12.80
N MET A 5 -24.06 -27.58 11.69
CA MET A 5 -22.88 -27.43 10.82
C MET A 5 -23.21 -27.73 9.34
N ASN A 6 -22.57 -27.02 8.42
CA ASN A 6 -22.70 -27.17 6.96
C ASN A 6 -21.35 -26.89 6.26
N LYS A 7 -21.25 -27.19 4.96
CA LYS A 7 -20.01 -27.06 4.17
C LYS A 7 -19.42 -25.62 4.19
N PRO A 8 -18.08 -25.44 4.28
CA PRO A 8 -17.44 -24.12 4.22
C PRO A 8 -17.62 -23.40 2.88
N THR A 9 -17.54 -22.07 2.91
CA THR A 9 -17.57 -21.18 1.73
C THR A 9 -16.58 -20.02 1.91
N SER A 10 -15.66 -19.85 0.97
CA SER A 10 -14.63 -18.78 0.98
C SER A 10 -15.20 -17.39 0.67
N SER A 11 -14.54 -16.35 1.18
CA SER A 11 -14.88 -14.93 0.89
C SER A 11 -13.67 -13.99 1.07
N ASP A 12 -13.73 -12.80 0.46
CA ASP A 12 -12.70 -11.76 0.57
C ASP A 12 -12.85 -10.85 1.83
N GLY A 13 -13.40 -11.39 2.93
CA GLY A 13 -13.78 -10.64 4.14
C GLY A 13 -12.64 -9.86 4.82
N TRP A 14 -11.38 -10.22 4.56
CA TRP A 14 -10.20 -9.48 5.02
C TRP A 14 -10.12 -8.06 4.42
N LYS A 15 -10.69 -7.82 3.24
CA LYS A 15 -10.69 -6.50 2.58
C LYS A 15 -11.59 -5.49 3.32
N ASP A 16 -12.73 -5.93 3.84
CA ASP A 16 -13.63 -5.08 4.65
C ASP A 16 -12.98 -4.68 5.98
N ASP A 17 -12.24 -5.59 6.62
CA ASP A 17 -11.41 -5.30 7.80
C ASP A 17 -10.30 -4.30 7.46
N TYR A 18 -9.59 -4.48 6.33
CA TYR A 18 -8.51 -3.59 5.92
C TYR A 18 -9.03 -2.16 5.61
N LEU A 19 -10.12 -2.02 4.85
CA LEU A 19 -10.76 -0.72 4.58
C LEU A 19 -11.27 -0.06 5.87
N SER A 20 -11.84 -0.81 6.80
CA SER A 20 -12.31 -0.29 8.10
C SER A 20 -11.16 0.25 8.96
N ARG A 21 -10.08 -0.53 9.15
CA ARG A 21 -8.94 -0.14 10.00
C ARG A 21 -8.07 0.97 9.41
N LEU A 22 -7.96 1.03 8.08
CA LEU A 22 -7.29 2.14 7.35
C LEU A 22 -7.93 3.50 7.62
N SER A 23 -9.25 3.55 7.84
CA SER A 23 -9.99 4.78 8.19
C SER A 23 -9.54 5.43 9.51
N ARG A 24 -8.95 4.64 10.43
CA ARG A 24 -8.56 5.08 11.79
C ARG A 24 -7.26 5.88 11.82
N LEU A 25 -6.39 5.75 10.83
CA LEU A 25 -5.09 6.43 10.77
C LEU A 25 -5.22 7.94 10.49
N SER A 26 -4.31 8.73 11.08
CA SER A 26 -4.05 10.13 10.70
C SER A 26 -3.45 10.23 9.29
N LYS A 27 -3.48 11.42 8.68
CA LYS A 27 -2.98 11.68 7.31
C LYS A 27 -1.50 11.31 7.13
N ASN A 28 -0.67 11.54 8.15
CA ASN A 28 0.74 11.13 8.13
C ASN A 28 0.94 9.61 8.33
N GLN A 29 0.05 8.97 9.09
CA GLN A 29 0.13 7.53 9.41
C GLN A 29 -0.32 6.64 8.24
N LEU A 30 -1.37 7.03 7.51
CA LEU A 30 -1.80 6.33 6.28
C LEU A 30 -0.74 6.47 5.17
N MET A 31 -0.03 7.60 5.11
CA MET A 31 1.11 7.77 4.20
C MET A 31 2.28 6.87 4.59
N ALA A 32 2.64 6.80 5.87
CA ALA A 32 3.69 5.91 6.37
C ALA A 32 3.37 4.44 6.09
N LEU A 33 2.11 4.01 6.29
CA LEU A 33 1.64 2.65 5.98
C LEU A 33 1.74 2.32 4.48
N ALA A 34 1.24 3.21 3.61
CA ALA A 34 1.28 3.00 2.16
C ALA A 34 2.72 3.02 1.62
N LEU A 35 3.60 3.87 2.17
CA LEU A 35 5.04 3.92 1.85
C LEU A 35 5.73 2.62 2.28
N LYS A 36 5.45 2.13 3.49
CA LYS A 36 5.96 0.84 4.01
C LYS A 36 5.54 -0.33 3.12
N LEU A 37 4.29 -0.37 2.65
CA LEU A 37 3.81 -1.36 1.67
C LEU A 37 4.52 -1.22 0.31
N LYS A 38 4.75 0.02 -0.16
CA LYS A 38 5.40 0.26 -1.46
C LYS A 38 6.87 -0.21 -1.47
N GLN A 39 7.65 0.12 -0.44
CA GLN A 39 9.04 -0.35 -0.37
C GLN A 39 9.12 -1.88 -0.24
N GLN A 40 8.16 -2.53 0.44
CA GLN A 40 8.05 -4.00 0.48
C GLN A 40 7.90 -4.61 -0.93
N GLN A 41 6.95 -4.14 -1.74
CA GLN A 41 6.73 -4.73 -3.08
C GLN A 41 7.86 -4.40 -4.08
N LEU A 42 8.60 -3.30 -3.87
CA LEU A 42 9.81 -2.95 -4.63
C LEU A 42 11.01 -3.84 -4.26
N GLU A 43 11.21 -4.16 -2.98
CA GLU A 43 12.26 -5.09 -2.52
C GLU A 43 11.95 -6.57 -2.87
N GLN A 44 10.68 -6.94 -2.91
CA GLN A 44 10.19 -8.25 -3.38
C GLN A 44 10.15 -8.40 -4.92
N GLY A 45 10.46 -7.34 -5.68
CA GLY A 45 10.49 -7.32 -7.16
C GLY A 45 11.63 -8.15 -7.76
N GLY B 1 25.10 34.47 -0.13
CA GLY B 1 23.83 34.28 -0.85
C GLY B 1 23.07 33.04 -0.39
N PRO B 2 22.04 32.60 -1.13
CA PRO B 2 21.22 31.43 -0.79
C PRO B 2 22.00 30.12 -0.65
N GLY B 3 21.47 29.17 0.13
CA GLY B 3 22.03 27.84 0.39
C GLY B 3 21.84 26.83 -0.75
N SER B 4 22.01 27.25 -2.01
CA SER B 4 21.79 26.44 -3.22
C SER B 4 22.84 25.32 -3.43
N MET B 5 24.04 25.47 -2.85
CA MET B 5 25.20 24.60 -3.06
C MET B 5 26.09 24.57 -1.78
N ASN B 6 26.69 23.43 -1.38
CA ASN B 6 26.53 22.06 -1.90
C ASN B 6 25.23 21.38 -1.40
N LYS B 7 24.84 20.25 -2.00
CA LYS B 7 23.64 19.47 -1.67
C LYS B 7 23.92 17.94 -1.62
N PRO B 8 23.17 17.16 -0.82
CA PRO B 8 23.18 15.70 -0.86
C PRO B 8 22.71 15.10 -2.20
N THR B 9 22.92 13.80 -2.39
CA THR B 9 22.44 13.03 -3.57
C THR B 9 20.90 12.97 -3.65
N SER B 10 20.37 12.92 -4.88
CA SER B 10 18.95 12.63 -5.18
C SER B 10 18.62 11.12 -5.15
N SER B 11 19.60 10.24 -4.94
CA SER B 11 19.41 8.78 -4.90
C SER B 11 18.41 8.33 -3.82
N ASP B 12 17.57 7.34 -4.15
CA ASP B 12 16.45 6.83 -3.34
C ASP B 12 15.40 7.90 -2.95
N GLY B 13 15.37 9.03 -3.64
CA GLY B 13 14.48 10.18 -3.38
C GLY B 13 13.01 9.99 -3.78
N TRP B 14 12.63 8.83 -4.35
CA TRP B 14 11.27 8.52 -4.80
C TRP B 14 10.22 8.60 -3.67
N LYS B 15 10.64 8.36 -2.42
CA LYS B 15 9.77 8.34 -1.23
C LYS B 15 9.14 9.70 -0.94
N ASP B 16 9.87 10.79 -1.21
CA ASP B 16 9.38 12.17 -1.05
C ASP B 16 8.23 12.48 -2.02
N ASP B 17 8.39 12.08 -3.30
CA ASP B 17 7.32 12.18 -4.31
C ASP B 17 6.13 11.26 -3.97
N TYR B 18 6.39 10.07 -3.41
CA TYR B 18 5.32 9.14 -3.05
C TYR B 18 4.45 9.70 -1.90
N LEU B 19 5.05 10.28 -0.85
CA LEU B 19 4.29 11.02 0.17
C LEU B 19 3.55 12.22 -0.43
N SER B 20 4.19 12.99 -1.31
CA SER B 20 3.56 14.17 -1.95
C SER B 20 2.31 13.82 -2.77
N ARG B 21 2.32 12.69 -3.50
CA ARG B 21 1.18 12.25 -4.33
C ARG B 21 0.10 11.50 -3.55
N LEU B 22 0.48 10.71 -2.53
CA LEU B 22 -0.46 9.98 -1.66
C LEU B 22 -1.42 10.92 -0.91
N SER B 23 -0.92 12.08 -0.44
CA SER B 23 -1.73 13.08 0.26
C SER B 23 -2.86 13.69 -0.60
N ARG B 24 -2.80 13.57 -1.94
CA ARG B 24 -3.81 14.10 -2.87
C ARG B 24 -5.11 13.27 -2.92
N LEU B 25 -5.07 11.99 -2.54
CA LEU B 25 -6.23 11.09 -2.60
C LEU B 25 -7.23 11.36 -1.45
N SER B 26 -8.54 11.21 -1.77
CA SER B 26 -9.65 11.27 -0.81
C SER B 26 -9.69 10.03 0.10
N LYS B 27 -10.51 10.04 1.17
CA LYS B 27 -10.57 9.02 2.23
C LYS B 27 -10.86 7.60 1.71
N ASN B 28 -11.70 7.48 0.68
CA ASN B 28 -11.99 6.20 0.00
C ASN B 28 -10.92 5.81 -1.03
N GLN B 29 -10.33 6.78 -1.72
CA GLN B 29 -9.31 6.58 -2.75
C GLN B 29 -7.98 6.08 -2.18
N LEU B 30 -7.54 6.64 -1.03
CA LEU B 30 -6.34 6.18 -0.33
C LEU B 30 -6.48 4.74 0.20
N MET B 31 -7.70 4.28 0.50
CA MET B 31 -7.96 2.89 0.87
C MET B 31 -7.81 1.95 -0.33
N ALA B 32 -8.40 2.30 -1.48
CA ALA B 32 -8.28 1.51 -2.71
C ALA B 32 -6.82 1.39 -3.17
N LEU B 33 -6.04 2.46 -3.04
CA LEU B 33 -4.59 2.48 -3.25
C LEU B 33 -3.87 1.50 -2.31
N ALA B 34 -4.05 1.66 -1.00
CA ALA B 34 -3.34 0.85 0.00
C ALA B 34 -3.74 -0.65 -0.06
N LEU B 35 -5.01 -0.96 -0.34
CA LEU B 35 -5.54 -2.31 -0.55
C LEU B 35 -4.90 -2.99 -1.77
N LYS B 36 -4.79 -2.26 -2.89
CA LYS B 36 -4.12 -2.73 -4.12
C LYS B 36 -2.65 -3.06 -3.85
N LEU B 37 -1.94 -2.18 -3.15
CA LEU B 37 -0.56 -2.42 -2.68
C LEU B 37 -0.47 -3.64 -1.75
N LYS B 38 -1.42 -3.83 -0.84
CA LYS B 38 -1.43 -4.93 0.13
C LYS B 38 -1.60 -6.29 -0.55
N GLN B 39 -2.57 -6.45 -1.45
CA GLN B 39 -2.75 -7.72 -2.20
C GLN B 39 -1.54 -8.03 -3.11
N GLN B 40 -0.86 -7.01 -3.66
CA GLN B 40 0.36 -7.17 -4.45
C GLN B 40 1.52 -7.76 -3.63
N GLN B 41 1.82 -7.22 -2.43
CA GLN B 41 2.87 -7.78 -1.58
C GLN B 41 2.53 -9.18 -1.03
N LEU B 42 1.25 -9.51 -0.84
CA LEU B 42 0.78 -10.84 -0.41
C LEU B 42 0.89 -11.89 -1.54
N GLU B 43 0.59 -11.53 -2.79
CA GLU B 43 0.75 -12.42 -3.95
C GLU B 43 2.23 -12.75 -4.26
N GLN B 44 3.15 -11.83 -3.95
CA GLN B 44 4.59 -12.03 -4.10
C GLN B 44 5.20 -13.03 -3.08
N GLY B 45 4.60 -13.17 -1.89
CA GLY B 45 5.10 -14.07 -0.82
C GLY B 45 4.38 -13.89 0.52
N GLY A 1 -24.72 -8.23 -16.22
CA GLY A 1 -25.74 -7.16 -16.26
C GLY A 1 -25.53 -6.12 -15.16
N PRO A 2 -26.52 -5.25 -14.90
CA PRO A 2 -26.41 -4.15 -13.94
C PRO A 2 -26.27 -4.60 -12.47
N GLY A 3 -26.86 -5.73 -12.09
CA GLY A 3 -26.80 -6.32 -10.75
C GLY A 3 -25.49 -7.05 -10.43
N SER A 4 -25.26 -7.34 -9.15
CA SER A 4 -24.09 -8.08 -8.64
C SER A 4 -24.40 -8.81 -7.32
N MET A 5 -23.84 -10.01 -7.14
CA MET A 5 -24.07 -10.85 -5.96
C MET A 5 -23.34 -10.30 -4.71
N ASN A 6 -24.00 -10.32 -3.56
CA ASN A 6 -23.49 -9.76 -2.30
C ASN A 6 -22.43 -10.65 -1.61
N LYS A 7 -22.43 -11.96 -1.85
CA LYS A 7 -21.48 -12.94 -1.28
C LYS A 7 -20.05 -12.75 -1.83
N PRO A 8 -18.99 -12.96 -1.03
CA PRO A 8 -17.60 -12.78 -1.48
C PRO A 8 -17.12 -13.88 -2.45
N THR A 9 -17.69 -15.08 -2.36
CA THR A 9 -17.35 -16.31 -3.13
C THR A 9 -15.93 -16.85 -2.90
N SER A 10 -14.89 -16.02 -3.05
CA SER A 10 -13.48 -16.35 -2.81
C SER A 10 -13.05 -16.30 -1.33
N SER A 11 -13.96 -15.88 -0.43
CA SER A 11 -13.74 -15.72 1.02
C SER A 11 -12.61 -14.73 1.38
N ASP A 12 -12.36 -13.74 0.53
CA ASP A 12 -11.37 -12.66 0.71
C ASP A 12 -11.88 -11.51 1.63
N GLY A 13 -12.65 -11.86 2.66
CA GLY A 13 -13.27 -10.93 3.61
C GLY A 13 -12.29 -10.12 4.48
N TRP A 14 -10.99 -10.46 4.47
CA TRP A 14 -9.93 -9.66 5.10
C TRP A 14 -9.87 -8.22 4.57
N LYS A 15 -10.26 -8.00 3.30
CA LYS A 15 -10.24 -6.68 2.64
C LYS A 15 -11.17 -5.67 3.29
N ASP A 16 -12.34 -6.10 3.76
CA ASP A 16 -13.30 -5.25 4.47
C ASP A 16 -12.75 -4.79 5.84
N ASP A 17 -12.10 -5.69 6.57
CA ASP A 17 -11.40 -5.39 7.83
C ASP A 17 -10.18 -4.47 7.60
N TYR A 18 -9.49 -4.62 6.47
CA TYR A 18 -8.37 -3.77 6.08
C TYR A 18 -8.83 -2.33 5.77
N LEU A 19 -9.90 -2.16 4.99
CA LEU A 19 -10.53 -0.84 4.77
C LEU A 19 -11.02 -0.21 6.09
N SER A 20 -11.56 -1.02 7.01
CA SER A 20 -11.98 -0.55 8.35
C SER A 20 -10.81 -0.05 9.19
N ARG A 21 -9.67 -0.76 9.24
CA ARG A 21 -8.48 -0.33 10.00
C ARG A 21 -7.79 0.89 9.38
N LEU A 22 -7.69 0.96 8.05
CA LEU A 22 -7.09 2.08 7.31
C LEU A 22 -7.80 3.41 7.56
N SER A 23 -9.11 3.38 7.81
CA SER A 23 -9.91 4.56 8.17
C SER A 23 -9.48 5.23 9.48
N ARG A 24 -8.84 4.50 10.40
CA ARG A 24 -8.47 4.97 11.75
C ARG A 24 -7.20 5.83 11.78
N LEU A 25 -6.32 5.73 10.78
CA LEU A 25 -5.05 6.46 10.73
C LEU A 25 -5.24 7.96 10.43
N SER A 26 -4.37 8.78 11.02
CA SER A 26 -4.16 10.20 10.65
C SER A 26 -3.54 10.33 9.24
N LYS A 27 -3.57 11.53 8.64
CA LYS A 27 -3.06 11.83 7.29
C LYS A 27 -1.58 11.47 7.11
N ASN A 28 -0.78 11.74 8.13
CA ASN A 28 0.65 11.38 8.19
C ASN A 28 0.87 9.87 8.37
N GLN A 29 0.01 9.21 9.15
CA GLN A 29 0.10 7.78 9.45
C GLN A 29 -0.31 6.89 8.27
N LEU A 30 -1.38 7.25 7.53
CA LEU A 30 -1.77 6.54 6.30
C LEU A 30 -0.73 6.68 5.19
N MET A 31 -0.02 7.82 5.13
CA MET A 31 1.12 8.02 4.23
C MET A 31 2.29 7.10 4.60
N ALA A 32 2.65 7.02 5.88
CA ALA A 32 3.70 6.13 6.35
C ALA A 32 3.37 4.64 6.09
N LEU A 33 2.11 4.23 6.32
CA LEU A 33 1.64 2.87 6.06
C LEU A 33 1.66 2.52 4.56
N ALA A 34 1.14 3.39 3.70
CA ALA A 34 1.15 3.16 2.25
C ALA A 34 2.57 3.16 1.67
N LEU A 35 3.48 3.98 2.19
CA LEU A 35 4.91 3.97 1.84
C LEU A 35 5.60 2.66 2.26
N LYS A 36 5.32 2.16 3.47
CA LYS A 36 5.80 0.86 3.98
C LYS A 36 5.32 -0.30 3.09
N LEU A 37 4.04 -0.32 2.74
CA LEU A 37 3.46 -1.28 1.79
C LEU A 37 4.12 -1.18 0.40
N LYS A 38 4.45 0.03 -0.06
CA LYS A 38 5.10 0.23 -1.37
C LYS A 38 6.54 -0.28 -1.39
N GLN A 39 7.38 0.09 -0.42
CA GLN A 39 8.77 -0.38 -0.40
C GLN A 39 8.89 -1.90 -0.18
N GLN A 40 7.93 -2.52 0.53
CA GLN A 40 7.85 -3.98 0.69
C GLN A 40 7.73 -4.73 -0.65
N GLN A 41 6.91 -4.24 -1.59
CA GLN A 41 6.81 -4.79 -2.95
C GLN A 41 7.96 -4.33 -3.86
N LEU A 42 8.45 -3.08 -3.73
CA LEU A 42 9.46 -2.49 -4.60
C LEU A 42 10.87 -3.09 -4.41
N GLU A 43 11.27 -3.34 -3.15
CA GLU A 43 12.58 -3.92 -2.79
C GLU A 43 12.63 -5.46 -2.85
N GLN A 44 11.49 -6.10 -3.09
CA GLN A 44 11.32 -7.56 -3.06
C GLN A 44 12.22 -8.31 -4.06
N GLY A 45 12.70 -9.50 -3.67
CA GLY A 45 13.59 -10.36 -4.46
C GLY A 45 15.05 -9.89 -4.46
N GLY B 1 29.45 28.49 -12.74
CA GLY B 1 28.83 27.25 -12.21
C GLY B 1 29.36 26.88 -10.84
N PRO B 2 29.14 25.62 -10.40
CA PRO B 2 29.58 25.12 -9.08
C PRO B 2 31.11 25.15 -8.88
N GLY B 3 31.55 25.33 -7.63
CA GLY B 3 32.96 25.34 -7.22
C GLY B 3 33.60 23.94 -7.11
N SER B 4 32.79 22.89 -7.10
CA SER B 4 33.20 21.47 -7.06
C SER B 4 32.12 20.56 -7.68
N MET B 5 32.45 19.34 -8.08
CA MET B 5 31.55 18.41 -8.78
C MET B 5 31.81 16.93 -8.43
N ASN B 6 30.72 16.17 -8.31
CA ASN B 6 30.66 14.71 -8.18
C ASN B 6 29.25 14.20 -8.57
N LYS B 7 29.14 12.96 -9.07
CA LYS B 7 27.87 12.35 -9.50
C LYS B 7 27.04 11.84 -8.29
N PRO B 8 25.78 12.28 -8.09
CA PRO B 8 24.90 11.79 -7.01
C PRO B 8 24.47 10.31 -7.16
N THR B 9 23.97 9.73 -6.08
CA THR B 9 23.28 8.42 -6.05
C THR B 9 22.33 8.30 -4.86
N SER B 10 21.21 7.59 -5.01
CA SER B 10 20.20 7.35 -3.96
C SER B 10 19.30 6.15 -4.29
N SER B 11 18.87 5.42 -3.25
CA SER B 11 17.87 4.34 -3.30
C SER B 11 16.51 4.75 -2.70
N ASP B 12 16.41 5.96 -2.16
CA ASP B 12 15.30 6.45 -1.31
C ASP B 12 14.65 7.76 -1.79
N GLY B 13 15.20 8.45 -2.80
CA GLY B 13 14.72 9.75 -3.27
C GLY B 13 13.29 9.75 -3.82
N TRP B 14 12.77 8.60 -4.25
CA TRP B 14 11.39 8.40 -4.70
C TRP B 14 10.36 8.53 -3.57
N LYS B 15 10.75 8.29 -2.30
CA LYS B 15 9.83 8.22 -1.15
C LYS B 15 9.18 9.57 -0.82
N ASP B 16 9.91 10.67 -0.97
CA ASP B 16 9.41 12.03 -0.77
C ASP B 16 8.32 12.40 -1.81
N ASP B 17 8.54 12.04 -3.07
CA ASP B 17 7.54 12.21 -4.15
C ASP B 17 6.32 11.29 -3.94
N TYR B 18 6.53 10.07 -3.41
CA TYR B 18 5.43 9.15 -3.10
C TYR B 18 4.55 9.66 -1.95
N LEU B 19 5.14 10.20 -0.87
CA LEU B 19 4.39 10.94 0.16
C LEU B 19 3.63 12.14 -0.44
N SER B 20 4.29 12.93 -1.31
CA SER B 20 3.69 14.11 -1.94
C SER B 20 2.43 13.76 -2.76
N ARG B 21 2.46 12.68 -3.56
CA ARG B 21 1.30 12.24 -4.36
C ARG B 21 0.21 11.55 -3.53
N LEU B 22 0.59 10.78 -2.50
CA LEU B 22 -0.35 10.09 -1.58
C LEU B 22 -1.25 11.07 -0.81
N SER B 23 -0.73 12.23 -0.40
CA SER B 23 -1.49 13.27 0.32
C SER B 23 -2.69 13.83 -0.45
N ARG B 24 -2.73 13.65 -1.78
CA ARG B 24 -3.76 14.20 -2.68
C ARG B 24 -5.06 13.36 -2.75
N LEU B 25 -5.00 12.07 -2.40
CA LEU B 25 -6.14 11.15 -2.51
C LEU B 25 -7.23 11.44 -1.46
N SER B 26 -8.50 11.24 -1.84
CA SER B 26 -9.66 11.25 -0.94
C SER B 26 -9.71 9.99 -0.04
N LYS B 27 -10.58 10.00 0.98
CA LYS B 27 -10.65 8.98 2.04
C LYS B 27 -10.87 7.55 1.52
N ASN B 28 -11.66 7.39 0.46
CA ASN B 28 -11.89 6.10 -0.19
C ASN B 28 -10.80 5.73 -1.21
N GLN B 29 -10.19 6.72 -1.88
CA GLN B 29 -9.14 6.53 -2.88
C GLN B 29 -7.81 6.06 -2.25
N LEU B 30 -7.43 6.63 -1.09
CA LEU B 30 -6.24 6.19 -0.34
C LEU B 30 -6.39 4.74 0.18
N MET B 31 -7.62 4.32 0.53
CA MET B 31 -7.90 2.93 0.89
C MET B 31 -7.74 2.00 -0.31
N ALA B 32 -8.33 2.35 -1.46
CA ALA B 32 -8.25 1.53 -2.67
C ALA B 32 -6.79 1.34 -3.15
N LEU B 33 -5.97 2.39 -3.07
CA LEU B 33 -4.54 2.34 -3.38
C LEU B 33 -3.77 1.43 -2.42
N ALA B 34 -3.94 1.60 -1.10
CA ALA B 34 -3.28 0.78 -0.09
C ALA B 34 -3.72 -0.70 -0.16
N LEU B 35 -5.01 -0.97 -0.40
CA LEU B 35 -5.56 -2.32 -0.56
C LEU B 35 -5.02 -3.01 -1.83
N LYS B 36 -4.89 -2.27 -2.95
CA LYS B 36 -4.24 -2.73 -4.19
C LYS B 36 -2.78 -3.14 -3.93
N LEU B 37 -2.00 -2.29 -3.26
CA LEU B 37 -0.63 -2.60 -2.81
C LEU B 37 -0.60 -3.83 -1.88
N LYS B 38 -1.57 -3.98 -0.98
CA LYS B 38 -1.62 -5.09 -0.01
C LYS B 38 -1.94 -6.44 -0.68
N GLN B 39 -2.95 -6.51 -1.54
CA GLN B 39 -3.26 -7.75 -2.25
C GLN B 39 -2.15 -8.14 -3.26
N GLN B 40 -1.42 -7.17 -3.82
CA GLN B 40 -0.24 -7.44 -4.66
C GLN B 40 0.87 -8.18 -3.89
N GLN B 41 1.25 -7.74 -2.68
CA GLN B 41 2.28 -8.42 -1.88
C GLN B 41 1.81 -9.77 -1.30
N LEU B 42 0.49 -9.97 -1.13
CA LEU B 42 -0.11 -11.24 -0.67
C LEU B 42 -0.26 -12.29 -1.78
N GLU B 43 -0.68 -11.91 -2.99
CA GLU B 43 -1.05 -12.85 -4.07
C GLU B 43 0.14 -13.28 -4.96
N GLN B 44 1.15 -12.41 -5.14
CA GLN B 44 2.32 -12.73 -5.97
C GLN B 44 3.24 -13.77 -5.29
N GLY B 45 3.77 -14.71 -6.10
CA GLY B 45 4.67 -15.80 -5.66
C GLY B 45 4.86 -16.87 -6.72
N GLY A 1 -1.43 -18.44 10.75
CA GLY A 1 -2.75 -18.05 11.26
C GLY A 1 -2.95 -18.54 12.69
N PRO A 2 -3.90 -19.45 12.96
CA PRO A 2 -4.07 -20.08 14.28
C PRO A 2 -2.87 -21.00 14.61
N GLY A 3 -1.94 -20.51 15.43
CA GLY A 3 -0.65 -21.16 15.69
C GLY A 3 0.19 -21.28 14.41
N SER A 4 0.88 -22.42 14.25
CA SER A 4 1.67 -22.74 13.05
C SER A 4 0.82 -23.01 11.80
N MET A 5 -0.46 -23.32 11.97
CA MET A 5 -1.42 -23.63 10.89
C MET A 5 -2.08 -22.37 10.29
N ASN A 6 -2.65 -22.51 9.10
CA ASN A 6 -3.63 -21.57 8.54
C ASN A 6 -5.07 -22.04 8.80
N LYS A 7 -6.03 -21.12 8.87
CA LYS A 7 -7.44 -21.39 9.17
C LYS A 7 -8.12 -22.16 8.01
N PRO A 8 -8.96 -23.18 8.27
CA PRO A 8 -9.59 -23.99 7.22
C PRO A 8 -10.62 -23.22 6.37
N THR A 9 -11.26 -22.22 6.95
CA THR A 9 -12.18 -21.28 6.27
C THR A 9 -11.45 -20.00 5.82
N SER A 10 -11.84 -19.45 4.66
CA SER A 10 -11.30 -18.20 4.11
C SER A 10 -12.26 -17.53 3.12
N SER A 11 -12.13 -16.21 2.95
CA SER A 11 -12.93 -15.39 2.03
C SER A 11 -12.24 -14.03 1.73
N ASP A 12 -12.79 -13.27 0.79
CA ASP A 12 -12.41 -11.87 0.51
C ASP A 12 -12.76 -10.89 1.66
N GLY A 13 -13.42 -11.34 2.73
CA GLY A 13 -13.84 -10.52 3.87
C GLY A 13 -12.70 -9.83 4.62
N TRP A 14 -11.45 -10.28 4.46
CA TRP A 14 -10.26 -9.59 4.99
C TRP A 14 -10.12 -8.16 4.45
N LYS A 15 -10.57 -7.89 3.22
CA LYS A 15 -10.46 -6.59 2.55
C LYS A 15 -11.32 -5.52 3.23
N ASP A 16 -12.53 -5.88 3.65
CA ASP A 16 -13.44 -5.01 4.39
C ASP A 16 -12.88 -4.64 5.78
N ASP A 17 -12.27 -5.60 6.47
CA ASP A 17 -11.55 -5.36 7.73
C ASP A 17 -10.29 -4.51 7.54
N TYR A 18 -9.59 -4.65 6.40
CA TYR A 18 -8.41 -3.84 6.08
C TYR A 18 -8.78 -2.38 5.79
N LEU A 19 -9.86 -2.13 5.04
CA LEU A 19 -10.43 -0.79 4.88
C LEU A 19 -10.87 -0.20 6.23
N SER A 20 -11.50 -1.00 7.10
CA SER A 20 -11.94 -0.56 8.43
C SER A 20 -10.78 -0.12 9.32
N ARG A 21 -9.61 -0.80 9.28
CA ARG A 21 -8.42 -0.38 10.05
C ARG A 21 -7.68 0.82 9.42
N LEU A 22 -7.54 0.86 8.09
CA LEU A 22 -6.86 1.95 7.37
C LEU A 22 -7.55 3.31 7.57
N SER A 23 -8.89 3.32 7.60
CA SER A 23 -9.71 4.51 7.85
C SER A 23 -9.37 5.25 9.17
N ARG A 24 -8.86 4.53 10.18
CA ARG A 24 -8.58 5.10 11.52
C ARG A 24 -7.34 6.00 11.58
N LEU A 25 -6.40 5.84 10.64
CA LEU A 25 -5.15 6.60 10.61
C LEU A 25 -5.34 8.06 10.15
N SER A 26 -4.56 8.96 10.74
CA SER A 26 -4.43 10.37 10.32
C SER A 26 -3.68 10.51 8.98
N LYS A 27 -3.71 11.70 8.35
CA LYS A 27 -3.19 11.99 7.00
C LYS A 27 -1.70 11.63 6.82
N ASN A 28 -0.89 11.87 7.84
CA ASN A 28 0.54 11.55 7.86
C ASN A 28 0.82 10.09 8.26
N GLN A 29 -0.07 9.46 9.04
CA GLN A 29 0.06 8.07 9.51
C GLN A 29 -0.29 7.05 8.41
N LEU A 30 -1.34 7.31 7.62
CA LEU A 30 -1.72 6.46 6.48
C LEU A 30 -0.62 6.43 5.39
N MET A 31 0.17 7.51 5.27
CA MET A 31 1.32 7.55 4.36
C MET A 31 2.41 6.57 4.78
N ALA A 32 2.75 6.51 6.08
CA ALA A 32 3.77 5.60 6.59
C ALA A 32 3.42 4.12 6.33
N LEU A 33 2.13 3.76 6.49
CA LEU A 33 1.60 2.43 6.16
C LEU A 33 1.72 2.14 4.66
N ALA A 34 1.24 3.03 3.80
CA ALA A 34 1.28 2.86 2.35
C ALA A 34 2.72 2.84 1.79
N LEU A 35 3.62 3.68 2.30
CA LEU A 35 5.04 3.72 1.94
C LEU A 35 5.75 2.42 2.33
N LYS A 36 5.48 1.88 3.53
CA LYS A 36 6.00 0.57 3.98
C LYS A 36 5.55 -0.55 3.05
N LEU A 37 4.27 -0.61 2.70
CA LEU A 37 3.74 -1.54 1.70
C LEU A 37 4.40 -1.35 0.31
N LYS A 38 4.64 -0.10 -0.11
CA LYS A 38 5.23 0.21 -1.42
C LYS A 38 6.69 -0.20 -1.52
N GLN A 39 7.55 0.14 -0.55
CA GLN A 39 8.96 -0.25 -0.58
C GLN A 39 9.16 -1.77 -0.49
N GLN A 40 8.24 -2.48 0.18
CA GLN A 40 8.24 -3.95 0.26
C GLN A 40 8.08 -4.62 -1.12
N GLN A 41 7.18 -4.11 -1.97
CA GLN A 41 7.05 -4.59 -3.36
C GLN A 41 8.14 -4.02 -4.30
N LEU A 42 8.55 -2.75 -4.13
CA LEU A 42 9.38 -2.02 -5.07
C LEU A 42 10.90 -2.26 -4.95
N GLU A 43 11.44 -2.34 -3.73
CA GLU A 43 12.90 -2.36 -3.48
C GLU A 43 13.52 -3.78 -3.47
N GLN A 44 12.70 -4.83 -3.28
CA GLN A 44 13.16 -6.22 -3.32
C GLN A 44 13.45 -6.70 -4.76
N GLY A 45 14.40 -7.63 -4.91
CA GLY A 45 14.83 -8.21 -6.19
C GLY A 45 15.91 -9.28 -6.02
N GLY B 1 18.78 18.64 -29.02
CA GLY B 1 19.90 18.42 -28.08
C GLY B 1 19.50 17.52 -26.91
N PRO B 2 20.48 16.90 -26.22
CA PRO B 2 20.24 16.00 -25.09
C PRO B 2 19.70 16.73 -23.84
N GLY B 3 19.09 15.97 -22.92
CA GLY B 3 18.68 16.43 -21.59
C GLY B 3 19.83 16.50 -20.57
N SER B 4 19.49 16.51 -19.28
CA SER B 4 20.45 16.47 -18.17
C SER B 4 21.29 15.17 -18.15
N MET B 5 22.53 15.26 -17.65
CA MET B 5 23.52 14.19 -17.72
C MET B 5 23.20 12.98 -16.81
N ASN B 6 22.50 13.20 -15.70
CA ASN B 6 22.13 12.19 -14.70
C ASN B 6 20.86 12.58 -13.91
N LYS B 7 20.16 11.60 -13.33
CA LYS B 7 19.01 11.79 -12.43
C LYS B 7 19.42 12.49 -11.12
N PRO B 8 18.49 13.16 -10.40
CA PRO B 8 18.78 13.84 -9.14
C PRO B 8 19.30 12.91 -8.03
N THR B 9 20.25 13.40 -7.23
CA THR B 9 20.80 12.70 -6.05
C THR B 9 19.98 13.03 -4.79
N SER B 10 19.65 12.09 -3.90
CA SER B 10 19.83 10.64 -3.98
C SER B 10 18.66 9.94 -4.70
N SER B 11 18.92 8.76 -5.28
CA SER B 11 17.96 7.98 -6.10
C SER B 11 16.73 7.46 -5.32
N ASP B 12 16.81 7.35 -3.99
CA ASP B 12 15.70 6.98 -3.10
C ASP B 12 14.69 8.14 -2.84
N GLY B 13 14.87 9.29 -3.49
CA GLY B 13 13.98 10.46 -3.42
C GLY B 13 12.55 10.25 -3.92
N TRP B 14 12.24 9.07 -4.51
CA TRP B 14 10.87 8.67 -4.88
C TRP B 14 9.92 8.65 -3.67
N LYS B 15 10.45 8.38 -2.46
CA LYS B 15 9.68 8.31 -1.22
C LYS B 15 9.07 9.64 -0.80
N ASP B 16 9.79 10.75 -1.03
CA ASP B 16 9.30 12.11 -0.76
C ASP B 16 8.17 12.49 -1.73
N ASP B 17 8.29 12.14 -3.02
CA ASP B 17 7.23 12.30 -4.01
C ASP B 17 6.00 11.42 -3.69
N TYR B 18 6.20 10.21 -3.18
CA TYR B 18 5.13 9.29 -2.79
C TYR B 18 4.31 9.87 -1.63
N LEU B 19 4.96 10.37 -0.57
CA LEU B 19 4.29 11.06 0.54
C LEU B 19 3.56 12.33 0.09
N SER B 20 4.12 13.09 -0.86
CA SER B 20 3.49 14.30 -1.41
C SER B 20 2.22 13.99 -2.22
N ARG B 21 2.27 13.01 -3.13
CA ARG B 21 1.14 12.64 -4.02
C ARG B 21 0.01 11.88 -3.30
N LEU B 22 0.32 11.11 -2.26
CA LEU B 22 -0.66 10.42 -1.42
C LEU B 22 -1.66 11.38 -0.77
N SER B 23 -1.24 12.60 -0.40
CA SER B 23 -2.10 13.63 0.17
C SER B 23 -3.22 14.10 -0.78
N ARG B 24 -3.05 13.93 -2.10
CA ARG B 24 -3.98 14.37 -3.15
C ARG B 24 -5.22 13.48 -3.31
N LEU B 25 -5.14 12.22 -2.87
CA LEU B 25 -6.24 11.25 -2.93
C LEU B 25 -7.30 11.52 -1.84
N SER B 26 -8.57 11.26 -2.18
CA SER B 26 -9.70 11.23 -1.24
C SER B 26 -9.56 10.08 -0.22
N LYS B 27 -10.32 10.13 0.89
CA LYS B 27 -10.30 9.12 1.96
C LYS B 27 -10.62 7.71 1.47
N ASN B 28 -11.54 7.55 0.51
CA ASN B 28 -11.84 6.27 -0.13
C ASN B 28 -10.72 5.83 -1.10
N GLN B 29 -10.13 6.78 -1.83
CA GLN B 29 -9.12 6.52 -2.88
C GLN B 29 -7.77 6.09 -2.29
N LEU B 30 -7.31 6.71 -1.20
CA LEU B 30 -6.10 6.27 -0.48
C LEU B 30 -6.25 4.85 0.10
N MET B 31 -7.46 4.47 0.51
CA MET B 31 -7.74 3.11 0.99
C MET B 31 -7.76 2.10 -0.16
N ALA B 32 -8.34 2.45 -1.31
CA ALA B 32 -8.29 1.62 -2.51
C ALA B 32 -6.83 1.39 -3.00
N LEU B 33 -5.99 2.43 -2.97
CA LEU B 33 -4.56 2.34 -3.31
C LEU B 33 -3.80 1.42 -2.34
N ALA B 34 -3.97 1.61 -1.02
CA ALA B 34 -3.31 0.80 0.00
C ALA B 34 -3.77 -0.68 -0.05
N LEU B 35 -5.06 -0.93 -0.31
CA LEU B 35 -5.61 -2.29 -0.48
C LEU B 35 -5.08 -2.96 -1.75
N LYS B 36 -4.95 -2.24 -2.87
CA LYS B 36 -4.32 -2.71 -4.11
C LYS B 36 -2.87 -3.14 -3.87
N LEU B 37 -2.09 -2.31 -3.17
CA LEU B 37 -0.73 -2.67 -2.72
C LEU B 37 -0.72 -3.90 -1.82
N LYS B 38 -1.69 -4.03 -0.90
CA LYS B 38 -1.76 -5.16 0.04
C LYS B 38 -2.03 -6.49 -0.67
N GLN B 39 -3.03 -6.56 -1.55
CA GLN B 39 -3.32 -7.80 -2.29
C GLN B 39 -2.18 -8.18 -3.26
N GLN B 40 -1.44 -7.20 -3.80
CA GLN B 40 -0.23 -7.45 -4.59
C GLN B 40 0.87 -8.13 -3.76
N GLN B 41 1.24 -7.61 -2.58
CA GLN B 41 2.27 -8.24 -1.75
C GLN B 41 1.83 -9.61 -1.18
N LEU B 42 0.52 -9.82 -0.95
CA LEU B 42 -0.04 -11.12 -0.54
C LEU B 42 0.07 -12.17 -1.65
N GLU B 43 -0.05 -11.80 -2.93
CA GLU B 43 0.20 -12.71 -4.08
C GLU B 43 1.70 -12.93 -4.36
N GLN B 44 2.54 -11.91 -4.13
CA GLN B 44 4.00 -11.98 -4.33
C GLN B 44 4.73 -12.82 -3.25
N GLY B 45 4.18 -12.91 -2.04
CA GLY B 45 4.75 -13.64 -0.89
C GLY B 45 4.79 -15.17 -1.07
N GLY A 1 2.78 -20.50 16.08
CA GLY A 1 1.54 -21.19 15.66
C GLY A 1 1.55 -21.51 14.16
N PRO A 2 0.47 -22.15 13.65
CA PRO A 2 0.34 -22.50 12.23
C PRO A 2 0.16 -21.26 11.33
N GLY A 3 0.52 -21.41 10.05
CA GLY A 3 0.42 -20.36 9.02
C GLY A 3 1.45 -19.22 9.15
N SER A 4 1.38 -18.26 8.21
CA SER A 4 2.31 -17.12 8.10
C SER A 4 1.59 -15.86 7.61
N MET A 5 2.06 -14.69 8.06
CA MET A 5 1.52 -13.34 7.76
C MET A 5 0.05 -13.12 8.19
N ASN A 6 -0.48 -11.91 7.98
CA ASN A 6 -1.83 -11.51 8.43
C ASN A 6 -2.99 -12.13 7.60
N LYS A 7 -2.71 -12.79 6.47
CA LYS A 7 -3.72 -13.36 5.56
C LYS A 7 -4.51 -14.51 6.20
N PRO A 8 -5.86 -14.44 6.27
CA PRO A 8 -6.73 -15.55 6.68
C PRO A 8 -6.75 -16.71 5.67
N THR A 9 -7.44 -17.79 6.01
CA THR A 9 -7.67 -18.98 5.16
C THR A 9 -8.69 -18.74 4.01
N SER A 10 -8.68 -17.54 3.41
CA SER A 10 -9.59 -17.13 2.33
C SER A 10 -9.00 -16.02 1.44
N SER A 11 -9.45 -15.93 0.19
CA SER A 11 -9.03 -14.92 -0.80
C SER A 11 -9.74 -13.56 -0.66
N ASP A 12 -10.77 -13.46 0.20
CA ASP A 12 -11.55 -12.24 0.45
C ASP A 12 -12.01 -12.14 1.92
N GLY A 13 -12.82 -11.13 2.25
CA GLY A 13 -13.28 -10.82 3.61
C GLY A 13 -12.24 -10.07 4.45
N TRP A 14 -10.96 -10.44 4.32
CA TRP A 14 -9.82 -9.71 4.93
C TRP A 14 -9.72 -8.27 4.44
N LYS A 15 -10.13 -8.02 3.18
CA LYS A 15 -10.07 -6.72 2.51
C LYS A 15 -10.97 -5.66 3.15
N ASP A 16 -12.16 -6.05 3.58
CA ASP A 16 -13.10 -5.16 4.29
C ASP A 16 -12.60 -4.81 5.70
N ASP A 17 -11.99 -5.76 6.40
CA ASP A 17 -11.32 -5.51 7.69
C ASP A 17 -10.06 -4.63 7.52
N TYR A 18 -9.35 -4.74 6.39
CA TYR A 18 -8.21 -3.89 6.08
C TYR A 18 -8.63 -2.44 5.82
N LEU A 19 -9.69 -2.21 5.04
CA LEU A 19 -10.32 -0.89 4.91
C LEU A 19 -10.79 -0.33 6.26
N SER A 20 -11.40 -1.18 7.11
CA SER A 20 -11.88 -0.77 8.44
C SER A 20 -10.75 -0.29 9.36
N ARG A 21 -9.56 -0.91 9.33
CA ARG A 21 -8.40 -0.46 10.11
C ARG A 21 -7.67 0.74 9.49
N LEU A 22 -7.55 0.80 8.16
CA LEU A 22 -6.89 1.90 7.43
C LEU A 22 -7.57 3.25 7.66
N SER A 23 -8.91 3.28 7.71
CA SER A 23 -9.69 4.50 7.95
C SER A 23 -9.39 5.19 9.31
N ARG A 24 -8.84 4.45 10.28
CA ARG A 24 -8.52 4.96 11.63
C ARG A 24 -7.27 5.85 11.69
N LEU A 25 -6.35 5.74 10.72
CA LEU A 25 -5.09 6.49 10.69
C LEU A 25 -5.29 7.98 10.32
N SER A 26 -4.46 8.85 10.92
CA SER A 26 -4.31 10.26 10.53
C SER A 26 -3.58 10.43 9.19
N LYS A 27 -3.59 11.63 8.61
CA LYS A 27 -3.08 11.93 7.25
C LYS A 27 -1.61 11.54 7.04
N ASN A 28 -0.77 11.75 8.04
CA ASN A 28 0.65 11.35 8.02
C ASN A 28 0.85 9.83 8.23
N GLN A 29 0.04 9.22 9.09
CA GLN A 29 0.09 7.79 9.42
C GLN A 29 -0.38 6.90 8.26
N LEU A 30 -1.44 7.27 7.53
CA LEU A 30 -1.90 6.54 6.35
C LEU A 30 -0.87 6.56 5.21
N MET A 31 -0.07 7.63 5.09
CA MET A 31 1.01 7.72 4.12
C MET A 31 2.23 6.89 4.54
N ALA A 32 2.58 6.87 5.83
CA ALA A 32 3.62 5.97 6.36
C ALA A 32 3.25 4.48 6.15
N LEU A 33 1.98 4.12 6.35
CA LEU A 33 1.44 2.78 6.09
C LEU A 33 1.55 2.41 4.60
N ALA A 34 1.06 3.27 3.70
CA ALA A 34 1.12 3.03 2.25
C ALA A 34 2.56 2.99 1.71
N LEU A 35 3.47 3.83 2.23
CA LEU A 35 4.89 3.82 1.86
C LEU A 35 5.59 2.53 2.33
N LYS A 36 5.29 2.06 3.57
CA LYS A 36 5.75 0.77 4.09
C LYS A 36 5.30 -0.39 3.19
N LEU A 37 4.04 -0.41 2.78
CA LEU A 37 3.50 -1.37 1.80
C LEU A 37 4.22 -1.25 0.44
N LYS A 38 4.54 -0.04 -0.03
CA LYS A 38 5.21 0.16 -1.31
C LYS A 38 6.67 -0.34 -1.31
N GLN A 39 7.46 -0.02 -0.28
CA GLN A 39 8.83 -0.54 -0.19
C GLN A 39 8.86 -2.07 -0.02
N GLN A 40 7.87 -2.67 0.66
CA GLN A 40 7.76 -4.14 0.80
C GLN A 40 7.63 -4.86 -0.57
N GLN A 41 6.78 -4.35 -1.46
CA GLN A 41 6.61 -4.94 -2.81
C GLN A 41 7.76 -4.62 -3.78
N LEU A 42 8.55 -3.57 -3.53
CA LEU A 42 9.77 -3.24 -4.30
C LEU A 42 11.01 -4.03 -3.83
N GLU A 43 11.22 -4.18 -2.52
CA GLU A 43 12.43 -4.78 -1.94
C GLU A 43 12.49 -6.32 -2.04
N GLN A 44 11.34 -6.98 -2.17
CA GLN A 44 11.25 -8.45 -2.29
C GLN A 44 11.73 -9.01 -3.65
N GLY A 45 11.94 -8.15 -4.66
CA GLY A 45 12.45 -8.50 -5.99
C GLY A 45 11.53 -9.41 -6.82
N GLY B 1 28.26 11.78 -25.72
CA GLY B 1 27.59 12.36 -24.53
C GLY B 1 27.89 13.85 -24.36
N PRO B 2 27.17 14.55 -23.48
CA PRO B 2 27.35 15.98 -23.21
C PRO B 2 28.66 16.27 -22.46
N GLY B 3 29.20 17.48 -22.63
CA GLY B 3 30.37 17.97 -21.90
C GLY B 3 30.07 18.54 -20.50
N SER B 4 28.80 18.84 -20.20
CA SER B 4 28.33 19.32 -18.89
C SER B 4 28.13 18.18 -17.88
N MET B 5 28.04 18.53 -16.59
CA MET B 5 27.84 17.61 -15.45
C MET B 5 27.07 18.29 -14.30
N ASN B 6 26.51 17.49 -13.39
CA ASN B 6 25.74 17.95 -12.23
C ASN B 6 25.88 16.95 -11.04
N LYS B 7 25.85 17.44 -9.80
CA LYS B 7 25.97 16.65 -8.57
C LYS B 7 24.67 15.86 -8.27
N PRO B 8 24.74 14.54 -7.96
CA PRO B 8 23.58 13.74 -7.56
C PRO B 8 23.27 13.97 -6.07
N THR B 9 22.57 15.07 -5.76
CA THR B 9 22.22 15.48 -4.39
C THR B 9 21.12 14.61 -3.72
N SER B 10 20.31 13.89 -4.51
CA SER B 10 19.20 13.05 -4.03
C SER B 10 19.67 11.74 -3.38
N SER B 11 18.96 11.31 -2.33
CA SER B 11 19.01 9.95 -1.77
C SER B 11 17.65 9.56 -1.17
N ASP B 12 17.15 8.37 -1.49
CA ASP B 12 15.79 7.87 -1.20
C ASP B 12 14.65 8.83 -1.65
N GLY B 13 14.90 9.71 -2.63
CA GLY B 13 13.98 10.80 -3.03
C GLY B 13 12.63 10.32 -3.57
N TRP B 14 12.53 9.07 -4.04
CA TRP B 14 11.28 8.46 -4.48
C TRP B 14 10.23 8.40 -3.36
N LYS B 15 10.65 8.26 -2.10
CA LYS B 15 9.74 8.16 -0.94
C LYS B 15 9.01 9.48 -0.68
N ASP B 16 9.74 10.59 -0.74
CA ASP B 16 9.17 11.94 -0.59
C ASP B 16 8.24 12.28 -1.78
N ASP B 17 8.62 11.88 -3.01
CA ASP B 17 7.75 12.00 -4.19
C ASP B 17 6.47 11.14 -4.06
N TYR B 18 6.56 9.95 -3.45
CA TYR B 18 5.39 9.08 -3.23
C TYR B 18 4.44 9.69 -2.18
N LEU B 19 4.94 10.18 -1.05
CA LEU B 19 4.17 10.95 -0.08
C LEU B 19 3.50 12.19 -0.73
N SER B 20 4.21 12.88 -1.62
CA SER B 20 3.71 14.07 -2.34
C SER B 20 2.51 13.76 -3.27
N ARG B 21 2.42 12.54 -3.84
CA ARG B 21 1.22 12.09 -4.59
C ARG B 21 0.13 11.51 -3.69
N LEU B 22 0.48 10.74 -2.65
CA LEU B 22 -0.45 10.04 -1.75
C LEU B 22 -1.36 11.01 -0.97
N SER B 23 -0.84 12.17 -0.56
CA SER B 23 -1.60 13.22 0.14
C SER B 23 -2.79 13.78 -0.66
N ARG B 24 -2.77 13.66 -2.00
CA ARG B 24 -3.78 14.21 -2.91
C ARG B 24 -5.09 13.38 -2.94
N LEU B 25 -5.05 12.11 -2.53
CA LEU B 25 -6.20 11.21 -2.55
C LEU B 25 -7.22 11.51 -1.42
N SER B 26 -8.51 11.34 -1.72
CA SER B 26 -9.62 11.33 -0.77
C SER B 26 -9.65 10.04 0.09
N LYS B 27 -10.46 9.99 1.15
CA LYS B 27 -10.48 8.91 2.16
C LYS B 27 -10.73 7.51 1.55
N ASN B 28 -11.66 7.42 0.60
CA ASN B 28 -11.96 6.18 -0.12
C ASN B 28 -10.86 5.81 -1.13
N GLN B 29 -10.26 6.82 -1.80
CA GLN B 29 -9.22 6.64 -2.82
C GLN B 29 -7.87 6.17 -2.24
N LEU B 30 -7.45 6.75 -1.11
CA LEU B 30 -6.21 6.33 -0.42
C LEU B 30 -6.32 4.88 0.09
N MET B 31 -7.52 4.44 0.52
CA MET B 31 -7.75 3.06 0.94
C MET B 31 -7.81 2.08 -0.23
N ALA B 32 -8.39 2.47 -1.37
CA ALA B 32 -8.35 1.67 -2.60
C ALA B 32 -6.90 1.46 -3.10
N LEU B 33 -6.07 2.52 -3.05
CA LEU B 33 -4.65 2.47 -3.38
C LEU B 33 -3.85 1.58 -2.41
N ALA B 34 -4.02 1.76 -1.11
CA ALA B 34 -3.33 0.96 -0.09
C ALA B 34 -3.74 -0.53 -0.13
N LEU B 35 -5.02 -0.84 -0.36
CA LEU B 35 -5.53 -2.21 -0.53
C LEU B 35 -4.98 -2.87 -1.80
N LYS B 36 -4.89 -2.12 -2.92
CA LYS B 36 -4.22 -2.58 -4.15
C LYS B 36 -2.75 -2.94 -3.91
N LEU B 37 -2.00 -2.06 -3.24
CA LEU B 37 -0.61 -2.31 -2.81
C LEU B 37 -0.49 -3.53 -1.88
N LYS B 38 -1.46 -3.74 -0.99
CA LYS B 38 -1.49 -4.89 -0.07
C LYS B 38 -1.72 -6.21 -0.81
N GLN B 39 -2.79 -6.33 -1.60
CA GLN B 39 -3.10 -7.59 -2.29
C GLN B 39 -2.05 -7.99 -3.33
N GLN B 40 -1.35 -7.01 -3.93
CA GLN B 40 -0.23 -7.25 -4.84
C GLN B 40 0.89 -8.07 -4.22
N GLN B 41 1.27 -7.80 -2.97
CA GLN B 41 2.22 -8.65 -2.22
C GLN B 41 1.57 -9.85 -1.50
N LEU B 42 0.33 -9.73 -1.01
CA LEU B 42 -0.32 -10.72 -0.16
C LEU B 42 -0.95 -11.92 -0.92
N GLU B 43 -1.47 -11.71 -2.13
CA GLU B 43 -2.20 -12.72 -2.91
C GLU B 43 -1.37 -13.40 -4.02
N GLN B 44 -0.19 -12.87 -4.37
CA GLN B 44 0.68 -13.45 -5.41
C GLN B 44 1.28 -14.81 -5.00
N GLY B 45 1.65 -15.62 -6.00
CA GLY B 45 2.31 -16.93 -5.85
C GLY B 45 2.42 -17.71 -7.16
N GLY A 1 -15.52 -15.09 10.63
CA GLY A 1 -14.98 -15.88 9.50
C GLY A 1 -15.81 -17.14 9.24
N PRO A 2 -15.22 -18.22 8.69
CA PRO A 2 -15.92 -19.47 8.39
C PRO A 2 -16.53 -20.16 9.61
N GLY A 3 -17.57 -20.96 9.39
CA GLY A 3 -18.24 -21.79 10.41
C GLY A 3 -17.53 -23.11 10.70
N SER A 4 -18.30 -24.17 10.96
CA SER A 4 -17.85 -25.56 11.21
C SER A 4 -17.40 -26.30 9.91
N MET A 5 -16.89 -25.57 8.91
CA MET A 5 -16.53 -26.04 7.57
C MET A 5 -15.37 -25.22 6.97
N ASN A 6 -14.72 -25.76 5.93
CA ASN A 6 -13.65 -25.08 5.18
C ASN A 6 -14.16 -23.82 4.47
N LYS A 7 -13.25 -22.85 4.25
CA LYS A 7 -13.52 -21.58 3.57
C LYS A 7 -13.96 -21.80 2.10
N PRO A 8 -15.02 -21.12 1.60
CA PRO A 8 -15.37 -21.08 0.18
C PRO A 8 -14.28 -20.43 -0.71
N THR A 9 -14.51 -20.39 -2.02
CA THR A 9 -13.65 -19.68 -3.00
C THR A 9 -13.73 -18.14 -2.88
N SER A 10 -14.71 -17.62 -2.12
CA SER A 10 -14.91 -16.20 -1.80
C SER A 10 -13.87 -15.65 -0.80
N SER A 11 -12.59 -15.74 -1.14
CA SER A 11 -11.45 -15.43 -0.26
C SER A 11 -11.31 -13.95 0.12
N ASP A 12 -11.97 -13.03 -0.60
CA ASP A 12 -11.81 -11.58 -0.49
C ASP A 12 -12.29 -10.93 0.83
N GLY A 13 -12.90 -11.69 1.75
CA GLY A 13 -13.48 -11.17 3.00
C GLY A 13 -12.50 -10.41 3.92
N TRP A 14 -11.19 -10.64 3.79
CA TRP A 14 -10.15 -9.89 4.52
C TRP A 14 -10.06 -8.41 4.13
N LYS A 15 -10.45 -8.06 2.90
CA LYS A 15 -10.32 -6.70 2.33
C LYS A 15 -11.23 -5.68 3.04
N ASP A 16 -12.42 -6.09 3.47
CA ASP A 16 -13.35 -5.24 4.25
C ASP A 16 -12.79 -4.88 5.62
N ASP A 17 -12.13 -5.83 6.29
CA ASP A 17 -11.43 -5.59 7.57
C ASP A 17 -10.17 -4.71 7.38
N TYR A 18 -9.45 -4.88 6.26
CA TYR A 18 -8.29 -4.05 5.95
C TYR A 18 -8.68 -2.60 5.63
N LEU A 19 -9.77 -2.36 4.88
CA LEU A 19 -10.38 -1.03 4.73
C LEU A 19 -10.79 -0.45 6.08
N SER A 20 -11.43 -1.24 6.95
CA SER A 20 -11.85 -0.80 8.29
C SER A 20 -10.67 -0.31 9.13
N ARG A 21 -9.52 -1.00 9.14
CA ARG A 21 -8.33 -0.56 9.87
C ARG A 21 -7.59 0.61 9.21
N LEU A 22 -7.52 0.67 7.88
CA LEU A 22 -6.89 1.78 7.12
C LEU A 22 -7.61 3.12 7.34
N SER A 23 -8.93 3.10 7.47
CA SER A 23 -9.76 4.28 7.76
C SER A 23 -9.39 5.01 9.07
N ARG A 24 -8.81 4.30 10.06
CA ARG A 24 -8.54 4.84 11.42
C ARG A 24 -7.34 5.78 11.47
N LEU A 25 -6.43 5.68 10.51
CA LEU A 25 -5.19 6.47 10.44
C LEU A 25 -5.44 7.94 10.03
N SER A 26 -4.68 8.85 10.64
CA SER A 26 -4.57 10.27 10.26
C SER A 26 -3.73 10.46 8.97
N LYS A 27 -3.75 11.67 8.40
CA LYS A 27 -3.16 12.02 7.09
C LYS A 27 -1.66 11.68 6.97
N ASN A 28 -0.88 11.85 8.03
CA ASN A 28 0.54 11.51 8.08
C ASN A 28 0.79 10.01 8.40
N GLN A 29 -0.12 9.36 9.13
CA GLN A 29 -0.02 7.96 9.53
C GLN A 29 -0.34 7.01 8.35
N LEU A 30 -1.36 7.34 7.53
CA LEU A 30 -1.70 6.55 6.33
C LEU A 30 -0.59 6.60 5.28
N MET A 31 0.17 7.71 5.21
CA MET A 31 1.37 7.83 4.36
C MET A 31 2.47 6.87 4.80
N ALA A 32 2.80 6.83 6.11
CA ALA A 32 3.84 5.95 6.64
C ALA A 32 3.50 4.47 6.41
N LEU A 33 2.23 4.07 6.62
CA LEU A 33 1.74 2.72 6.37
C LEU A 33 1.82 2.34 4.88
N ALA A 34 1.33 3.22 3.99
CA ALA A 34 1.35 2.99 2.54
C ALA A 34 2.77 2.98 1.95
N LEU A 35 3.68 3.80 2.46
CA LEU A 35 5.11 3.81 2.09
C LEU A 35 5.79 2.49 2.49
N LYS A 36 5.50 1.98 3.70
CA LYS A 36 5.97 0.67 4.18
C LYS A 36 5.47 -0.47 3.27
N LEU A 37 4.18 -0.46 2.91
CA LEU A 37 3.61 -1.39 1.93
C LEU A 37 4.28 -1.27 0.55
N LYS A 38 4.60 -0.05 0.08
CA LYS A 38 5.24 0.20 -1.22
C LYS A 38 6.67 -0.33 -1.29
N GLN A 39 7.52 -0.04 -0.30
CA GLN A 39 8.90 -0.55 -0.29
C GLN A 39 8.95 -2.08 -0.17
N GLN A 40 7.99 -2.70 0.54
CA GLN A 40 7.86 -4.15 0.64
C GLN A 40 7.60 -4.83 -0.71
N GLN A 41 6.67 -4.31 -1.52
CA GLN A 41 6.43 -4.83 -2.88
C GLN A 41 7.54 -4.47 -3.89
N LEU A 42 8.34 -3.43 -3.63
CA LEU A 42 9.49 -3.04 -4.47
C LEU A 42 10.71 -3.95 -4.25
N GLU A 43 10.95 -4.41 -3.02
CA GLU A 43 12.00 -5.40 -2.71
C GLU A 43 11.68 -6.81 -3.26
N GLN A 44 10.39 -7.15 -3.40
CA GLN A 44 9.92 -8.37 -4.05
C GLN A 44 9.94 -8.26 -5.59
N GLY A 45 10.10 -9.40 -6.28
CA GLY A 45 10.22 -9.49 -7.75
C GLY A 45 11.60 -9.10 -8.26
N GLY B 1 -8.23 0.41 -16.17
CA GLY B 1 -7.61 1.20 -15.08
C GLY B 1 -6.09 1.29 -15.26
N PRO B 2 -5.43 2.25 -14.56
CA PRO B 2 -3.98 2.49 -14.69
C PRO B 2 -3.08 1.43 -14.01
N GLY B 3 -3.63 0.58 -13.13
CA GLY B 3 -2.86 -0.39 -12.34
C GLY B 3 -2.02 0.27 -11.25
N SER B 4 -0.72 0.02 -11.25
CA SER B 4 0.27 0.60 -10.32
C SER B 4 1.55 1.04 -11.06
N MET B 5 2.25 2.04 -10.52
CA MET B 5 3.49 2.57 -11.09
C MET B 5 4.61 1.51 -11.14
N ASN B 6 5.36 1.47 -12.25
CA ASN B 6 6.51 0.59 -12.46
C ASN B 6 7.67 0.89 -11.49
N LYS B 7 8.44 -0.13 -11.09
CA LYS B 7 9.44 -0.02 -10.01
C LYS B 7 10.60 0.95 -10.34
N PRO B 8 11.00 1.84 -9.41
CA PRO B 8 12.18 2.70 -9.54
C PRO B 8 13.49 1.88 -9.40
N THR B 9 14.62 2.50 -9.74
CA THR B 9 15.97 1.89 -9.63
C THR B 9 17.06 2.95 -9.44
N SER B 10 18.18 2.56 -8.82
CA SER B 10 19.41 3.35 -8.62
C SER B 10 19.26 4.64 -7.78
N SER B 11 18.09 4.89 -7.19
CA SER B 11 17.80 6.05 -6.33
C SER B 11 16.63 5.79 -5.35
N ASP B 12 16.64 6.49 -4.21
CA ASP B 12 15.59 6.43 -3.17
C ASP B 12 14.61 7.62 -3.21
N GLY B 13 14.79 8.56 -4.14
CA GLY B 13 14.01 9.80 -4.24
C GLY B 13 12.52 9.61 -4.56
N TRP B 14 12.12 8.42 -4.99
CA TRP B 14 10.72 8.06 -5.24
C TRP B 14 9.83 8.21 -4.00
N LYS B 15 10.39 8.07 -2.79
CA LYS B 15 9.66 8.14 -1.51
C LYS B 15 9.06 9.52 -1.26
N ASP B 16 9.77 10.59 -1.62
CA ASP B 16 9.30 11.98 -1.47
C ASP B 16 8.15 12.28 -2.45
N ASP B 17 8.26 11.82 -3.70
CA ASP B 17 7.18 11.91 -4.69
C ASP B 17 5.96 11.04 -4.31
N TYR B 18 6.17 9.90 -3.66
CA TYR B 18 5.11 9.01 -3.18
C TYR B 18 4.30 9.64 -2.05
N LEU B 19 4.96 10.23 -1.03
CA LEU B 19 4.27 10.99 0.02
C LEU B 19 3.53 12.22 -0.53
N SER B 20 4.11 12.90 -1.53
CA SER B 20 3.49 14.06 -2.20
C SER B 20 2.19 13.69 -2.94
N ARG B 21 2.20 12.64 -3.78
CA ARG B 21 1.01 12.19 -4.54
C ARG B 21 -0.08 11.59 -3.64
N LEU B 22 0.29 10.89 -2.57
CA LEU B 22 -0.68 10.30 -1.62
C LEU B 22 -1.55 11.35 -0.91
N SER B 23 -0.98 12.53 -0.62
CA SER B 23 -1.71 13.65 -0.01
C SER B 23 -2.89 14.17 -0.86
N ARG B 24 -2.88 13.91 -2.19
CA ARG B 24 -3.92 14.34 -3.14
C ARG B 24 -5.19 13.48 -3.13
N LEU B 25 -5.12 12.23 -2.65
CA LEU B 25 -6.26 11.30 -2.62
C LEU B 25 -7.27 11.64 -1.50
N SER B 26 -8.56 11.44 -1.80
CA SER B 26 -9.65 11.42 -0.83
C SER B 26 -9.63 10.14 0.05
N LYS B 27 -10.40 10.11 1.13
CA LYS B 27 -10.40 9.05 2.16
C LYS B 27 -10.68 7.65 1.61
N ASN B 28 -11.59 7.55 0.63
CA ASN B 28 -11.91 6.30 -0.08
C ASN B 28 -10.83 5.90 -1.11
N GLN B 29 -10.22 6.88 -1.79
CA GLN B 29 -9.18 6.67 -2.80
C GLN B 29 -7.86 6.18 -2.19
N LEU B 30 -7.44 6.74 -1.05
CA LEU B 30 -6.24 6.28 -0.32
C LEU B 30 -6.42 4.87 0.25
N MET B 31 -7.65 4.50 0.63
CA MET B 31 -7.99 3.13 1.03
C MET B 31 -7.89 2.15 -0.13
N ALA B 32 -8.44 2.51 -1.31
CA ALA B 32 -8.30 1.70 -2.52
C ALA B 32 -6.83 1.51 -2.95
N LEU B 33 -6.02 2.56 -2.87
CA LEU B 33 -4.59 2.52 -3.19
C LEU B 33 -3.81 1.61 -2.24
N ALA B 34 -3.97 1.79 -0.92
CA ALA B 34 -3.29 0.95 0.07
C ALA B 34 -3.74 -0.53 0.00
N LEU B 35 -5.03 -0.79 -0.27
CA LEU B 35 -5.57 -2.14 -0.48
C LEU B 35 -5.00 -2.80 -1.74
N LYS B 36 -4.91 -2.06 -2.86
CA LYS B 36 -4.27 -2.50 -4.12
C LYS B 36 -2.81 -2.93 -3.88
N LEU B 37 -2.04 -2.13 -3.14
CA LEU B 37 -0.69 -2.49 -2.72
C LEU B 37 -0.67 -3.74 -1.83
N LYS B 38 -1.61 -3.86 -0.89
CA LYS B 38 -1.68 -5.00 0.05
C LYS B 38 -1.94 -6.31 -0.67
N GLN B 39 -2.94 -6.38 -1.55
CA GLN B 39 -3.24 -7.60 -2.30
C GLN B 39 -2.11 -7.98 -3.27
N GLN B 40 -1.38 -6.99 -3.82
CA GLN B 40 -0.18 -7.25 -4.63
C GLN B 40 0.95 -7.92 -3.81
N GLN B 41 1.32 -7.40 -2.64
CA GLN B 41 2.35 -8.04 -1.81
C GLN B 41 1.93 -9.42 -1.25
N LEU B 42 0.62 -9.65 -1.03
CA LEU B 42 0.07 -10.96 -0.64
C LEU B 42 0.16 -11.99 -1.79
N GLU B 43 -0.06 -11.58 -3.04
CA GLU B 43 0.14 -12.44 -4.22
C GLU B 43 1.63 -12.72 -4.52
N GLN B 44 2.53 -11.79 -4.18
CA GLN B 44 3.98 -11.95 -4.34
C GLN B 44 4.62 -12.94 -3.34
N GLY B 45 3.95 -13.29 -2.23
CA GLY B 45 4.45 -14.20 -1.20
C GLY B 45 3.38 -14.62 -0.17
N GLY A 1 -4.50 -42.46 5.14
CA GLY A 1 -5.19 -41.17 4.84
C GLY A 1 -4.18 -40.03 4.67
N PRO A 2 -4.58 -38.93 4.01
CA PRO A 2 -3.73 -37.74 3.79
C PRO A 2 -3.39 -37.00 5.09
N GLY A 3 -2.20 -36.40 5.14
CA GLY A 3 -1.70 -35.63 6.30
C GLY A 3 -2.16 -34.15 6.35
N SER A 4 -2.78 -33.65 5.28
CA SER A 4 -3.20 -32.25 5.15
C SER A 4 -4.36 -31.90 6.11
N MET A 5 -4.24 -30.77 6.82
CA MET A 5 -5.25 -30.25 7.76
C MET A 5 -6.33 -29.40 7.07
N ASN A 6 -7.47 -29.24 7.73
CA ASN A 6 -8.55 -28.31 7.35
C ASN A 6 -8.18 -26.85 7.71
N LYS A 7 -7.15 -26.30 7.04
CA LYS A 7 -6.51 -25.01 7.36
C LYS A 7 -7.50 -23.82 7.24
N PRO A 8 -7.66 -22.99 8.29
CA PRO A 8 -8.63 -21.87 8.31
C PRO A 8 -8.07 -20.59 7.64
N THR A 9 -7.88 -20.63 6.31
CA THR A 9 -7.33 -19.52 5.50
C THR A 9 -8.12 -19.28 4.20
N SER A 10 -8.11 -18.02 3.74
CA SER A 10 -8.81 -17.56 2.53
C SER A 10 -8.16 -16.31 1.92
N SER A 11 -8.27 -16.14 0.59
CA SER A 11 -7.85 -14.95 -0.16
C SER A 11 -8.82 -13.76 -0.02
N ASP A 12 -10.00 -13.95 0.58
CA ASP A 12 -11.06 -12.95 0.79
C ASP A 12 -11.40 -12.77 2.29
N GLY A 13 -12.32 -11.84 2.59
CA GLY A 13 -12.85 -11.56 3.95
C GLY A 13 -11.99 -10.59 4.77
N TRP A 14 -10.65 -10.72 4.68
CA TRP A 14 -9.68 -9.82 5.31
C TRP A 14 -9.75 -8.37 4.77
N LYS A 15 -10.21 -8.20 3.52
CA LYS A 15 -10.20 -6.93 2.76
C LYS A 15 -11.09 -5.85 3.40
N ASP A 16 -12.28 -6.22 3.84
CA ASP A 16 -13.23 -5.30 4.51
C ASP A 16 -12.70 -4.81 5.87
N ASP A 17 -12.04 -5.70 6.63
CA ASP A 17 -11.34 -5.35 7.88
C ASP A 17 -10.10 -4.48 7.62
N TYR A 18 -9.40 -4.68 6.50
CA TYR A 18 -8.27 -3.84 6.11
C TYR A 18 -8.71 -2.41 5.74
N LEU A 19 -9.80 -2.26 4.99
CA LEU A 19 -10.44 -0.95 4.77
C LEU A 19 -10.87 -0.30 6.11
N SER A 20 -11.51 -1.06 7.00
CA SER A 20 -11.97 -0.56 8.30
C SER A 20 -10.82 0.00 9.16
N ARG A 21 -9.68 -0.69 9.24
CA ARG A 21 -8.51 -0.24 10.02
C ARG A 21 -7.74 0.92 9.35
N LEU A 22 -7.64 0.93 8.01
CA LEU A 22 -7.01 2.02 7.25
C LEU A 22 -7.74 3.37 7.41
N SER A 23 -9.08 3.33 7.46
CA SER A 23 -9.94 4.50 7.70
C SER A 23 -9.66 5.25 9.02
N ARG A 24 -9.01 4.61 10.00
CA ARG A 24 -8.75 5.18 11.35
C ARG A 24 -7.54 6.12 11.41
N LEU A 25 -6.61 5.98 10.46
CA LEU A 25 -5.33 6.73 10.43
C LEU A 25 -5.50 8.21 10.06
N SER A 26 -4.67 9.06 10.68
CA SER A 26 -4.43 10.46 10.31
C SER A 26 -3.60 10.56 9.01
N LYS A 27 -3.54 11.76 8.41
CA LYS A 27 -2.88 12.03 7.10
C LYS A 27 -1.42 11.59 7.04
N ASN A 28 -0.67 11.81 8.12
CA ASN A 28 0.75 11.45 8.23
C ASN A 28 0.95 9.94 8.56
N GLN A 29 -0.01 9.31 9.23
CA GLN A 29 0.02 7.88 9.59
C GLN A 29 -0.31 6.98 8.39
N LEU A 30 -1.30 7.36 7.56
CA LEU A 30 -1.65 6.62 6.33
C LEU A 30 -0.54 6.72 5.26
N MET A 31 0.26 7.80 5.28
CA MET A 31 1.47 7.91 4.46
C MET A 31 2.52 6.87 4.85
N ALA A 32 2.81 6.73 6.15
CA ALA A 32 3.77 5.75 6.66
C ALA A 32 3.33 4.30 6.33
N LEU A 33 2.03 4.01 6.47
CA LEU A 33 1.42 2.72 6.10
C LEU A 33 1.59 2.42 4.59
N ALA A 34 1.16 3.34 3.72
CA ALA A 34 1.23 3.15 2.27
C ALA A 34 2.68 3.10 1.75
N LEU A 35 3.61 3.87 2.30
CA LEU A 35 5.04 3.83 1.96
C LEU A 35 5.68 2.49 2.37
N LYS A 36 5.35 1.98 3.56
CA LYS A 36 5.78 0.64 4.04
C LYS A 36 5.27 -0.50 3.14
N LEU A 37 4.07 -0.38 2.59
CA LEU A 37 3.54 -1.29 1.55
C LEU A 37 4.25 -1.10 0.20
N LYS A 38 4.52 0.13 -0.22
CA LYS A 38 5.13 0.46 -1.52
C LYS A 38 6.55 -0.09 -1.66
N GLN A 39 7.39 0.06 -0.63
CA GLN A 39 8.77 -0.47 -0.64
C GLN A 39 8.81 -2.00 -0.70
N GLN A 40 7.87 -2.70 -0.05
CA GLN A 40 7.82 -4.18 -0.03
C GLN A 40 7.54 -4.76 -1.43
N GLN A 41 6.54 -4.24 -2.16
CA GLN A 41 6.26 -4.71 -3.53
C GLN A 41 7.39 -4.38 -4.52
N LEU A 42 8.16 -3.30 -4.30
CA LEU A 42 9.34 -2.95 -5.10
C LEU A 42 10.54 -3.87 -4.84
N GLU A 43 10.78 -4.28 -3.60
CA GLU A 43 11.83 -5.26 -3.27
C GLU A 43 11.48 -6.69 -3.75
N GLN A 44 10.19 -7.03 -3.80
CA GLN A 44 9.71 -8.29 -4.41
C GLN A 44 9.82 -8.31 -5.95
N GLY A 45 9.59 -7.16 -6.63
CA GLY A 45 9.59 -7.01 -8.09
C GLY A 45 10.94 -6.60 -8.68
N GLY B 1 32.81 6.21 0.85
CA GLY B 1 32.29 7.27 -0.04
C GLY B 1 31.21 6.74 -0.98
N PRO B 2 31.02 7.33 -2.17
CA PRO B 2 30.02 6.90 -3.15
C PRO B 2 30.32 5.48 -3.68
N GLY B 3 29.31 4.61 -3.68
CA GLY B 3 29.38 3.23 -4.17
C GLY B 3 30.13 2.24 -3.26
N SER B 4 30.65 2.67 -2.11
CA SER B 4 31.38 1.81 -1.15
C SER B 4 30.46 0.86 -0.36
N MET B 5 29.23 1.29 -0.06
CA MET B 5 28.24 0.51 0.71
C MET B 5 27.48 -0.50 -0.16
N ASN B 6 27.13 -1.66 0.41
CA ASN B 6 26.35 -2.71 -0.25
C ASN B 6 24.89 -2.28 -0.56
N LYS B 7 24.31 -2.84 -1.63
CA LYS B 7 22.92 -2.65 -2.09
C LYS B 7 22.51 -1.17 -2.25
N PRO B 8 23.06 -0.43 -3.24
CA PRO B 8 22.72 0.98 -3.47
C PRO B 8 21.25 1.21 -3.89
N THR B 9 20.52 0.16 -4.31
CA THR B 9 19.08 0.21 -4.62
C THR B 9 18.19 0.49 -3.40
N SER B 10 18.73 0.38 -2.18
CA SER B 10 18.04 0.73 -0.93
C SER B 10 17.93 2.24 -0.65
N SER B 11 18.51 3.11 -1.50
CA SER B 11 18.57 4.56 -1.30
C SER B 11 17.19 5.25 -1.20
N ASP B 12 17.16 6.36 -0.46
CA ASP B 12 16.00 7.25 -0.29
C ASP B 12 15.81 8.23 -1.48
N GLY B 13 14.97 9.25 -1.30
CA GLY B 13 14.73 10.36 -2.24
C GLY B 13 13.45 10.20 -3.07
N TRP B 14 13.18 8.97 -3.54
CA TRP B 14 11.92 8.62 -4.20
C TRP B 14 10.71 8.70 -3.25
N LYS B 15 10.95 8.49 -1.95
CA LYS B 15 9.94 8.44 -0.87
C LYS B 15 9.22 9.77 -0.70
N ASP B 16 9.94 10.89 -0.80
CA ASP B 16 9.37 12.24 -0.68
C ASP B 16 8.38 12.55 -1.82
N ASP B 17 8.71 12.13 -3.05
CA ASP B 17 7.83 12.26 -4.22
C ASP B 17 6.62 11.30 -4.19
N TYR B 18 6.69 10.23 -3.38
CA TYR B 18 5.54 9.37 -3.11
C TYR B 18 4.61 10.01 -2.06
N LEU B 19 5.14 10.49 -0.93
CA LEU B 19 4.36 11.14 0.13
C LEU B 19 3.63 12.41 -0.34
N SER B 20 4.26 13.22 -1.21
CA SER B 20 3.65 14.43 -1.77
C SER B 20 2.42 14.15 -2.64
N ARG B 21 2.40 13.01 -3.35
CA ARG B 21 1.29 12.56 -4.21
C ARG B 21 0.20 11.80 -3.46
N LEU B 22 0.57 11.13 -2.35
CA LEU B 22 -0.37 10.41 -1.47
C LEU B 22 -1.32 11.36 -0.71
N SER B 23 -0.88 12.58 -0.39
CA SER B 23 -1.70 13.60 0.27
C SER B 23 -2.90 14.08 -0.58
N ARG B 24 -2.87 13.86 -1.91
CA ARG B 24 -3.85 14.38 -2.87
C ARG B 24 -5.15 13.57 -2.93
N LEU B 25 -5.10 12.30 -2.52
CA LEU B 25 -6.23 11.38 -2.53
C LEU B 25 -7.28 11.67 -1.45
N SER B 26 -8.55 11.42 -1.76
CA SER B 26 -9.64 11.26 -0.79
C SER B 26 -9.48 9.95 0.01
N LYS B 27 -10.14 9.83 1.17
CA LYS B 27 -9.98 8.67 2.07
C LYS B 27 -10.39 7.34 1.43
N ASN B 28 -11.44 7.35 0.62
CA ASN B 28 -11.87 6.20 -0.17
C ASN B 28 -10.82 5.78 -1.24
N GLN B 29 -10.14 6.76 -1.85
CA GLN B 29 -9.13 6.54 -2.89
C GLN B 29 -7.82 6.00 -2.31
N LEU B 30 -7.31 6.57 -1.21
CA LEU B 30 -6.11 6.05 -0.52
C LEU B 30 -6.36 4.65 0.08
N MET B 31 -7.59 4.36 0.54
CA MET B 31 -7.96 3.01 0.99
C MET B 31 -7.93 1.99 -0.16
N ALA B 32 -8.49 2.33 -1.33
CA ALA B 32 -8.44 1.48 -2.52
C ALA B 32 -6.99 1.25 -3.00
N LEU B 33 -6.15 2.30 -2.99
CA LEU B 33 -4.73 2.21 -3.33
C LEU B 33 -3.95 1.30 -2.37
N ALA B 34 -4.10 1.50 -1.06
CA ALA B 34 -3.42 0.69 -0.05
C ALA B 34 -3.89 -0.78 -0.07
N LEU B 35 -5.18 -1.05 -0.30
CA LEU B 35 -5.71 -2.41 -0.50
C LEU B 35 -5.10 -3.05 -1.75
N LYS B 36 -5.02 -2.32 -2.86
CA LYS B 36 -4.41 -2.79 -4.13
C LYS B 36 -2.92 -3.11 -3.97
N LEU B 37 -2.17 -2.32 -3.21
CA LEU B 37 -0.78 -2.61 -2.82
C LEU B 37 -0.68 -3.86 -1.92
N LYS B 38 -1.59 -4.00 -0.94
CA LYS B 38 -1.61 -5.10 0.02
C LYS B 38 -1.88 -6.46 -0.64
N GLN B 39 -2.92 -6.56 -1.48
CA GLN B 39 -3.26 -7.82 -2.17
C GLN B 39 -2.13 -8.27 -3.12
N GLN B 40 -1.43 -7.32 -3.78
CA GLN B 40 -0.30 -7.64 -4.65
C GLN B 40 0.87 -8.27 -3.88
N GLN B 41 1.31 -7.65 -2.76
CA GLN B 41 2.44 -8.19 -1.98
C GLN B 41 2.12 -9.43 -1.14
N LEU B 42 0.83 -9.73 -0.89
CA LEU B 42 0.35 -11.00 -0.33
C LEU B 42 0.29 -12.12 -1.39
N GLU B 43 -0.05 -11.82 -2.65
CA GLU B 43 -0.06 -12.78 -3.77
C GLU B 43 1.36 -13.11 -4.28
N GLN B 44 2.26 -12.13 -4.32
CA GLN B 44 3.67 -12.31 -4.66
C GLN B 44 4.45 -13.08 -3.58
N GLY B 45 5.41 -13.91 -4.00
CA GLY B 45 6.26 -14.75 -3.15
C GLY B 45 6.89 -15.93 -3.88
N GLY A 1 -20.82 -2.35 11.86
CA GLY A 1 -20.02 -1.37 12.61
C GLY A 1 -18.69 -1.94 13.10
N PRO A 2 -17.84 -1.13 13.73
CA PRO A 2 -16.56 -1.56 14.28
C PRO A 2 -16.71 -2.54 15.46
N GLY A 3 -15.66 -3.33 15.72
CA GLY A 3 -15.59 -4.33 16.79
C GLY A 3 -14.25 -5.07 16.81
N SER A 4 -14.25 -6.30 17.33
CA SER A 4 -13.07 -7.19 17.32
C SER A 4 -12.62 -7.56 15.89
N MET A 5 -11.31 -7.70 15.70
CA MET A 5 -10.72 -8.25 14.46
C MET A 5 -10.89 -9.78 14.33
N ASN A 6 -11.35 -10.46 15.40
CA ASN A 6 -11.60 -11.91 15.50
C ASN A 6 -10.33 -12.78 15.27
N LYS A 7 -10.51 -14.11 15.23
CA LYS A 7 -9.45 -15.11 15.01
C LYS A 7 -8.83 -15.00 13.60
N PRO A 8 -7.57 -15.47 13.38
CA PRO A 8 -6.90 -15.42 12.08
C PRO A 8 -7.59 -16.18 10.93
N THR A 9 -8.48 -17.14 11.25
CA THR A 9 -9.31 -17.86 10.27
C THR A 9 -10.50 -16.99 9.84
N SER A 10 -10.27 -16.11 8.86
CA SER A 10 -11.25 -15.11 8.36
C SER A 10 -11.42 -15.10 6.82
N SER A 11 -10.70 -15.99 6.10
CA SER A 11 -10.75 -16.15 4.64
C SER A 11 -10.45 -14.84 3.86
N ASP A 12 -10.97 -14.69 2.64
CA ASP A 12 -10.80 -13.51 1.78
C ASP A 12 -11.48 -12.22 2.31
N GLY A 13 -12.25 -12.31 3.40
CA GLY A 13 -12.93 -11.18 4.07
C GLY A 13 -12.01 -10.19 4.79
N TRP A 14 -10.70 -10.45 4.87
CA TRP A 14 -9.70 -9.57 5.49
C TRP A 14 -9.70 -8.15 4.93
N LYS A 15 -10.10 -7.97 3.66
CA LYS A 15 -10.14 -6.67 2.95
C LYS A 15 -11.11 -5.68 3.58
N ASP A 16 -12.26 -6.15 4.08
CA ASP A 16 -13.25 -5.30 4.76
C ASP A 16 -12.74 -4.80 6.12
N ASP A 17 -12.02 -5.64 6.86
CA ASP A 17 -11.34 -5.25 8.11
C ASP A 17 -10.16 -4.30 7.83
N TYR A 18 -9.45 -4.49 6.71
CA TYR A 18 -8.34 -3.63 6.29
C TYR A 18 -8.84 -2.22 5.95
N LEU A 19 -9.91 -2.09 5.16
CA LEU A 19 -10.56 -0.80 4.91
C LEU A 19 -11.14 -0.18 6.18
N SER A 20 -11.70 -0.98 7.10
CA SER A 20 -12.18 -0.46 8.39
C SER A 20 -11.05 0.16 9.22
N ARG A 21 -9.90 -0.51 9.36
CA ARG A 21 -8.76 -0.03 10.18
C ARG A 21 -7.96 1.10 9.52
N LEU A 22 -7.75 1.05 8.19
CA LEU A 22 -7.04 2.10 7.43
C LEU A 22 -7.72 3.48 7.59
N SER A 23 -9.06 3.52 7.65
CA SER A 23 -9.83 4.76 7.84
C SER A 23 -9.57 5.46 9.19
N ARG A 24 -9.07 4.75 10.21
CA ARG A 24 -8.86 5.29 11.58
C ARG A 24 -7.54 6.07 11.72
N LEU A 25 -6.58 5.80 10.85
CA LEU A 25 -5.27 6.46 10.79
C LEU A 25 -5.36 7.92 10.29
N SER A 26 -4.53 8.80 10.87
CA SER A 26 -4.37 10.20 10.44
C SER A 26 -3.64 10.32 9.09
N LYS A 27 -3.69 11.51 8.46
CA LYS A 27 -3.15 11.78 7.11
C LYS A 27 -1.65 11.46 6.98
N ASN A 28 -0.87 11.66 8.03
CA ASN A 28 0.57 11.32 8.09
C ASN A 28 0.85 9.84 8.43
N GLN A 29 -0.10 9.14 9.05
CA GLN A 29 0.02 7.73 9.44
C GLN A 29 -0.35 6.78 8.29
N LEU A 30 -1.44 7.07 7.55
CA LEU A 30 -1.80 6.34 6.32
C LEU A 30 -0.71 6.45 5.23
N MET A 31 0.07 7.54 5.23
CA MET A 31 1.26 7.69 4.38
C MET A 31 2.35 6.67 4.72
N ALA A 32 2.71 6.53 5.99
CA ALA A 32 3.73 5.56 6.43
C ALA A 32 3.30 4.11 6.13
N LEU A 33 2.01 3.79 6.31
CA LEU A 33 1.43 2.48 5.98
C LEU A 33 1.58 2.15 4.48
N ALA A 34 1.10 3.05 3.60
CA ALA A 34 1.15 2.84 2.16
C ALA A 34 2.60 2.84 1.60
N LEU A 35 3.48 3.71 2.12
CA LEU A 35 4.90 3.76 1.74
C LEU A 35 5.65 2.47 2.15
N LYS A 36 5.40 1.96 3.36
CA LYS A 36 5.94 0.68 3.85
C LYS A 36 5.52 -0.50 2.96
N LEU A 37 4.25 -0.57 2.58
CA LEU A 37 3.74 -1.55 1.62
C LEU A 37 4.41 -1.41 0.24
N LYS A 38 4.63 -0.17 -0.25
CA LYS A 38 5.21 0.07 -1.57
C LYS A 38 6.68 -0.35 -1.64
N GLN A 39 7.51 0.01 -0.65
CA GLN A 39 8.92 -0.40 -0.64
C GLN A 39 9.09 -1.93 -0.52
N GLN A 40 8.19 -2.61 0.19
CA GLN A 40 8.18 -4.07 0.34
C GLN A 40 7.97 -4.79 -1.01
N GLN A 41 7.01 -4.34 -1.83
CA GLN A 41 6.79 -4.92 -3.17
C GLN A 41 7.88 -4.53 -4.19
N LEU A 42 8.50 -3.35 -4.07
CA LEU A 42 9.56 -2.90 -4.98
C LEU A 42 10.86 -3.71 -4.84
N GLU A 43 11.18 -4.20 -3.64
CA GLU A 43 12.38 -5.01 -3.37
C GLU A 43 12.31 -6.46 -3.89
N GLN A 44 11.13 -6.95 -4.30
CA GLN A 44 10.95 -8.32 -4.81
C GLN A 44 11.66 -8.58 -6.15
N GLY A 45 12.13 -9.82 -6.36
CA GLY A 45 12.83 -10.28 -7.58
C GLY A 45 11.93 -10.40 -8.80
N GLY B 1 0.68 -15.01 -8.23
CA GLY B 1 -0.31 -14.15 -8.92
C GLY B 1 0.34 -12.87 -9.45
N PRO B 2 -0.15 -12.33 -10.59
CA PRO B 2 0.38 -11.11 -11.21
C PRO B 2 0.05 -9.84 -10.41
N GLY B 3 0.72 -8.73 -10.79
CA GLY B 3 0.52 -7.38 -10.23
C GLY B 3 1.78 -6.80 -9.57
N SER B 4 2.62 -6.14 -10.37
CA SER B 4 3.84 -5.45 -9.94
C SER B 4 4.12 -4.23 -10.83
N MET B 5 4.59 -3.12 -10.24
CA MET B 5 5.11 -1.95 -10.95
C MET B 5 6.10 -1.17 -10.06
N ASN B 6 7.34 -1.00 -10.54
CA ASN B 6 8.41 -0.28 -9.85
C ASN B 6 8.60 1.14 -10.42
N LYS B 7 8.46 2.16 -9.58
CA LYS B 7 9.02 3.52 -9.80
C LYS B 7 10.53 3.54 -9.50
N PRO B 8 11.32 4.46 -10.09
CA PRO B 8 12.73 4.62 -9.75
C PRO B 8 12.93 5.07 -8.29
N THR B 9 14.04 4.65 -7.67
CA THR B 9 14.32 4.82 -6.22
C THR B 9 15.63 5.58 -5.94
N SER B 10 16.10 6.39 -6.89
CA SER B 10 17.41 7.07 -6.86
C SER B 10 17.63 7.94 -5.60
N SER B 11 18.81 7.83 -5.01
CA SER B 11 19.28 8.55 -3.81
C SER B 11 18.38 8.43 -2.57
N ASP B 12 17.50 7.41 -2.52
CA ASP B 12 16.43 7.19 -1.52
C ASP B 12 15.41 8.33 -1.39
N GLY B 13 15.43 9.33 -2.29
CA GLY B 13 14.60 10.55 -2.22
C GLY B 13 13.18 10.36 -2.77
N TRP B 14 12.90 9.26 -3.46
CA TRP B 14 11.62 8.95 -4.11
C TRP B 14 10.41 8.96 -3.15
N LYS B 15 10.63 8.61 -1.88
CA LYS B 15 9.59 8.56 -0.84
C LYS B 15 8.99 9.93 -0.52
N ASP B 16 9.76 11.01 -0.63
CA ASP B 16 9.26 12.38 -0.43
C ASP B 16 8.26 12.78 -1.53
N ASP B 17 8.51 12.32 -2.76
CA ASP B 17 7.59 12.50 -3.89
C ASP B 17 6.36 11.58 -3.77
N TYR B 18 6.52 10.37 -3.22
CA TYR B 18 5.42 9.44 -2.97
C TYR B 18 4.46 9.98 -1.89
N LEU B 19 4.98 10.50 -0.77
CA LEU B 19 4.19 11.18 0.26
C LEU B 19 3.50 12.46 -0.28
N SER B 20 4.17 13.19 -1.18
CA SER B 20 3.60 14.37 -1.85
C SER B 20 2.42 14.03 -2.79
N ARG B 21 2.36 12.82 -3.37
CA ARG B 21 1.20 12.33 -4.14
C ARG B 21 0.10 11.77 -3.24
N LEU B 22 0.46 11.02 -2.18
CA LEU B 22 -0.48 10.32 -1.29
C LEU B 22 -1.42 11.27 -0.52
N SER B 23 -0.98 12.50 -0.21
CA SER B 23 -1.82 13.55 0.39
C SER B 23 -3.02 13.95 -0.50
N ARG B 24 -2.90 13.83 -1.83
CA ARG B 24 -3.89 14.34 -2.80
C ARG B 24 -5.14 13.47 -2.94
N LEU B 25 -5.07 12.19 -2.58
CA LEU B 25 -6.20 11.26 -2.67
C LEU B 25 -7.28 11.55 -1.61
N SER B 26 -8.55 11.35 -1.99
CA SER B 26 -9.70 11.29 -1.09
C SER B 26 -9.67 10.05 -0.17
N LYS B 27 -10.50 10.03 0.88
CA LYS B 27 -10.53 8.98 1.92
C LYS B 27 -10.79 7.57 1.36
N ASN B 28 -11.68 7.44 0.38
CA ASN B 28 -11.92 6.18 -0.34
C ASN B 28 -10.76 5.80 -1.26
N GLN B 29 -10.18 6.77 -1.98
CA GLN B 29 -9.12 6.58 -2.97
C GLN B 29 -7.79 6.12 -2.33
N LEU B 30 -7.39 6.70 -1.19
CA LEU B 30 -6.18 6.29 -0.46
C LEU B 30 -6.30 4.86 0.10
N MET B 31 -7.51 4.39 0.42
CA MET B 31 -7.74 3.02 0.85
C MET B 31 -7.75 2.04 -0.31
N ALA B 32 -8.32 2.42 -1.47
CA ALA B 32 -8.23 1.62 -2.70
C ALA B 32 -6.76 1.45 -3.15
N LEU B 33 -5.95 2.51 -3.04
CA LEU B 33 -4.50 2.49 -3.27
C LEU B 33 -3.80 1.51 -2.33
N ALA B 34 -3.96 1.70 -1.00
CA ALA B 34 -3.26 0.89 0.00
C ALA B 34 -3.68 -0.60 -0.04
N LEU B 35 -4.98 -0.89 -0.25
CA LEU B 35 -5.52 -2.25 -0.41
C LEU B 35 -4.95 -2.93 -1.67
N LYS B 36 -4.90 -2.24 -2.81
CA LYS B 36 -4.29 -2.74 -4.06
C LYS B 36 -2.82 -3.15 -3.84
N LEU B 37 -2.03 -2.28 -3.21
CA LEU B 37 -0.64 -2.58 -2.80
C LEU B 37 -0.56 -3.79 -1.87
N LYS B 38 -1.51 -3.95 -0.93
CA LYS B 38 -1.53 -5.08 0.02
C LYS B 38 -1.80 -6.42 -0.66
N GLN B 39 -2.85 -6.51 -1.47
CA GLN B 39 -3.15 -7.76 -2.21
C GLN B 39 -2.05 -8.12 -3.22
N GLN B 40 -1.37 -7.13 -3.81
CA GLN B 40 -0.20 -7.35 -4.68
C GLN B 40 0.96 -8.03 -3.93
N GLN B 41 1.41 -7.52 -2.77
CA GLN B 41 2.49 -8.16 -2.00
C GLN B 41 2.12 -9.54 -1.43
N LEU B 42 0.83 -9.80 -1.19
CA LEU B 42 0.30 -11.13 -0.82
C LEU B 42 0.32 -12.14 -2.00
N GLU B 43 0.07 -11.67 -3.23
CA GLU B 43 0.06 -12.51 -4.46
C GLU B 43 1.43 -12.70 -5.12
N GLN B 44 2.39 -11.77 -4.94
CA GLN B 44 3.74 -11.85 -5.50
C GLN B 44 4.54 -13.06 -5.00
N GLY B 45 5.38 -13.64 -5.88
CA GLY B 45 6.24 -14.81 -5.61
C GLY B 45 7.06 -15.25 -6.83
N GLY A 1 -18.44 -34.32 0.41
CA GLY A 1 -18.56 -34.30 -1.06
C GLY A 1 -17.47 -35.15 -1.71
N PRO A 2 -16.51 -34.56 -2.44
CA PRO A 2 -15.41 -35.27 -3.10
C PRO A 2 -14.40 -35.88 -2.10
N GLY A 3 -13.59 -36.84 -2.58
CA GLY A 3 -12.56 -37.54 -1.79
C GLY A 3 -11.29 -36.73 -1.49
N SER A 4 -11.20 -35.48 -1.96
CA SER A 4 -10.09 -34.55 -1.74
C SER A 4 -10.59 -33.10 -1.69
N MET A 5 -9.95 -32.24 -0.91
CA MET A 5 -10.31 -30.82 -0.74
C MET A 5 -9.93 -29.94 -1.96
N ASN A 6 -9.07 -30.43 -2.85
CA ASN A 6 -8.49 -29.68 -3.98
C ASN A 6 -7.74 -28.39 -3.55
N LYS A 7 -7.40 -27.51 -4.51
CA LYS A 7 -6.73 -26.22 -4.24
C LYS A 7 -7.65 -25.25 -3.48
N PRO A 8 -7.12 -24.40 -2.58
CA PRO A 8 -7.90 -23.44 -1.81
C PRO A 8 -8.50 -22.32 -2.70
N THR A 9 -9.70 -21.86 -2.32
CA THR A 9 -10.45 -20.80 -3.03
C THR A 9 -11.48 -20.11 -2.10
N SER A 10 -11.88 -18.88 -2.42
CA SER A 10 -12.86 -18.05 -1.68
C SER A 10 -12.47 -17.77 -0.20
N SER A 11 -13.37 -17.14 0.56
CA SER A 11 -13.17 -16.72 1.97
C SER A 11 -11.98 -15.76 2.20
N ASP A 12 -11.61 -14.99 1.17
CA ASP A 12 -10.54 -13.98 1.16
C ASP A 12 -10.97 -12.61 1.74
N GLY A 13 -11.92 -12.62 2.69
CA GLY A 13 -12.62 -11.45 3.24
C GLY A 13 -11.82 -10.51 4.16
N TRP A 14 -10.51 -10.72 4.31
CA TRP A 14 -9.61 -9.88 5.11
C TRP A 14 -9.62 -8.40 4.67
N LYS A 15 -9.98 -8.14 3.41
CA LYS A 15 -9.98 -6.83 2.74
C LYS A 15 -10.94 -5.83 3.39
N ASP A 16 -12.11 -6.29 3.86
CA ASP A 16 -13.11 -5.48 4.55
C ASP A 16 -12.58 -4.96 5.90
N ASP A 17 -11.91 -5.83 6.67
CA ASP A 17 -11.24 -5.46 7.92
C ASP A 17 -10.02 -4.55 7.68
N TYR A 18 -9.31 -4.73 6.54
CA TYR A 18 -8.20 -3.86 6.17
C TYR A 18 -8.67 -2.45 5.82
N LEU A 19 -9.75 -2.29 5.05
CA LEU A 19 -10.40 -0.98 4.84
C LEU A 19 -10.88 -0.38 6.16
N SER A 20 -11.47 -1.18 7.06
CA SER A 20 -11.92 -0.72 8.38
C SER A 20 -10.77 -0.12 9.20
N ARG A 21 -9.59 -0.77 9.27
CA ARG A 21 -8.43 -0.23 10.01
C ARG A 21 -7.72 0.94 9.31
N LEU A 22 -7.65 0.95 7.97
CA LEU A 22 -7.04 2.04 7.20
C LEU A 22 -7.81 3.36 7.34
N SER A 23 -9.15 3.32 7.44
CA SER A 23 -9.99 4.50 7.64
C SER A 23 -9.72 5.28 8.95
N ARG A 24 -9.08 4.66 9.96
CA ARG A 24 -8.86 5.26 11.29
C ARG A 24 -7.70 6.27 11.34
N LEU A 25 -6.77 6.18 10.39
CA LEU A 25 -5.52 6.95 10.38
C LEU A 25 -5.71 8.42 9.95
N SER A 26 -4.87 9.30 10.52
CA SER A 26 -4.58 10.65 9.98
C SER A 26 -3.68 10.57 8.73
N LYS A 27 -3.60 11.65 7.95
CA LYS A 27 -2.87 11.64 6.66
C LYS A 27 -1.37 11.38 6.79
N ASN A 28 -0.72 11.79 7.87
CA ASN A 28 0.69 11.46 8.15
C ASN A 28 0.90 9.96 8.47
N GLN A 29 -0.10 9.32 9.09
CA GLN A 29 -0.03 7.91 9.52
C GLN A 29 -0.32 6.93 8.37
N LEU A 30 -1.33 7.22 7.54
CA LEU A 30 -1.63 6.41 6.34
C LEU A 30 -0.54 6.53 5.27
N MET A 31 0.19 7.66 5.23
CA MET A 31 1.40 7.80 4.40
C MET A 31 2.47 6.79 4.80
N ALA A 32 2.80 6.71 6.09
CA ALA A 32 3.81 5.78 6.59
C ALA A 32 3.44 4.31 6.31
N LEU A 33 2.15 3.96 6.46
CA LEU A 33 1.60 2.65 6.12
C LEU A 33 1.72 2.32 4.62
N ALA A 34 1.20 3.19 3.75
CA ALA A 34 1.22 2.99 2.30
C ALA A 34 2.65 2.97 1.73
N LEU A 35 3.56 3.79 2.27
CA LEU A 35 4.97 3.82 1.89
C LEU A 35 5.70 2.51 2.27
N LYS A 36 5.41 1.97 3.48
CA LYS A 36 5.90 0.66 3.92
C LYS A 36 5.46 -0.47 2.97
N LEU A 37 4.17 -0.50 2.62
CA LEU A 37 3.62 -1.45 1.63
C LEU A 37 4.28 -1.28 0.24
N LYS A 38 4.51 -0.04 -0.21
CA LYS A 38 5.13 0.27 -1.51
C LYS A 38 6.58 -0.25 -1.58
N GLN A 39 7.41 0.03 -0.57
CA GLN A 39 8.79 -0.47 -0.57
C GLN A 39 8.87 -2.00 -0.34
N GLN A 40 7.93 -2.60 0.41
CA GLN A 40 7.86 -4.06 0.56
C GLN A 40 7.65 -4.79 -0.77
N GLN A 41 6.70 -4.33 -1.61
CA GLN A 41 6.43 -4.95 -2.91
C GLN A 41 7.53 -4.68 -3.97
N LEU A 42 8.39 -3.66 -3.75
CA LEU A 42 9.60 -3.41 -4.55
C LEU A 42 10.77 -4.31 -4.13
N GLU A 43 10.95 -4.55 -2.82
CA GLU A 43 12.03 -5.42 -2.29
C GLU A 43 11.76 -6.92 -2.51
N GLN A 44 10.52 -7.37 -2.37
CA GLN A 44 10.09 -8.76 -2.60
C GLN A 44 9.97 -9.10 -4.10
N GLY A 45 10.19 -10.38 -4.44
CA GLY A 45 10.12 -10.90 -5.83
C GLY A 45 10.61 -12.34 -5.94
N GLY B 1 17.18 7.38 26.97
CA GLY B 1 16.29 7.68 25.81
C GLY B 1 16.93 7.25 24.48
N PRO B 2 16.13 7.09 23.42
CA PRO B 2 16.59 6.68 22.09
C PRO B 2 17.46 7.76 21.40
N GLY B 3 18.24 7.34 20.41
CA GLY B 3 19.00 8.20 19.50
C GLY B 3 18.17 8.81 18.35
N SER B 4 18.84 9.19 17.26
CA SER B 4 18.21 9.69 16.03
C SER B 4 17.31 8.63 15.36
N MET B 5 16.25 9.07 14.67
CA MET B 5 15.22 8.20 14.09
C MET B 5 15.78 7.28 12.98
N ASN B 6 15.50 5.98 13.08
CA ASN B 6 15.96 4.96 12.13
C ASN B 6 15.19 4.95 10.80
N LYS B 7 13.93 5.41 10.80
CA LYS B 7 13.07 5.54 9.60
C LYS B 7 13.65 6.51 8.56
N PRO B 8 13.48 6.25 7.25
CA PRO B 8 14.06 7.08 6.19
C PRO B 8 13.44 8.49 6.11
N THR B 9 14.26 9.47 5.70
CA THR B 9 13.84 10.85 5.37
C THR B 9 14.55 11.32 4.11
N SER B 10 13.79 11.62 3.05
CA SER B 10 14.26 11.96 1.69
C SER B 10 15.14 10.90 0.99
N SER B 11 15.22 9.68 1.55
CA SER B 11 16.01 8.56 1.01
C SER B 11 15.38 7.94 -0.24
N ASP B 12 16.19 7.33 -1.11
CA ASP B 12 15.82 6.71 -2.40
C ASP B 12 15.19 7.67 -3.44
N GLY B 13 15.02 8.95 -3.10
CA GLY B 13 14.44 10.02 -3.95
C GLY B 13 12.93 9.91 -4.16
N TRP B 14 12.42 8.75 -4.58
CA TRP B 14 11.01 8.52 -4.92
C TRP B 14 10.06 8.60 -3.72
N LYS B 15 10.54 8.29 -2.50
CA LYS B 15 9.73 8.23 -1.28
C LYS B 15 9.12 9.57 -0.89
N ASP B 16 9.87 10.66 -1.08
CA ASP B 16 9.38 12.03 -0.80
C ASP B 16 8.25 12.44 -1.77
N ASP B 17 8.38 12.10 -3.06
CA ASP B 17 7.34 12.29 -4.08
C ASP B 17 6.10 11.39 -3.81
N TYR B 18 6.30 10.18 -3.28
CA TYR B 18 5.21 9.27 -2.92
C TYR B 18 4.40 9.81 -1.73
N LEU B 19 5.05 10.32 -0.68
CA LEU B 19 4.38 11.02 0.42
C LEU B 19 3.64 12.28 -0.07
N SER B 20 4.22 13.03 -1.00
CA SER B 20 3.58 14.20 -1.61
C SER B 20 2.30 13.85 -2.39
N ARG B 21 2.32 12.81 -3.24
CA ARG B 21 1.14 12.38 -4.02
C ARG B 21 0.03 11.77 -3.14
N LEU B 22 0.40 11.02 -2.10
CA LEU B 22 -0.56 10.35 -1.18
C LEU B 22 -1.44 11.36 -0.42
N SER B 23 -0.94 12.58 -0.19
CA SER B 23 -1.70 13.71 0.38
C SER B 23 -2.87 14.18 -0.52
N ARG B 24 -2.82 13.92 -1.84
CA ARG B 24 -3.81 14.42 -2.82
C ARG B 24 -5.12 13.61 -2.87
N LEU B 25 -5.11 12.36 -2.41
CA LEU B 25 -6.28 11.48 -2.45
C LEU B 25 -7.40 11.88 -1.45
N SER B 26 -8.64 11.56 -1.81
CA SER B 26 -9.75 11.44 -0.84
C SER B 26 -9.67 10.12 -0.08
N LYS B 27 -10.38 9.98 1.05
CA LYS B 27 -10.17 8.87 2.00
C LYS B 27 -10.54 7.49 1.44
N ASN B 28 -11.51 7.42 0.52
CA ASN B 28 -11.85 6.19 -0.20
C ASN B 28 -10.79 5.81 -1.26
N GLN B 29 -10.14 6.79 -1.89
CA GLN B 29 -9.12 6.57 -2.93
C GLN B 29 -7.79 6.09 -2.33
N LEU B 30 -7.34 6.66 -1.20
CA LEU B 30 -6.16 6.16 -0.46
C LEU B 30 -6.39 4.74 0.11
N MET B 31 -7.63 4.42 0.51
CA MET B 31 -7.98 3.05 0.94
C MET B 31 -7.91 2.06 -0.21
N ALA B 32 -8.44 2.41 -1.38
CA ALA B 32 -8.34 1.59 -2.59
C ALA B 32 -6.87 1.38 -3.02
N LEU B 33 -6.03 2.44 -2.96
CA LEU B 33 -4.61 2.37 -3.29
C LEU B 33 -3.83 1.46 -2.31
N ALA B 34 -3.98 1.67 -1.00
CA ALA B 34 -3.28 0.86 0.01
C ALA B 34 -3.73 -0.61 -0.02
N LEU B 35 -5.02 -0.89 -0.23
CA LEU B 35 -5.55 -2.24 -0.40
C LEU B 35 -4.98 -2.92 -1.66
N LYS B 36 -4.92 -2.20 -2.79
CA LYS B 36 -4.31 -2.68 -4.04
C LYS B 36 -2.85 -3.08 -3.84
N LEU B 37 -2.04 -2.22 -3.20
CA LEU B 37 -0.65 -2.52 -2.84
C LEU B 37 -0.53 -3.73 -1.90
N LYS B 38 -1.45 -3.88 -0.94
CA LYS B 38 -1.50 -5.02 -0.01
C LYS B 38 -1.77 -6.34 -0.76
N GLN B 39 -2.87 -6.43 -1.52
CA GLN B 39 -3.25 -7.66 -2.21
C GLN B 39 -2.25 -8.07 -3.31
N GLN B 40 -1.56 -7.11 -3.96
CA GLN B 40 -0.53 -7.37 -4.97
C GLN B 40 0.61 -8.25 -4.43
N GLN B 41 1.07 -8.01 -3.20
CA GLN B 41 2.05 -8.87 -2.54
C GLN B 41 1.40 -10.06 -1.80
N LEU B 42 0.30 -9.84 -1.06
CA LEU B 42 -0.28 -10.83 -0.16
C LEU B 42 -0.97 -12.02 -0.86
N GLU B 43 -1.69 -11.79 -1.97
CA GLU B 43 -2.39 -12.84 -2.73
C GLU B 43 -1.47 -13.56 -3.74
N GLN B 44 -0.36 -12.91 -4.14
CA GLN B 44 0.62 -13.44 -5.09
C GLN B 44 1.54 -14.52 -4.49
N GLY B 45 1.79 -14.46 -3.17
CA GLY B 45 2.64 -15.41 -2.42
C GLY B 45 2.10 -16.85 -2.39
N GLY A 1 0.16 -32.77 -8.44
CA GLY A 1 0.73 -31.58 -9.10
C GLY A 1 -0.18 -30.36 -8.99
N PRO A 2 -0.16 -29.43 -9.97
CA PRO A 2 -0.99 -28.23 -10.01
C PRO A 2 -2.51 -28.50 -9.98
N GLY A 3 -3.28 -27.48 -9.60
CA GLY A 3 -4.76 -27.55 -9.53
C GLY A 3 -5.33 -28.26 -8.29
N SER A 4 -4.51 -28.44 -7.23
CA SER A 4 -4.90 -29.03 -5.95
C SER A 4 -4.06 -28.44 -4.80
N MET A 5 -4.72 -28.12 -3.69
CA MET A 5 -4.12 -27.46 -2.51
C MET A 5 -4.99 -27.72 -1.25
N ASN A 6 -4.34 -27.83 -0.09
CA ASN A 6 -5.01 -28.10 1.21
C ASN A 6 -5.82 -26.91 1.76
N LYS A 7 -5.46 -25.68 1.38
CA LYS A 7 -6.13 -24.43 1.77
C LYS A 7 -7.57 -24.36 1.21
N PRO A 8 -8.53 -23.71 1.92
CA PRO A 8 -9.93 -23.60 1.49
C PRO A 8 -10.10 -22.73 0.23
N THR A 9 -11.22 -22.94 -0.47
CA THR A 9 -11.59 -22.21 -1.71
C THR A 9 -12.07 -20.77 -1.44
N SER A 10 -12.53 -20.48 -0.22
CA SER A 10 -13.06 -19.16 0.21
C SER A 10 -12.67 -18.84 1.67
N SER A 11 -12.70 -17.58 2.12
CA SER A 11 -13.16 -16.35 1.44
C SER A 11 -12.15 -15.20 1.54
N ASP A 12 -12.13 -14.32 0.55
CA ASP A 12 -11.23 -13.15 0.45
C ASP A 12 -11.74 -11.90 1.21
N GLY A 13 -12.61 -12.10 2.21
CA GLY A 13 -13.26 -11.04 3.00
C GLY A 13 -12.34 -10.20 3.89
N TRP A 14 -11.03 -10.49 3.94
CA TRP A 14 -10.02 -9.72 4.67
C TRP A 14 -9.98 -8.25 4.25
N LYS A 15 -10.33 -7.95 2.99
CA LYS A 15 -10.26 -6.62 2.38
C LYS A 15 -11.17 -5.59 3.06
N ASP A 16 -12.35 -6.00 3.52
CA ASP A 16 -13.30 -5.13 4.23
C ASP A 16 -12.79 -4.72 5.62
N ASP A 17 -12.16 -5.65 6.34
CA ASP A 17 -11.49 -5.36 7.61
C ASP A 17 -10.23 -4.50 7.41
N TYR A 18 -9.53 -4.68 6.28
CA TYR A 18 -8.36 -3.87 5.92
C TYR A 18 -8.76 -2.42 5.61
N LEU A 19 -9.82 -2.19 4.84
CA LEU A 19 -10.42 -0.86 4.64
C LEU A 19 -10.86 -0.23 5.98
N SER A 20 -11.49 -1.02 6.86
CA SER A 20 -11.90 -0.54 8.19
C SER A 20 -10.72 -0.04 9.04
N ARG A 21 -9.59 -0.77 9.09
CA ARG A 21 -8.40 -0.35 9.86
C ARG A 21 -7.63 0.81 9.20
N LEU A 22 -7.56 0.87 7.87
CA LEU A 22 -6.90 1.94 7.11
C LEU A 22 -7.58 3.31 7.30
N SER A 23 -8.89 3.32 7.51
CA SER A 23 -9.67 4.54 7.78
C SER A 23 -9.32 5.23 9.12
N ARG A 24 -8.73 4.51 10.10
CA ARG A 24 -8.48 5.00 11.47
C ARG A 24 -7.26 5.91 11.58
N LEU A 25 -6.33 5.80 10.64
CA LEU A 25 -5.06 6.55 10.60
C LEU A 25 -5.26 8.04 10.24
N SER A 26 -4.44 8.91 10.86
CA SER A 26 -4.33 10.33 10.50
C SER A 26 -3.61 10.54 9.16
N LYS A 27 -3.68 11.75 8.59
CA LYS A 27 -3.17 12.07 7.24
C LYS A 27 -1.68 11.78 7.04
N ASN A 28 -0.84 12.01 8.06
CA ASN A 28 0.58 11.63 8.04
C ASN A 28 0.79 10.11 8.12
N GLN A 29 -0.01 9.44 8.96
CA GLN A 29 0.14 8.02 9.30
C GLN A 29 -0.34 7.09 8.18
N LEU A 30 -1.42 7.44 7.47
CA LEU A 30 -1.87 6.68 6.28
C LEU A 30 -0.85 6.71 5.13
N MET A 31 -0.07 7.79 5.00
CA MET A 31 1.03 7.84 4.02
C MET A 31 2.18 6.90 4.43
N ALA A 32 2.56 6.89 5.72
CA ALA A 32 3.60 6.01 6.24
C ALA A 32 3.22 4.51 6.11
N LEU A 33 1.94 4.18 6.31
CA LEU A 33 1.37 2.83 6.10
C LEU A 33 1.50 2.41 4.62
N ALA A 34 1.05 3.25 3.69
CA ALA A 34 1.14 2.97 2.26
C ALA A 34 2.60 2.94 1.77
N LEU A 35 3.49 3.77 2.30
CA LEU A 35 4.93 3.78 1.97
C LEU A 35 5.62 2.49 2.43
N LYS A 36 5.31 1.99 3.64
CA LYS A 36 5.79 0.70 4.17
C LYS A 36 5.35 -0.48 3.29
N LEU A 37 4.09 -0.48 2.88
CA LEU A 37 3.55 -1.45 1.88
C LEU A 37 4.23 -1.30 0.51
N LYS A 38 4.59 -0.08 0.07
CA LYS A 38 5.22 0.16 -1.22
C LYS A 38 6.66 -0.37 -1.27
N GLN A 39 7.52 -0.03 -0.30
CA GLN A 39 8.91 -0.48 -0.30
C GLN A 39 9.04 -2.03 -0.24
N GLN A 40 8.07 -2.71 0.40
CA GLN A 40 7.98 -4.16 0.46
C GLN A 40 7.80 -4.81 -0.93
N GLN A 41 6.91 -4.28 -1.78
CA GLN A 41 6.76 -4.74 -3.17
C GLN A 41 7.91 -4.22 -4.08
N LEU A 42 8.34 -2.96 -3.91
CA LEU A 42 9.27 -2.28 -4.83
C LEU A 42 10.67 -2.88 -4.85
N GLU A 43 11.22 -3.30 -3.70
CA GLU A 43 12.54 -3.95 -3.61
C GLU A 43 12.55 -5.38 -4.20
N GLN A 44 11.39 -6.03 -4.32
CA GLN A 44 11.21 -7.35 -4.94
C GLN A 44 10.95 -7.29 -6.46
N GLY A 45 10.59 -6.12 -7.00
CA GLY A 45 10.37 -5.85 -8.44
C GLY A 45 9.06 -6.43 -8.98
N GLY B 1 23.51 14.24 -20.45
CA GLY B 1 23.30 14.12 -18.99
C GLY B 1 24.48 14.67 -18.19
N PRO B 2 24.30 14.99 -16.90
CA PRO B 2 25.35 15.52 -16.02
C PRO B 2 26.48 14.51 -15.77
N GLY B 3 27.72 15.00 -15.74
CA GLY B 3 28.95 14.19 -15.64
C GLY B 3 29.32 13.67 -14.24
N SER B 4 28.53 13.99 -13.21
CA SER B 4 28.81 13.59 -11.81
C SER B 4 28.78 12.07 -11.62
N MET B 5 29.72 11.54 -10.83
CA MET B 5 29.90 10.11 -10.56
C MET B 5 28.83 9.49 -9.63
N ASN B 6 27.97 10.31 -9.02
CA ASN B 6 26.80 9.91 -8.23
C ASN B 6 25.56 10.69 -8.69
N LYS B 7 24.40 10.02 -8.81
CA LYS B 7 23.16 10.58 -9.40
C LYS B 7 21.94 10.27 -8.51
N PRO B 8 20.93 11.17 -8.44
CA PRO B 8 19.77 11.01 -7.55
C PRO B 8 18.86 9.83 -7.89
N THR B 9 18.94 9.30 -9.12
CA THR B 9 18.21 8.09 -9.56
C THR B 9 18.61 6.81 -8.80
N SER B 10 19.80 6.78 -8.18
CA SER B 10 20.26 5.68 -7.31
C SER B 10 19.87 5.83 -5.83
N SER B 11 19.37 7.01 -5.42
CA SER B 11 18.95 7.33 -4.05
C SER B 11 17.52 6.88 -3.74
N ASP B 12 17.17 6.74 -2.46
CA ASP B 12 15.80 6.43 -1.98
C ASP B 12 14.87 7.67 -1.92
N GLY B 13 15.23 8.78 -2.57
CA GLY B 13 14.45 10.03 -2.63
C GLY B 13 13.07 9.90 -3.30
N TRP B 14 12.77 8.76 -3.95
CA TRP B 14 11.44 8.41 -4.46
C TRP B 14 10.34 8.44 -3.38
N LYS B 15 10.70 8.17 -2.11
CA LYS B 15 9.78 8.12 -0.97
C LYS B 15 9.06 9.46 -0.73
N ASP B 16 9.75 10.58 -0.91
CA ASP B 16 9.18 11.93 -0.75
C ASP B 16 8.16 12.25 -1.87
N ASP B 17 8.45 11.84 -3.10
CA ASP B 17 7.49 11.94 -4.22
C ASP B 17 6.29 11.00 -4.05
N TYR B 18 6.50 9.83 -3.42
CA TYR B 18 5.43 8.89 -3.10
C TYR B 18 4.48 9.44 -2.04
N LEU B 19 5.01 10.02 -0.95
CA LEU B 19 4.23 10.77 0.04
C LEU B 19 3.47 11.94 -0.60
N SER B 20 4.11 12.67 -1.53
CA SER B 20 3.46 13.77 -2.26
C SER B 20 2.23 13.30 -3.06
N ARG B 21 2.31 12.17 -3.78
CA ARG B 21 1.16 11.63 -4.54
C ARG B 21 0.09 11.00 -3.64
N LEU B 22 0.47 10.33 -2.55
CA LEU B 22 -0.46 9.73 -1.58
C LEU B 22 -1.33 10.78 -0.87
N SER B 23 -0.80 11.99 -0.64
CA SER B 23 -1.54 13.10 -0.03
C SER B 23 -2.73 13.59 -0.87
N ARG B 24 -2.74 13.38 -2.20
CA ARG B 24 -3.75 13.94 -3.13
C ARG B 24 -5.10 13.23 -3.09
N LEU B 25 -5.11 11.97 -2.64
CA LEU B 25 -6.30 11.10 -2.60
C LEU B 25 -7.29 11.49 -1.50
N SER B 26 -8.59 11.33 -1.79
CA SER B 26 -9.71 11.37 -0.82
C SER B 26 -9.76 10.11 0.06
N LYS B 27 -10.55 10.12 1.14
CA LYS B 27 -10.58 9.07 2.18
C LYS B 27 -10.81 7.66 1.65
N ASN B 28 -11.76 7.49 0.74
CA ASN B 28 -12.06 6.21 0.11
C ASN B 28 -11.00 5.76 -0.92
N GLN B 29 -10.37 6.72 -1.60
CA GLN B 29 -9.32 6.48 -2.61
C GLN B 29 -7.98 6.06 -1.97
N LEU B 30 -7.57 6.68 -0.86
CA LEU B 30 -6.35 6.32 -0.13
C LEU B 30 -6.44 4.93 0.52
N MET B 31 -7.63 4.46 0.90
CA MET B 31 -7.84 3.07 1.31
C MET B 31 -7.66 2.11 0.13
N ALA B 32 -8.28 2.42 -1.02
CA ALA B 32 -8.17 1.61 -2.23
C ALA B 32 -6.71 1.51 -2.76
N LEU B 33 -5.91 2.57 -2.65
CA LEU B 33 -4.49 2.58 -2.99
C LEU B 33 -3.70 1.63 -2.09
N ALA B 34 -3.83 1.75 -0.76
CA ALA B 34 -3.15 0.85 0.18
C ALA B 34 -3.62 -0.61 0.04
N LEU B 35 -4.89 -0.86 -0.24
CA LEU B 35 -5.45 -2.19 -0.51
C LEU B 35 -4.86 -2.79 -1.81
N LYS B 36 -4.78 -1.99 -2.89
CA LYS B 36 -4.14 -2.37 -4.18
C LYS B 36 -2.66 -2.73 -4.00
N LEU B 37 -1.92 -2.01 -3.16
CA LEU B 37 -0.55 -2.36 -2.77
C LEU B 37 -0.50 -3.68 -1.97
N LYS B 38 -1.44 -3.89 -1.03
CA LYS B 38 -1.46 -5.07 -0.16
C LYS B 38 -1.79 -6.36 -0.92
N GLN B 39 -2.81 -6.35 -1.79
CA GLN B 39 -3.17 -7.54 -2.57
C GLN B 39 -2.05 -7.95 -3.55
N GLN B 40 -1.27 -6.99 -4.09
CA GLN B 40 -0.13 -7.28 -4.97
C GLN B 40 1.00 -8.06 -4.25
N GLN B 41 1.38 -7.66 -3.03
CA GLN B 41 2.39 -8.40 -2.25
C GLN B 41 1.88 -9.76 -1.70
N LEU B 42 0.56 -9.91 -1.52
CA LEU B 42 -0.05 -11.20 -1.12
C LEU B 42 -0.17 -12.19 -2.28
N GLU B 43 -0.54 -11.74 -3.49
CA GLU B 43 -0.77 -12.60 -4.66
C GLU B 43 0.52 -13.04 -5.40
N GLN B 44 1.59 -12.23 -5.37
CA GLN B 44 2.86 -12.55 -6.02
C GLN B 44 3.64 -13.70 -5.33
N GLY B 45 4.52 -14.38 -6.09
CA GLY B 45 5.35 -15.49 -5.62
C GLY B 45 6.31 -16.00 -6.70
N GLY A 1 -14.33 -3.23 -9.56
CA GLY A 1 -15.74 -2.82 -9.45
C GLY A 1 -16.67 -4.00 -9.20
N PRO A 2 -17.95 -3.93 -9.61
CA PRO A 2 -18.94 -5.00 -9.42
C PRO A 2 -18.60 -6.31 -10.17
N GLY A 3 -17.97 -6.21 -11.35
CA GLY A 3 -17.51 -7.36 -12.15
C GLY A 3 -16.16 -7.93 -11.70
N SER A 4 -15.98 -9.25 -11.83
CA SER A 4 -14.74 -9.98 -11.51
C SER A 4 -14.61 -11.30 -12.28
N MET A 5 -13.40 -11.86 -12.33
CA MET A 5 -13.05 -13.11 -13.04
C MET A 5 -12.31 -14.14 -12.16
N ASN A 6 -12.11 -13.84 -10.87
CA ASN A 6 -11.41 -14.68 -9.90
C ASN A 6 -12.19 -15.97 -9.55
N LYS A 7 -11.47 -17.08 -9.34
CA LYS A 7 -12.02 -18.35 -8.82
C LYS A 7 -12.25 -18.26 -7.29
N PRO A 8 -13.23 -18.99 -6.72
CA PRO A 8 -13.51 -18.97 -5.28
C PRO A 8 -12.34 -19.52 -4.46
N THR A 9 -11.79 -18.69 -3.57
CA THR A 9 -10.64 -18.99 -2.70
C THR A 9 -10.55 -18.03 -1.51
N SER A 10 -9.72 -18.35 -0.51
CA SER A 10 -9.56 -17.63 0.78
C SER A 10 -8.82 -16.27 0.70
N SER A 11 -8.67 -15.69 -0.49
CA SER A 11 -7.97 -14.41 -0.74
C SER A 11 -8.78 -13.15 -0.37
N ASP A 12 -10.07 -13.30 -0.02
CA ASP A 12 -10.99 -12.22 0.38
C ASP A 12 -11.35 -12.26 1.88
N GLY A 13 -12.26 -11.36 2.31
CA GLY A 13 -12.83 -11.29 3.67
C GLY A 13 -12.05 -10.37 4.61
N TRP A 14 -10.73 -10.50 4.66
CA TRP A 14 -9.84 -9.61 5.43
C TRP A 14 -9.83 -8.17 4.90
N LYS A 15 -10.19 -7.98 3.62
CA LYS A 15 -10.14 -6.71 2.89
C LYS A 15 -11.06 -5.63 3.49
N ASP A 16 -12.25 -6.03 3.97
CA ASP A 16 -13.20 -5.12 4.62
C ASP A 16 -12.67 -4.59 5.96
N ASP A 17 -11.99 -5.44 6.74
CA ASP A 17 -11.30 -5.04 7.98
C ASP A 17 -10.07 -4.17 7.69
N TYR A 18 -9.38 -4.40 6.57
CA TYR A 18 -8.24 -3.57 6.15
C TYR A 18 -8.68 -2.13 5.80
N LEU A 19 -9.77 -1.98 5.02
CA LEU A 19 -10.40 -0.68 4.78
C LEU A 19 -10.87 -0.01 6.09
N SER A 20 -11.43 -0.77 7.02
CA SER A 20 -11.86 -0.26 8.33
C SER A 20 -10.71 0.29 9.16
N ARG A 21 -9.56 -0.41 9.26
CA ARG A 21 -8.40 0.05 10.04
C ARG A 21 -7.65 1.20 9.39
N LEU A 22 -7.52 1.22 8.06
CA LEU A 22 -6.89 2.30 7.29
C LEU A 22 -7.59 3.66 7.51
N SER A 23 -8.90 3.66 7.78
CA SER A 23 -9.69 4.86 8.11
C SER A 23 -9.28 5.54 9.42
N ARG A 24 -8.69 4.80 10.38
CA ARG A 24 -8.46 5.28 11.76
C ARG A 24 -7.18 6.11 11.92
N LEU A 25 -6.23 5.93 11.01
CA LEU A 25 -4.93 6.60 10.97
C LEU A 25 -5.04 8.09 10.58
N SER A 26 -4.15 8.92 11.10
CA SER A 26 -3.94 10.32 10.67
C SER A 26 -3.35 10.39 9.25
N LYS A 27 -3.37 11.58 8.63
CA LYS A 27 -2.92 11.79 7.23
C LYS A 27 -1.48 11.37 6.99
N ASN A 28 -0.59 11.68 7.93
CA ASN A 28 0.82 11.27 7.89
C ASN A 28 1.00 9.76 8.11
N GLN A 29 0.20 9.16 9.00
CA GLN A 29 0.27 7.75 9.39
C GLN A 29 -0.25 6.80 8.31
N LEU A 30 -1.36 7.13 7.62
CA LEU A 30 -1.87 6.36 6.48
C LEU A 30 -0.88 6.37 5.30
N MET A 31 -0.11 7.46 5.12
CA MET A 31 0.92 7.52 4.09
C MET A 31 2.19 6.77 4.48
N ALA A 32 2.57 6.75 5.76
CA ALA A 32 3.66 5.89 6.26
C ALA A 32 3.34 4.39 6.08
N LEU A 33 2.08 3.99 6.31
CA LEU A 33 1.58 2.64 6.06
C LEU A 33 1.63 2.30 4.55
N ALA A 34 1.12 3.18 3.68
CA ALA A 34 1.17 2.99 2.23
C ALA A 34 2.62 2.96 1.67
N LEU A 35 3.54 3.75 2.24
CA LEU A 35 4.97 3.74 1.90
C LEU A 35 5.62 2.41 2.28
N LYS A 36 5.36 1.90 3.50
CA LYS A 36 5.78 0.55 3.96
C LYS A 36 5.31 -0.55 3.01
N LEU A 37 4.04 -0.52 2.59
CA LEU A 37 3.49 -1.42 1.57
C LEU A 37 4.18 -1.25 0.21
N LYS A 38 4.48 -0.03 -0.24
CA LYS A 38 5.11 0.20 -1.54
C LYS A 38 6.55 -0.32 -1.59
N GLN A 39 7.38 -0.04 -0.58
CA GLN A 39 8.76 -0.56 -0.54
C GLN A 39 8.81 -2.10 -0.44
N GLN A 40 7.82 -2.71 0.22
CA GLN A 40 7.71 -4.17 0.34
C GLN A 40 7.43 -4.86 -1.01
N GLN A 41 6.49 -4.35 -1.82
CA GLN A 41 6.28 -4.89 -3.17
C GLN A 41 7.46 -4.59 -4.13
N LEU A 42 8.17 -3.47 -3.95
CA LEU A 42 9.37 -3.14 -4.73
C LEU A 42 10.57 -4.06 -4.39
N GLU A 43 10.69 -4.53 -3.15
CA GLU A 43 11.67 -5.58 -2.78
C GLU A 43 11.33 -6.96 -3.36
N GLN A 44 10.04 -7.27 -3.55
CA GLN A 44 9.57 -8.53 -4.16
C GLN A 44 9.74 -8.56 -5.70
N GLY A 45 9.61 -7.41 -6.38
CA GLY A 45 9.76 -7.30 -7.85
C GLY A 45 9.63 -5.87 -8.37
N GLY B 1 28.62 24.50 -9.92
CA GLY B 1 28.42 23.04 -9.86
C GLY B 1 29.20 22.30 -10.94
N PRO B 2 29.17 20.94 -10.93
CA PRO B 2 29.82 20.11 -11.95
C PRO B 2 29.13 20.22 -13.33
N GLY B 3 29.82 19.75 -14.37
CA GLY B 3 29.32 19.78 -15.76
C GLY B 3 27.99 19.03 -15.93
N SER B 4 27.02 19.70 -16.56
CA SER B 4 25.63 19.23 -16.75
C SER B 4 24.92 18.82 -15.43
N MET B 5 25.36 19.35 -14.28
CA MET B 5 24.97 18.97 -12.92
C MET B 5 24.98 17.45 -12.66
N ASN B 6 25.89 16.72 -13.31
CA ASN B 6 25.89 15.25 -13.36
C ASN B 6 26.08 14.60 -11.97
N LYS B 7 25.16 13.70 -11.61
CA LYS B 7 25.14 12.89 -10.37
C LYS B 7 24.47 11.52 -10.64
N PRO B 8 24.70 10.49 -9.80
CA PRO B 8 24.05 9.18 -9.91
C PRO B 8 22.51 9.25 -9.85
N THR B 9 21.83 8.28 -10.48
CA THR B 9 20.35 8.19 -10.53
C THR B 9 19.73 7.65 -9.23
N SER B 10 20.49 6.93 -8.40
CA SER B 10 20.05 6.36 -7.12
C SER B 10 19.80 7.46 -6.08
N SER B 11 18.66 7.41 -5.39
CA SER B 11 18.27 8.36 -4.33
C SER B 11 17.18 7.78 -3.42
N ASP B 12 17.22 8.10 -2.12
CA ASP B 12 16.16 7.81 -1.15
C ASP B 12 15.00 8.83 -1.19
N GLY B 13 15.13 9.92 -1.98
CA GLY B 13 14.18 11.03 -2.03
C GLY B 13 12.82 10.73 -2.69
N TRP B 14 12.64 9.56 -3.30
CA TRP B 14 11.35 9.13 -3.88
C TRP B 14 10.22 9.08 -2.84
N LYS B 15 10.56 8.80 -1.58
CA LYS B 15 9.63 8.74 -0.44
C LYS B 15 8.94 10.08 -0.17
N ASP B 16 9.65 11.20 -0.36
CA ASP B 16 9.10 12.56 -0.19
C ASP B 16 8.10 12.92 -1.29
N ASP B 17 8.34 12.48 -2.54
CA ASP B 17 7.37 12.61 -3.63
C ASP B 17 6.13 11.72 -3.39
N TYR B 18 6.33 10.52 -2.83
CA TYR B 18 5.24 9.58 -2.52
C TYR B 18 4.30 10.16 -1.44
N LEU B 19 4.86 10.66 -0.34
CA LEU B 19 4.09 11.34 0.72
C LEU B 19 3.52 12.71 0.30
N SER B 20 4.04 13.34 -0.76
CA SER B 20 3.41 14.52 -1.38
C SER B 20 2.15 14.14 -2.19
N ARG B 21 2.27 13.17 -3.10
CA ARG B 21 1.20 12.78 -4.04
C ARG B 21 0.06 11.98 -3.40
N LEU B 22 0.34 11.12 -2.41
CA LEU B 22 -0.69 10.35 -1.69
C LEU B 22 -1.72 11.23 -0.97
N SER B 23 -1.29 12.36 -0.40
CA SER B 23 -2.15 13.30 0.33
C SER B 23 -3.27 13.90 -0.56
N ARG B 24 -3.08 13.92 -1.89
CA ARG B 24 -4.03 14.45 -2.88
C ARG B 24 -5.26 13.55 -3.12
N LEU B 25 -5.17 12.24 -2.81
CA LEU B 25 -6.25 11.27 -2.97
C LEU B 25 -7.33 11.43 -1.87
N SER B 26 -8.59 11.19 -2.25
CA SER B 26 -9.75 11.18 -1.34
C SER B 26 -9.69 10.01 -0.34
N LYS B 27 -10.52 10.07 0.72
CA LYS B 27 -10.56 9.10 1.83
C LYS B 27 -10.82 7.66 1.36
N ASN B 28 -11.65 7.45 0.33
CA ASN B 28 -11.86 6.14 -0.29
C ASN B 28 -10.72 5.73 -1.25
N GLN B 29 -10.14 6.70 -1.99
CA GLN B 29 -9.09 6.45 -2.97
C GLN B 29 -7.75 6.03 -2.33
N LEU B 30 -7.34 6.68 -1.23
CA LEU B 30 -6.16 6.27 -0.45
C LEU B 30 -6.29 4.84 0.13
N MET B 31 -7.51 4.38 0.44
CA MET B 31 -7.75 2.99 0.86
C MET B 31 -7.63 2.02 -0.31
N ALA B 32 -8.23 2.34 -1.46
CA ALA B 32 -8.17 1.50 -2.66
C ALA B 32 -6.72 1.29 -3.15
N LEU B 33 -5.89 2.34 -3.10
CA LEU B 33 -4.46 2.28 -3.42
C LEU B 33 -3.70 1.32 -2.48
N ALA B 34 -3.87 1.48 -1.16
CA ALA B 34 -3.22 0.63 -0.16
C ALA B 34 -3.70 -0.84 -0.23
N LEU B 35 -5.00 -1.07 -0.41
CA LEU B 35 -5.58 -2.40 -0.55
C LEU B 35 -5.07 -3.13 -1.81
N LYS B 36 -4.95 -2.42 -2.93
CA LYS B 36 -4.34 -2.93 -4.17
C LYS B 36 -2.88 -3.34 -3.95
N LEU B 37 -2.07 -2.49 -3.34
CA LEU B 37 -0.67 -2.81 -2.96
C LEU B 37 -0.59 -4.01 -2.01
N LYS B 38 -1.52 -4.12 -1.05
CA LYS B 38 -1.56 -5.19 -0.04
C LYS B 38 -1.90 -6.54 -0.67
N GLN B 39 -2.98 -6.64 -1.46
CA GLN B 39 -3.35 -7.91 -2.09
C GLN B 39 -2.31 -8.36 -3.13
N GLN B 40 -1.62 -7.43 -3.81
CA GLN B 40 -0.49 -7.74 -4.70
C GLN B 40 0.67 -8.42 -3.97
N GLN B 41 1.11 -7.87 -2.83
CA GLN B 41 2.27 -8.39 -2.09
C GLN B 41 1.96 -9.62 -1.22
N LEU B 42 0.67 -9.89 -0.92
CA LEU B 42 0.19 -11.14 -0.31
C LEU B 42 0.09 -12.29 -1.34
N GLU B 43 -0.32 -12.00 -2.58
CA GLU B 43 -0.49 -13.03 -3.63
C GLU B 43 0.83 -13.51 -4.27
N GLN B 44 1.78 -12.61 -4.56
CA GLN B 44 3.06 -12.95 -5.21
C GLN B 44 4.07 -13.61 -4.26
N GLY B 45 5.07 -14.29 -4.84
CA GLY B 45 6.14 -15.02 -4.13
C GLY B 45 5.69 -16.37 -3.55
N GLY A 1 -21.98 -22.61 -2.61
CA GLY A 1 -20.90 -22.03 -1.79
C GLY A 1 -19.84 -23.09 -1.47
N PRO A 2 -18.60 -22.94 -1.98
CA PRO A 2 -17.52 -23.92 -1.78
C PRO A 2 -17.11 -24.09 -0.30
N GLY A 3 -16.75 -25.33 0.09
CA GLY A 3 -16.32 -25.68 1.45
C GLY A 3 -17.38 -25.37 2.52
N SER A 4 -16.93 -24.93 3.71
CA SER A 4 -17.81 -24.46 4.80
C SER A 4 -18.50 -23.12 4.51
N MET A 5 -17.96 -22.33 3.57
CA MET A 5 -18.40 -21.01 3.08
C MET A 5 -18.42 -19.88 4.14
N ASN A 6 -19.22 -20.04 5.21
CA ASN A 6 -19.46 -19.04 6.25
C ASN A 6 -18.36 -18.95 7.33
N LYS A 7 -17.20 -19.61 7.12
CA LYS A 7 -16.07 -19.64 8.06
C LYS A 7 -15.49 -18.23 8.33
N PRO A 8 -15.13 -17.88 9.58
CA PRO A 8 -14.55 -16.57 9.91
C PRO A 8 -13.24 -16.26 9.16
N THR A 9 -12.98 -14.97 8.93
CA THR A 9 -11.77 -14.44 8.25
C THR A 9 -11.57 -15.07 6.86
N SER A 10 -12.62 -15.04 6.04
CA SER A 10 -12.66 -15.62 4.69
C SER A 10 -11.78 -14.88 3.67
N SER A 11 -11.54 -15.51 2.51
CA SER A 11 -10.66 -15.01 1.44
C SER A 11 -11.09 -13.70 0.78
N ASP A 12 -12.34 -13.25 1.00
CA ASP A 12 -12.85 -11.94 0.56
C ASP A 12 -13.46 -11.09 1.71
N GLY A 13 -13.63 -11.65 2.92
CA GLY A 13 -14.11 -10.93 4.11
C GLY A 13 -13.07 -10.00 4.73
N TRP A 14 -11.78 -10.31 4.57
CA TRP A 14 -10.65 -9.49 5.05
C TRP A 14 -10.59 -8.11 4.36
N LYS A 15 -11.12 -7.98 3.14
CA LYS A 15 -11.09 -6.76 2.31
C LYS A 15 -11.77 -5.58 3.00
N ASP A 16 -12.96 -5.81 3.55
CA ASP A 16 -13.75 -4.81 4.28
C ASP A 16 -13.16 -4.49 5.66
N ASP A 17 -12.59 -5.50 6.34
CA ASP A 17 -11.92 -5.32 7.63
C ASP A 17 -10.63 -4.48 7.50
N TYR A 18 -9.87 -4.69 6.43
CA TYR A 18 -8.68 -3.89 6.12
C TYR A 18 -9.04 -2.43 5.82
N LEU A 19 -10.07 -2.18 5.00
CA LEU A 19 -10.63 -0.83 4.80
C LEU A 19 -11.12 -0.20 6.12
N SER A 20 -11.82 -0.95 6.98
CA SER A 20 -12.29 -0.45 8.28
C SER A 20 -11.14 0.01 9.17
N ARG A 21 -10.03 -0.75 9.27
CA ARG A 21 -8.87 -0.36 10.09
C ARG A 21 -8.02 0.74 9.46
N LEU A 22 -7.89 0.78 8.13
CA LEU A 22 -7.14 1.81 7.39
C LEU A 22 -7.76 3.21 7.57
N SER A 23 -9.09 3.31 7.61
CA SER A 23 -9.81 4.57 7.81
C SER A 23 -9.47 5.27 9.14
N ARG A 24 -9.01 4.53 10.16
CA ARG A 24 -8.74 5.04 11.52
C ARG A 24 -7.45 5.87 11.63
N LEU A 25 -6.51 5.68 10.71
CA LEU A 25 -5.22 6.36 10.67
C LEU A 25 -5.36 7.86 10.32
N SER A 26 -4.52 8.69 10.93
CA SER A 26 -4.30 10.10 10.58
C SER A 26 -3.56 10.25 9.24
N LYS A 27 -3.53 11.46 8.67
CA LYS A 27 -2.98 11.76 7.33
C LYS A 27 -1.50 11.38 7.17
N ASN A 28 -0.69 11.58 8.21
CA ASN A 28 0.72 11.14 8.24
C ASN A 28 0.86 9.62 8.37
N GLN A 29 0.02 8.99 9.21
CA GLN A 29 0.05 7.54 9.50
C GLN A 29 -0.37 6.68 8.29
N LEU A 30 -1.42 7.08 7.56
CA LEU A 30 -1.83 6.40 6.32
C LEU A 30 -0.76 6.50 5.21
N MET A 31 -0.02 7.62 5.15
CA MET A 31 1.11 7.76 4.24
C MET A 31 2.29 6.86 4.63
N ALA A 32 2.65 6.81 5.91
CA ALA A 32 3.71 5.94 6.42
C ALA A 32 3.40 4.44 6.17
N LEU A 33 2.14 4.03 6.34
CA LEU A 33 1.66 2.68 6.05
C LEU A 33 1.75 2.33 4.55
N ALA A 34 1.23 3.20 3.67
CA ALA A 34 1.28 2.97 2.22
C ALA A 34 2.71 3.00 1.65
N LEU A 35 3.60 3.86 2.19
CA LEU A 35 5.02 3.90 1.84
C LEU A 35 5.75 2.61 2.27
N LYS A 36 5.48 2.11 3.48
CA LYS A 36 6.01 0.82 3.99
C LYS A 36 5.57 -0.37 3.16
N LEU A 37 4.32 -0.38 2.67
CA LEU A 37 3.82 -1.35 1.70
C LEU A 37 4.49 -1.21 0.32
N LYS A 38 4.70 0.03 -0.16
CA LYS A 38 5.29 0.28 -1.49
C LYS A 38 6.75 -0.15 -1.58
N GLN A 39 7.59 0.18 -0.59
CA GLN A 39 9.01 -0.18 -0.62
C GLN A 39 9.23 -1.71 -0.62
N GLN A 40 8.34 -2.47 0.04
CA GLN A 40 8.38 -3.93 0.07
C GLN A 40 8.21 -4.57 -1.31
N GLN A 41 7.26 -4.07 -2.11
CA GLN A 41 7.12 -4.51 -3.51
C GLN A 41 8.20 -3.92 -4.44
N LEU A 42 8.57 -2.65 -4.27
CA LEU A 42 9.50 -1.93 -5.16
C LEU A 42 10.94 -2.47 -5.13
N GLU A 43 11.44 -2.87 -3.96
CA GLU A 43 12.75 -3.54 -3.79
C GLU A 43 12.80 -4.96 -4.42
N GLN A 44 11.64 -5.53 -4.79
CA GLN A 44 11.49 -6.85 -5.39
C GLN A 44 10.98 -6.81 -6.85
N GLY A 45 10.90 -5.61 -7.45
CA GLY A 45 10.47 -5.37 -8.84
C GLY A 45 11.44 -5.91 -9.91
N GLY B 1 17.00 3.22 -29.23
CA GLY B 1 18.17 2.89 -28.40
C GLY B 1 17.83 2.81 -26.90
N PRO B 2 18.65 2.11 -26.10
CA PRO B 2 18.41 1.89 -24.67
C PRO B 2 18.68 3.12 -23.77
N GLY B 3 19.34 4.16 -24.28
CA GLY B 3 19.79 5.31 -23.50
C GLY B 3 20.99 4.95 -22.62
N SER B 4 20.81 4.93 -21.30
CA SER B 4 21.81 4.50 -20.32
C SER B 4 21.18 3.85 -19.08
N MET B 5 21.85 2.85 -18.53
CA MET B 5 21.47 2.14 -17.29
C MET B 5 21.95 2.85 -16.01
N ASN B 6 22.56 4.03 -16.12
CA ASN B 6 23.00 4.86 -14.99
C ASN B 6 21.83 5.28 -14.07
N LYS B 7 22.11 5.43 -12.77
CA LYS B 7 21.14 5.69 -11.69
C LYS B 7 21.62 6.81 -10.74
N PRO B 8 20.71 7.53 -10.04
CA PRO B 8 21.07 8.67 -9.18
C PRO B 8 21.90 8.25 -7.95
N THR B 9 22.71 9.18 -7.43
CA THR B 9 23.61 8.96 -6.28
C THR B 9 22.84 8.72 -4.96
N SER B 10 21.63 9.29 -4.82
CA SER B 10 20.67 8.97 -3.77
C SER B 10 19.47 8.21 -4.35
N SER B 11 19.27 6.97 -3.90
CA SER B 11 18.16 6.09 -4.35
C SER B 11 16.80 6.44 -3.72
N ASP B 12 16.77 7.24 -2.64
CA ASP B 12 15.56 7.63 -1.91
C ASP B 12 14.74 8.78 -2.55
N GLY B 13 15.12 9.29 -3.72
CA GLY B 13 14.44 10.42 -4.36
C GLY B 13 12.93 10.21 -4.65
N TRP B 14 12.49 8.96 -4.79
CA TRP B 14 11.08 8.59 -4.98
C TRP B 14 10.23 8.72 -3.70
N LYS B 15 10.84 8.65 -2.50
CA LYS B 15 10.15 8.57 -1.20
C LYS B 15 9.29 9.82 -0.95
N ASP B 16 9.87 10.99 -1.13
CA ASP B 16 9.19 12.28 -0.93
C ASP B 16 8.12 12.55 -2.00
N ASP B 17 8.35 12.14 -3.25
CA ASP B 17 7.38 12.26 -4.34
C ASP B 17 6.16 11.35 -4.12
N TYR B 18 6.37 10.14 -3.59
CA TYR B 18 5.30 9.20 -3.26
C TYR B 18 4.41 9.71 -2.13
N LEU B 19 4.99 10.27 -1.05
CA LEU B 19 4.21 10.97 -0.01
C LEU B 19 3.45 12.18 -0.58
N SER B 20 4.10 12.98 -1.44
CA SER B 20 3.50 14.16 -2.06
C SER B 20 2.24 13.80 -2.89
N ARG B 21 2.29 12.73 -3.70
CA ARG B 21 1.14 12.26 -4.48
C ARG B 21 0.05 11.58 -3.62
N LEU B 22 0.44 10.79 -2.61
CA LEU B 22 -0.48 10.08 -1.72
C LEU B 22 -1.39 11.05 -0.93
N SER B 23 -0.84 12.18 -0.47
CA SER B 23 -1.60 13.23 0.23
C SER B 23 -2.75 13.84 -0.61
N ARG B 24 -2.73 13.71 -1.95
CA ARG B 24 -3.77 14.24 -2.85
C ARG B 24 -5.05 13.39 -2.94
N LEU B 25 -4.99 12.10 -2.58
CA LEU B 25 -6.15 11.19 -2.67
C LEU B 25 -7.23 11.51 -1.63
N SER B 26 -8.49 11.28 -2.02
CA SER B 26 -9.66 11.26 -1.13
C SER B 26 -9.62 10.06 -0.17
N LYS B 27 -10.46 10.06 0.88
CA LYS B 27 -10.50 9.05 1.94
C LYS B 27 -10.73 7.63 1.43
N ASN B 28 -11.61 7.48 0.44
CA ASN B 28 -11.90 6.21 -0.24
C ASN B 28 -10.76 5.79 -1.19
N GLN B 29 -10.13 6.75 -1.88
CA GLN B 29 -9.06 6.52 -2.86
C GLN B 29 -7.75 6.08 -2.21
N LEU B 30 -7.35 6.69 -1.08
CA LEU B 30 -6.15 6.29 -0.32
C LEU B 30 -6.29 4.87 0.25
N MET B 31 -7.51 4.44 0.60
CA MET B 31 -7.77 3.08 1.05
C MET B 31 -7.74 2.07 -0.09
N ALA B 32 -8.30 2.41 -1.25
CA ALA B 32 -8.20 1.59 -2.46
C ALA B 32 -6.73 1.39 -2.89
N LEU B 33 -5.91 2.44 -2.82
CA LEU B 33 -4.46 2.41 -3.07
C LEU B 33 -3.73 1.46 -2.10
N ALA B 34 -3.94 1.62 -0.79
CA ALA B 34 -3.32 0.79 0.24
C ALA B 34 -3.76 -0.69 0.15
N LEU B 35 -5.04 -0.95 -0.12
CA LEU B 35 -5.61 -2.29 -0.34
C LEU B 35 -5.00 -2.97 -1.58
N LYS B 36 -4.89 -2.24 -2.70
CA LYS B 36 -4.24 -2.69 -3.94
C LYS B 36 -2.77 -3.07 -3.71
N LEU B 37 -2.01 -2.23 -3.01
CA LEU B 37 -0.63 -2.51 -2.59
C LEU B 37 -0.54 -3.76 -1.68
N LYS B 38 -1.48 -3.93 -0.74
CA LYS B 38 -1.48 -5.06 0.20
C LYS B 38 -1.72 -6.41 -0.50
N GLN B 39 -2.75 -6.52 -1.34
CA GLN B 39 -2.99 -7.76 -2.09
C GLN B 39 -1.84 -8.08 -3.06
N GLN B 40 -1.15 -7.07 -3.62
CA GLN B 40 0.04 -7.26 -4.44
C GLN B 40 1.21 -7.91 -3.65
N GLN B 41 1.58 -7.37 -2.48
CA GLN B 41 2.67 -7.95 -1.69
C GLN B 41 2.32 -9.33 -1.09
N LEU B 42 1.04 -9.67 -0.92
CA LEU B 42 0.57 -11.01 -0.56
C LEU B 42 0.63 -12.01 -1.74
N GLU B 43 0.27 -11.58 -2.95
CA GLU B 43 0.30 -12.43 -4.15
C GLU B 43 1.73 -12.66 -4.71
N GLN B 44 2.63 -11.69 -4.57
CA GLN B 44 4.04 -11.78 -4.99
C GLN B 44 4.83 -12.85 -4.19
N GLY B 45 5.76 -13.53 -4.86
CA GLY B 45 6.65 -14.55 -4.29
C GLY B 45 7.37 -15.38 -5.35
N GLY A 1 -24.46 -8.10 11.03
CA GLY A 1 -23.70 -7.97 12.29
C GLY A 1 -22.70 -9.11 12.50
N PRO A 2 -22.10 -9.22 13.70
CA PRO A 2 -21.12 -10.26 14.03
C PRO A 2 -21.65 -11.71 13.92
N GLY A 3 -20.80 -12.63 13.45
CA GLY A 3 -21.12 -14.06 13.31
C GLY A 3 -20.92 -14.88 14.60
N SER A 4 -21.84 -15.81 14.88
CA SER A 4 -21.85 -16.67 16.08
C SER A 4 -20.94 -17.92 15.98
N MET A 5 -20.48 -18.25 14.77
CA MET A 5 -19.62 -19.42 14.47
C MET A 5 -18.18 -19.28 15.00
N ASN A 6 -17.41 -20.36 14.94
CA ASN A 6 -15.99 -20.43 15.35
C ASN A 6 -15.04 -19.61 14.46
N LYS A 7 -15.51 -19.17 13.28
CA LYS A 7 -14.84 -18.38 12.22
C LYS A 7 -13.69 -19.12 11.47
N PRO A 8 -13.44 -18.81 10.18
CA PRO A 8 -12.32 -19.38 9.43
C PRO A 8 -10.94 -18.99 9.97
N THR A 9 -9.92 -19.80 9.68
CA THR A 9 -8.50 -19.45 9.93
C THR A 9 -7.97 -18.41 8.92
N SER A 10 -8.58 -18.33 7.72
CA SER A 10 -8.31 -17.35 6.67
C SER A 10 -9.54 -17.22 5.75
N SER A 11 -9.79 -16.02 5.22
CA SER A 11 -10.94 -15.68 4.36
C SER A 11 -10.64 -14.46 3.47
N ASP A 12 -11.24 -14.42 2.28
CA ASP A 12 -11.16 -13.28 1.34
C ASP A 12 -11.81 -12.00 1.89
N GLY A 13 -12.61 -12.11 2.97
CA GLY A 13 -13.20 -10.98 3.70
C GLY A 13 -12.21 -10.08 4.46
N TRP A 14 -10.91 -10.41 4.45
CA TRP A 14 -9.83 -9.60 5.06
C TRP A 14 -9.82 -8.15 4.55
N LYS A 15 -10.22 -7.94 3.29
CA LYS A 15 -10.23 -6.63 2.60
C LYS A 15 -11.17 -5.61 3.26
N ASP A 16 -12.34 -6.06 3.70
CA ASP A 16 -13.33 -5.21 4.38
C ASP A 16 -12.83 -4.77 5.77
N ASP A 17 -12.18 -5.67 6.51
CA ASP A 17 -11.51 -5.36 7.78
C ASP A 17 -10.30 -4.42 7.58
N TYR A 18 -9.57 -4.57 6.46
CA TYR A 18 -8.43 -3.73 6.12
C TYR A 18 -8.87 -2.30 5.82
N LEU A 19 -9.93 -2.10 5.02
CA LEU A 19 -10.58 -0.78 4.85
C LEU A 19 -11.09 -0.20 6.18
N SER A 20 -11.73 -1.03 7.02
CA SER A 20 -12.26 -0.58 8.32
C SER A 20 -11.17 -0.05 9.26
N ARG A 21 -9.99 -0.68 9.29
CA ARG A 21 -8.84 -0.22 10.11
C ARG A 21 -8.07 0.94 9.47
N LEU A 22 -7.87 0.94 8.14
CA LEU A 22 -7.17 2.01 7.40
C LEU A 22 -7.85 3.37 7.57
N SER A 23 -9.19 3.41 7.59
CA SER A 23 -9.99 4.63 7.82
C SER A 23 -9.64 5.35 9.16
N ARG A 24 -9.16 4.62 10.17
CA ARG A 24 -8.86 5.16 11.51
C ARG A 24 -7.57 6.00 11.60
N LEU A 25 -6.63 5.83 10.65
CA LEU A 25 -5.34 6.53 10.65
C LEU A 25 -5.47 8.00 10.24
N SER A 26 -4.59 8.83 10.82
CA SER A 26 -4.32 10.22 10.40
C SER A 26 -3.50 10.27 9.10
N LYS A 27 -3.45 11.44 8.44
CA LYS A 27 -2.85 11.65 7.11
C LYS A 27 -1.40 11.19 7.00
N ASN A 28 -0.60 11.45 8.04
CA ASN A 28 0.80 11.03 8.14
C ASN A 28 0.95 9.52 8.39
N GLN A 29 0.06 8.92 9.16
CA GLN A 29 0.10 7.49 9.52
C GLN A 29 -0.35 6.59 8.36
N LEU A 30 -1.40 6.95 7.62
CA LEU A 30 -1.81 6.24 6.39
C LEU A 30 -0.72 6.33 5.29
N MET A 31 0.00 7.46 5.21
CA MET A 31 1.14 7.61 4.29
C MET A 31 2.34 6.75 4.71
N ALA A 32 2.68 6.70 6.00
CA ALA A 32 3.75 5.84 6.49
C ALA A 32 3.46 4.35 6.23
N LEU A 33 2.21 3.92 6.45
CA LEU A 33 1.72 2.56 6.15
C LEU A 33 1.83 2.24 4.65
N ALA A 34 1.31 3.11 3.78
CA ALA A 34 1.34 2.91 2.33
C ALA A 34 2.78 2.92 1.77
N LEU A 35 3.67 3.78 2.28
CA LEU A 35 5.10 3.82 1.91
C LEU A 35 5.83 2.53 2.35
N LYS A 36 5.54 2.01 3.55
CA LYS A 36 6.06 0.73 4.06
C LYS A 36 5.64 -0.45 3.16
N LEU A 37 4.37 -0.50 2.75
CA LEU A 37 3.88 -1.46 1.75
C LEU A 37 4.57 -1.28 0.39
N LYS A 38 4.81 -0.03 -0.05
CA LYS A 38 5.42 0.27 -1.35
C LYS A 38 6.88 -0.18 -1.45
N GLN A 39 7.72 0.14 -0.45
CA GLN A 39 9.13 -0.28 -0.47
C GLN A 39 9.28 -1.81 -0.41
N GLN A 40 8.36 -2.51 0.27
CA GLN A 40 8.33 -3.98 0.34
C GLN A 40 8.12 -4.64 -1.04
N GLN A 41 7.18 -4.15 -1.84
CA GLN A 41 6.99 -4.63 -3.22
C GLN A 41 8.08 -4.16 -4.20
N LEU A 42 8.70 -2.98 -3.98
CA LEU A 42 9.79 -2.46 -4.82
C LEU A 42 11.11 -3.23 -4.63
N GLU A 43 11.43 -3.66 -3.41
CA GLU A 43 12.62 -4.49 -3.13
C GLU A 43 12.49 -5.93 -3.67
N GLN A 44 11.27 -6.49 -3.69
CA GLN A 44 11.00 -7.88 -4.09
C GLN A 44 10.62 -8.04 -5.57
N GLY A 45 10.18 -6.98 -6.25
CA GLY A 45 9.82 -6.95 -7.69
C GLY A 45 10.98 -6.63 -8.62
N GLY B 1 36.82 6.23 -10.11
CA GLY B 1 38.05 6.09 -10.92
C GLY B 1 37.96 6.83 -12.25
N PRO B 2 39.02 6.83 -13.08
CA PRO B 2 39.08 7.58 -14.35
C PRO B 2 38.01 7.18 -15.39
N GLY B 3 37.56 5.91 -15.37
CA GLY B 3 36.53 5.37 -16.27
C GLY B 3 35.08 5.50 -15.79
N SER B 4 34.85 6.01 -14.57
CA SER B 4 33.52 6.07 -13.94
C SER B 4 32.58 7.07 -14.64
N MET B 5 31.36 6.62 -14.93
CA MET B 5 30.27 7.44 -15.49
C MET B 5 29.57 8.30 -14.40
N ASN B 6 28.63 9.16 -14.83
CA ASN B 6 27.71 9.89 -13.95
C ASN B 6 26.82 8.94 -13.11
N LYS B 7 26.27 9.44 -12.00
CA LYS B 7 25.42 8.69 -11.07
C LYS B 7 24.11 8.21 -11.74
N PRO B 8 23.62 6.99 -11.42
CA PRO B 8 22.33 6.49 -11.88
C PRO B 8 21.14 7.16 -11.16
N THR B 9 19.94 7.01 -11.72
CA THR B 9 18.67 7.45 -11.10
C THR B 9 18.23 6.45 -10.03
N SER B 10 18.80 6.58 -8.81
CA SER B 10 18.66 5.61 -7.71
C SER B 10 18.43 6.25 -6.33
N SER B 11 18.17 7.56 -6.29
CA SER B 11 18.02 8.37 -5.07
C SER B 11 16.77 8.01 -4.24
N ASP B 12 16.82 8.26 -2.93
CA ASP B 12 15.69 8.11 -1.99
C ASP B 12 14.50 9.08 -2.24
N GLY B 13 14.67 10.09 -3.10
CA GLY B 13 13.65 11.10 -3.41
C GLY B 13 12.32 10.55 -3.95
N TRP B 14 12.28 9.29 -4.44
CA TRP B 14 11.02 8.62 -4.82
C TRP B 14 10.05 8.53 -3.63
N LYS B 15 10.55 8.40 -2.41
CA LYS B 15 9.75 8.30 -1.17
C LYS B 15 9.00 9.60 -0.88
N ASP B 16 9.67 10.74 -1.05
CA ASP B 16 9.07 12.08 -0.91
C ASP B 16 8.03 12.35 -2.01
N ASP B 17 8.32 11.94 -3.25
CA ASP B 17 7.37 12.02 -4.37
C ASP B 17 6.16 11.06 -4.22
N TYR B 18 6.30 9.95 -3.48
CA TYR B 18 5.19 9.05 -3.15
C TYR B 18 4.31 9.64 -2.03
N LEU B 19 4.89 10.16 -0.96
CA LEU B 19 4.15 10.91 0.07
C LEU B 19 3.43 12.14 -0.53
N SER B 20 4.08 12.87 -1.43
CA SER B 20 3.50 14.02 -2.13
C SER B 20 2.22 13.67 -2.90
N ARG B 21 2.24 12.57 -3.67
CA ARG B 21 1.08 12.11 -4.45
C ARG B 21 -0.01 11.45 -3.60
N LEU B 22 0.34 10.66 -2.58
CA LEU B 22 -0.60 9.97 -1.69
C LEU B 22 -1.53 10.93 -0.95
N SER B 23 -1.01 12.07 -0.48
CA SER B 23 -1.81 13.10 0.22
C SER B 23 -2.92 13.73 -0.64
N ARG B 24 -2.82 13.66 -1.98
CA ARG B 24 -3.82 14.22 -2.92
C ARG B 24 -5.11 13.40 -3.04
N LEU B 25 -5.07 12.10 -2.73
CA LEU B 25 -6.23 11.20 -2.83
C LEU B 25 -7.28 11.48 -1.75
N SER B 26 -8.56 11.31 -2.12
CA SER B 26 -9.72 11.31 -1.19
C SER B 26 -9.66 10.13 -0.20
N LYS B 27 -10.43 10.19 0.89
CA LYS B 27 -10.45 9.18 1.97
C LYS B 27 -10.78 7.77 1.46
N ASN B 28 -11.68 7.63 0.49
CA ASN B 28 -11.97 6.36 -0.18
C ASN B 28 -10.84 5.91 -1.11
N GLN B 29 -10.25 6.84 -1.87
CA GLN B 29 -9.23 6.56 -2.88
C GLN B 29 -7.88 6.13 -2.26
N LEU B 30 -7.45 6.76 -1.15
CA LEU B 30 -6.24 6.34 -0.42
C LEU B 30 -6.38 4.92 0.16
N MET B 31 -7.60 4.51 0.55
CA MET B 31 -7.88 3.15 1.02
C MET B 31 -7.87 2.13 -0.12
N ALA B 32 -8.47 2.46 -1.26
CA ALA B 32 -8.40 1.63 -2.47
C ALA B 32 -6.95 1.43 -2.93
N LEU B 33 -6.12 2.48 -2.89
CA LEU B 33 -4.69 2.43 -3.22
C LEU B 33 -3.90 1.55 -2.23
N ALA B 34 -4.07 1.74 -0.93
CA ALA B 34 -3.39 0.95 0.09
C ALA B 34 -3.80 -0.54 0.05
N LEU B 35 -5.08 -0.82 -0.23
CA LEU B 35 -5.61 -2.18 -0.44
C LEU B 35 -5.01 -2.82 -1.70
N LYS B 36 -4.92 -2.08 -2.81
CA LYS B 36 -4.24 -2.51 -4.05
C LYS B 36 -2.77 -2.87 -3.80
N LEU B 37 -2.03 -2.04 -3.08
CA LEU B 37 -0.65 -2.31 -2.65
C LEU B 37 -0.57 -3.58 -1.79
N LYS B 38 -1.54 -3.78 -0.87
CA LYS B 38 -1.54 -4.93 0.05
C LYS B 38 -1.80 -6.25 -0.68
N GLN B 39 -2.81 -6.32 -1.55
CA GLN B 39 -3.08 -7.53 -2.34
C GLN B 39 -1.93 -7.84 -3.33
N GLN B 40 -1.23 -6.83 -3.85
CA GLN B 40 -0.03 -7.03 -4.69
C GLN B 40 1.09 -7.75 -3.93
N GLN B 41 1.48 -7.29 -2.74
CA GLN B 41 2.54 -7.96 -1.96
C GLN B 41 2.12 -9.34 -1.40
N LEU B 42 0.82 -9.59 -1.21
CA LEU B 42 0.28 -10.92 -0.85
C LEU B 42 0.33 -11.90 -2.04
N GLU B 43 0.03 -11.45 -3.27
CA GLU B 43 0.09 -12.29 -4.48
C GLU B 43 1.52 -12.52 -5.00
N GLN B 44 2.41 -11.53 -4.84
CA GLN B 44 3.81 -11.56 -5.30
C GLN B 44 4.65 -12.61 -4.54
N GLY B 45 5.56 -13.28 -5.26
CA GLY B 45 6.46 -14.32 -4.75
C GLY B 45 7.45 -14.84 -5.79
N GLY A 1 -7.18 -29.11 5.39
CA GLY A 1 -7.55 -29.49 6.77
C GLY A 1 -9.07 -29.55 6.96
N PRO A 2 -9.56 -30.37 7.91
CA PRO A 2 -10.99 -30.53 8.19
C PRO A 2 -11.62 -29.27 8.84
N GLY A 3 -12.93 -29.08 8.64
CA GLY A 3 -13.70 -27.98 9.22
C GLY A 3 -13.33 -26.59 8.70
N SER A 4 -13.70 -25.56 9.47
CA SER A 4 -13.40 -24.11 9.27
C SER A 4 -13.95 -23.42 8.00
N MET A 5 -14.36 -24.17 6.97
CA MET A 5 -14.94 -23.63 5.74
C MET A 5 -16.29 -22.93 6.00
N ASN A 6 -16.46 -21.73 5.45
CA ASN A 6 -17.67 -20.90 5.59
C ASN A 6 -17.97 -19.95 4.39
N LYS A 7 -17.25 -20.12 3.27
CA LYS A 7 -17.36 -19.30 2.04
C LYS A 7 -17.09 -20.16 0.78
N PRO A 8 -17.84 -20.01 -0.33
CA PRO A 8 -17.62 -20.79 -1.55
C PRO A 8 -16.21 -20.62 -2.14
N THR A 9 -15.66 -21.70 -2.68
CA THR A 9 -14.27 -21.85 -3.18
C THR A 9 -13.18 -21.64 -2.11
N SER A 10 -13.04 -20.42 -1.56
CA SER A 10 -12.07 -20.04 -0.53
C SER A 10 -12.47 -18.75 0.20
N SER A 11 -12.07 -18.59 1.46
CA SER A 11 -12.31 -17.39 2.28
C SER A 11 -11.53 -16.16 1.77
N ASP A 12 -12.16 -14.99 1.78
CA ASP A 12 -11.65 -13.75 1.15
C ASP A 12 -12.02 -12.45 1.91
N GLY A 13 -12.56 -12.56 3.13
CA GLY A 13 -13.14 -11.44 3.89
C GLY A 13 -12.14 -10.42 4.48
N TRP A 14 -10.82 -10.69 4.40
CA TRP A 14 -9.78 -9.87 5.03
C TRP A 14 -9.76 -8.41 4.53
N LYS A 15 -10.15 -8.17 3.26
CA LYS A 15 -10.10 -6.86 2.59
C LYS A 15 -11.04 -5.83 3.21
N ASP A 16 -12.21 -6.25 3.67
CA ASP A 16 -13.19 -5.40 4.36
C ASP A 16 -12.68 -4.96 5.74
N ASP A 17 -12.02 -5.86 6.48
CA ASP A 17 -11.36 -5.55 7.75
C ASP A 17 -10.15 -4.63 7.57
N TYR A 18 -9.43 -4.76 6.43
CA TYR A 18 -8.31 -3.89 6.11
C TYR A 18 -8.77 -2.45 5.80
N LEU A 19 -9.85 -2.27 5.03
CA LEU A 19 -10.49 -0.96 4.86
C LEU A 19 -10.99 -0.39 6.20
N SER A 20 -11.59 -1.22 7.06
CA SER A 20 -12.09 -0.80 8.37
C SER A 20 -10.98 -0.22 9.26
N ARG A 21 -9.79 -0.85 9.31
CA ARG A 21 -8.63 -0.34 10.06
C ARG A 21 -7.95 0.87 9.38
N LEU A 22 -7.81 0.86 8.06
CA LEU A 22 -7.12 1.93 7.30
C LEU A 22 -7.82 3.29 7.47
N SER A 23 -9.15 3.30 7.54
CA SER A 23 -9.96 4.50 7.79
C SER A 23 -9.58 5.26 9.09
N ARG A 24 -9.02 4.56 10.09
CA ARG A 24 -8.74 5.12 11.42
C ARG A 24 -7.44 5.93 11.52
N LEU A 25 -6.49 5.74 10.61
CA LEU A 25 -5.19 6.43 10.61
C LEU A 25 -5.31 7.91 10.22
N SER A 26 -4.50 8.77 10.84
CA SER A 26 -4.34 10.19 10.49
C SER A 26 -3.61 10.39 9.14
N LYS A 27 -3.67 11.60 8.58
CA LYS A 27 -3.16 11.93 7.23
C LYS A 27 -1.68 11.59 7.02
N ASN A 28 -0.85 11.77 8.05
CA ASN A 28 0.57 11.42 8.03
C ASN A 28 0.84 9.91 8.31
N GLN A 29 -0.04 9.26 9.07
CA GLN A 29 0.07 7.82 9.42
C GLN A 29 -0.31 6.90 8.25
N LEU A 30 -1.38 7.23 7.51
CA LEU A 30 -1.78 6.49 6.30
C LEU A 30 -0.70 6.57 5.19
N MET A 31 0.06 7.67 5.12
CA MET A 31 1.20 7.79 4.22
C MET A 31 2.34 6.84 4.60
N ALA A 32 2.72 6.79 5.88
CA ALA A 32 3.77 5.90 6.37
C ALA A 32 3.41 4.41 6.15
N LEU A 33 2.13 4.05 6.34
CA LEU A 33 1.59 2.72 6.04
C LEU A 33 1.72 2.39 4.54
N ALA A 34 1.21 3.24 3.66
CA ALA A 34 1.25 3.01 2.21
C ALA A 34 2.69 3.00 1.65
N LEU A 35 3.60 3.84 2.17
CA LEU A 35 5.02 3.86 1.81
C LEU A 35 5.71 2.55 2.21
N LYS A 36 5.46 2.05 3.43
CA LYS A 36 5.97 0.75 3.92
C LYS A 36 5.49 -0.41 3.04
N LEU A 37 4.22 -0.43 2.67
CA LEU A 37 3.66 -1.40 1.71
C LEU A 37 4.30 -1.26 0.31
N LYS A 38 4.60 -0.05 -0.16
CA LYS A 38 5.23 0.18 -1.47
C LYS A 38 6.65 -0.38 -1.53
N GLN A 39 7.51 -0.05 -0.57
CA GLN A 39 8.90 -0.53 -0.55
C GLN A 39 8.98 -2.07 -0.39
N GLN A 40 7.99 -2.68 0.28
CA GLN A 40 7.88 -4.15 0.36
C GLN A 40 7.67 -4.78 -1.03
N GLN A 41 6.68 -4.33 -1.80
CA GLN A 41 6.40 -4.89 -3.14
C GLN A 41 7.49 -4.54 -4.17
N LEU A 42 8.17 -3.39 -4.02
CA LEU A 42 9.23 -2.93 -4.90
C LEU A 42 10.52 -3.77 -4.83
N GLU A 43 10.87 -4.28 -3.64
CA GLU A 43 12.15 -4.97 -3.39
C GLU A 43 12.05 -6.50 -3.27
N GLN A 44 10.88 -7.09 -3.03
CA GLN A 44 10.70 -8.54 -2.90
C GLN A 44 10.82 -9.29 -4.25
N GLY A 45 11.14 -10.59 -4.19
CA GLY A 45 11.30 -11.48 -5.35
C GLY A 45 11.46 -12.95 -4.95
N GLY B 1 18.46 13.30 -27.80
CA GLY B 1 18.59 13.70 -26.38
C GLY B 1 20.01 14.19 -26.06
N PRO B 2 20.17 14.95 -24.96
CA PRO B 2 21.47 15.50 -24.55
C PRO B 2 22.44 14.40 -24.08
N GLY B 3 23.75 14.64 -24.28
CA GLY B 3 24.81 13.69 -23.91
C GLY B 3 25.01 13.48 -22.40
N SER B 4 24.49 14.40 -21.57
CA SER B 4 24.46 14.26 -20.10
C SER B 4 23.48 13.16 -19.63
N MET B 5 22.38 12.97 -20.37
CA MET B 5 21.31 11.98 -20.16
C MET B 5 20.56 12.10 -18.81
N ASN B 6 19.38 11.45 -18.70
CA ASN B 6 18.59 11.38 -17.48
C ASN B 6 19.29 10.53 -16.39
N LYS B 7 19.37 11.05 -15.16
CA LYS B 7 20.06 10.40 -14.03
C LYS B 7 19.15 9.41 -13.27
N PRO B 8 19.70 8.34 -12.67
CA PRO B 8 18.92 7.41 -11.83
C PRO B 8 18.40 8.10 -10.55
N THR B 9 17.21 7.71 -10.09
CA THR B 9 16.58 8.27 -8.87
C THR B 9 17.22 7.69 -7.61
N SER B 10 17.51 8.55 -6.62
CA SER B 10 18.11 8.16 -5.32
C SER B 10 17.22 7.21 -4.51
N SER B 11 17.84 6.34 -3.70
CA SER B 11 17.17 5.27 -2.95
C SER B 11 16.17 5.76 -1.87
N ASP B 12 16.29 7.01 -1.42
CA ASP B 12 15.32 7.69 -0.56
C ASP B 12 14.58 8.86 -1.25
N GLY B 13 15.09 9.39 -2.36
CA GLY B 13 14.56 10.61 -3.01
C GLY B 13 13.13 10.44 -3.55
N TRP B 14 12.77 9.23 -3.96
CA TRP B 14 11.42 8.86 -4.41
C TRP B 14 10.37 8.90 -3.28
N LYS B 15 10.78 8.72 -2.01
CA LYS B 15 9.85 8.59 -0.86
C LYS B 15 9.13 9.89 -0.57
N ASP B 16 9.81 11.03 -0.67
CA ASP B 16 9.22 12.37 -0.51
C ASP B 16 8.19 12.68 -1.60
N ASP B 17 8.46 12.27 -2.86
CA ASP B 17 7.50 12.37 -3.96
C ASP B 17 6.30 11.41 -3.79
N TYR B 18 6.52 10.22 -3.21
CA TYR B 18 5.46 9.25 -2.94
C TYR B 18 4.52 9.73 -1.83
N LEU B 19 5.07 10.27 -0.73
CA LEU B 19 4.29 10.96 0.31
C LEU B 19 3.50 12.16 -0.25
N SER B 20 4.11 12.92 -1.17
CA SER B 20 3.45 14.06 -1.84
C SER B 20 2.26 13.62 -2.70
N ARG B 21 2.39 12.56 -3.51
CA ARG B 21 1.28 12.04 -4.34
C ARG B 21 0.16 11.41 -3.49
N LEU B 22 0.50 10.68 -2.42
CA LEU B 22 -0.46 10.05 -1.50
C LEU B 22 -1.37 11.07 -0.80
N SER B 23 -0.87 12.28 -0.53
CA SER B 23 -1.65 13.40 0.01
C SER B 23 -2.85 13.82 -0.86
N ARG B 24 -2.75 13.66 -2.19
CA ARG B 24 -3.74 14.14 -3.17
C ARG B 24 -5.03 13.30 -3.21
N LEU B 25 -4.98 12.05 -2.75
CA LEU B 25 -6.14 11.14 -2.76
C LEU B 25 -7.21 11.54 -1.72
N SER B 26 -8.46 11.33 -2.09
CA SER B 26 -9.64 11.36 -1.18
C SER B 26 -9.65 10.15 -0.23
N LYS B 27 -10.50 10.19 0.80
CA LYS B 27 -10.57 9.16 1.88
C LYS B 27 -10.83 7.74 1.37
N ASN B 28 -11.71 7.58 0.38
CA ASN B 28 -11.97 6.29 -0.27
C ASN B 28 -10.81 5.85 -1.18
N GLN B 29 -10.20 6.81 -1.91
CA GLN B 29 -9.12 6.56 -2.87
C GLN B 29 -7.81 6.12 -2.18
N LEU B 30 -7.44 6.72 -1.04
CA LEU B 30 -6.24 6.31 -0.29
C LEU B 30 -6.38 4.91 0.30
N MET B 31 -7.61 4.49 0.66
CA MET B 31 -7.87 3.12 1.12
C MET B 31 -7.80 2.11 -0.03
N ALA B 32 -8.35 2.45 -1.20
CA ALA B 32 -8.24 1.64 -2.41
C ALA B 32 -6.77 1.47 -2.86
N LEU B 33 -5.96 2.53 -2.79
CA LEU B 33 -4.52 2.52 -3.08
C LEU B 33 -3.76 1.58 -2.14
N ALA B 34 -3.93 1.73 -0.82
CA ALA B 34 -3.26 0.88 0.17
C ALA B 34 -3.71 -0.60 0.08
N LEU B 35 -4.99 -0.86 -0.12
CA LEU B 35 -5.53 -2.21 -0.32
C LEU B 35 -5.02 -2.88 -1.60
N LYS B 36 -4.92 -2.12 -2.71
CA LYS B 36 -4.30 -2.55 -3.97
C LYS B 36 -2.84 -2.96 -3.76
N LEU B 37 -2.03 -2.12 -3.10
CA LEU B 37 -0.64 -2.43 -2.76
C LEU B 37 -0.53 -3.69 -1.88
N LYS B 38 -1.42 -3.85 -0.91
CA LYS B 38 -1.47 -5.00 0.00
C LYS B 38 -1.81 -6.31 -0.74
N GLN B 39 -2.91 -6.33 -1.51
CA GLN B 39 -3.34 -7.55 -2.22
C GLN B 39 -2.38 -7.96 -3.35
N GLN B 40 -1.67 -7.00 -3.97
CA GLN B 40 -0.66 -7.27 -5.00
C GLN B 40 0.47 -8.17 -4.48
N GLN B 41 0.98 -7.92 -3.27
CA GLN B 41 1.98 -8.81 -2.64
C GLN B 41 1.36 -10.05 -1.97
N LEU B 42 0.16 -9.95 -1.38
CA LEU B 42 -0.45 -11.05 -0.61
C LEU B 42 -1.05 -12.19 -1.47
N GLU B 43 -1.76 -11.85 -2.56
CA GLU B 43 -2.57 -12.81 -3.32
C GLU B 43 -1.80 -13.53 -4.44
N GLN B 44 -0.71 -12.95 -4.95
CA GLN B 44 0.14 -13.54 -5.99
C GLN B 44 1.07 -14.63 -5.44
N GLY B 45 1.30 -15.69 -6.24
CA GLY B 45 2.17 -16.83 -5.95
C GLY B 45 3.60 -16.63 -6.49
N GLY A 1 -0.07 -33.19 -14.00
CA GLY A 1 -0.34 -33.62 -12.61
C GLY A 1 -0.84 -35.07 -12.54
N PRO A 2 -1.57 -35.47 -11.47
CA PRO A 2 -1.94 -34.68 -10.29
C PRO A 2 -0.76 -34.15 -9.46
N GLY A 3 -1.04 -33.23 -8.52
CA GLY A 3 -0.07 -32.63 -7.61
C GLY A 3 -0.72 -31.77 -6.52
N SER A 4 0.03 -31.50 -5.44
CA SER A 4 -0.43 -30.72 -4.27
C SER A 4 -0.35 -29.19 -4.51
N MET A 5 -1.16 -28.68 -5.44
CA MET A 5 -1.22 -27.26 -5.79
C MET A 5 -1.68 -26.41 -4.59
N ASN A 6 -0.90 -25.38 -4.25
CA ASN A 6 -1.16 -24.45 -3.13
C ASN A 6 -2.13 -23.31 -3.51
N LYS A 7 -3.32 -23.68 -4.02
CA LYS A 7 -4.40 -22.74 -4.41
C LYS A 7 -4.89 -21.93 -3.19
N PRO A 8 -5.07 -20.58 -3.30
CA PRO A 8 -5.55 -19.75 -2.20
C PRO A 8 -7.03 -20.03 -1.88
N THR A 9 -7.28 -20.79 -0.81
CA THR A 9 -8.63 -21.14 -0.34
C THR A 9 -9.32 -20.05 0.49
N SER A 10 -8.54 -19.11 1.05
CA SER A 10 -9.01 -18.02 1.93
C SER A 10 -10.01 -17.07 1.26
N SER A 11 -10.98 -16.58 2.04
CA SER A 11 -12.03 -15.66 1.58
C SER A 11 -11.52 -14.21 1.41
N ASP A 12 -12.30 -13.37 0.72
CA ASP A 12 -12.06 -11.93 0.58
C ASP A 12 -12.34 -11.10 1.86
N GLY A 13 -12.81 -11.73 2.95
CA GLY A 13 -13.27 -11.04 4.16
C GLY A 13 -12.22 -10.15 4.86
N TRP A 14 -10.93 -10.40 4.62
CA TRP A 14 -9.83 -9.56 5.11
C TRP A 14 -9.87 -8.12 4.54
N LYS A 15 -10.39 -7.94 3.31
CA LYS A 15 -10.40 -6.66 2.59
C LYS A 15 -11.32 -5.63 3.24
N ASP A 16 -12.48 -6.07 3.74
CA ASP A 16 -13.43 -5.22 4.48
C ASP A 16 -12.86 -4.75 5.82
N ASP A 17 -12.18 -5.64 6.55
CA ASP A 17 -11.45 -5.29 7.78
C ASP A 17 -10.26 -4.36 7.51
N TYR A 18 -9.59 -4.51 6.36
CA TYR A 18 -8.48 -3.63 5.97
C TYR A 18 -8.97 -2.22 5.63
N LEU A 19 -10.05 -2.08 4.84
CA LEU A 19 -10.70 -0.79 4.60
C LEU A 19 -11.21 -0.14 5.90
N SER A 20 -11.71 -0.93 6.86
CA SER A 20 -12.14 -0.44 8.17
C SER A 20 -10.98 0.13 8.99
N ARG A 21 -9.84 -0.58 9.08
CA ARG A 21 -8.67 -0.09 9.86
C ARG A 21 -7.93 1.08 9.20
N LEU A 22 -7.85 1.12 7.87
CA LEU A 22 -7.27 2.23 7.09
C LEU A 22 -7.98 3.57 7.34
N SER A 23 -9.28 3.55 7.67
CA SER A 23 -10.07 4.74 8.01
C SER A 23 -9.61 5.46 9.29
N ARG A 24 -8.98 4.74 10.23
CA ARG A 24 -8.71 5.20 11.61
C ARG A 24 -7.46 6.06 11.76
N LEU A 25 -6.51 5.90 10.84
CA LEU A 25 -5.19 6.55 10.84
C LEU A 25 -5.27 8.04 10.47
N SER A 26 -4.36 8.83 11.05
CA SER A 26 -4.05 10.20 10.62
C SER A 26 -3.27 10.20 9.30
N LYS A 27 -3.17 11.36 8.63
CA LYS A 27 -2.68 11.46 7.25
C LYS A 27 -1.21 11.07 7.08
N ASN A 28 -0.36 11.37 8.06
CA ASN A 28 1.03 10.91 8.09
C ASN A 28 1.13 9.39 8.28
N GLN A 29 0.24 8.80 9.09
CA GLN A 29 0.22 7.37 9.40
C GLN A 29 -0.28 6.51 8.23
N LEU A 30 -1.38 6.91 7.57
CA LEU A 30 -1.89 6.20 6.37
C LEU A 30 -0.89 6.22 5.21
N MET A 31 -0.12 7.31 5.06
CA MET A 31 0.93 7.41 4.05
C MET A 31 2.18 6.60 4.41
N ALA A 32 2.60 6.59 5.68
CA ALA A 32 3.68 5.73 6.15
C ALA A 32 3.35 4.22 5.97
N LEU A 33 2.10 3.83 6.23
CA LEU A 33 1.57 2.49 5.97
C LEU A 33 1.67 2.10 4.48
N ALA A 34 1.19 2.95 3.57
CA ALA A 34 1.30 2.72 2.13
C ALA A 34 2.77 2.68 1.65
N LEU A 35 3.62 3.59 2.13
CA LEU A 35 5.05 3.66 1.79
C LEU A 35 5.82 2.39 2.25
N LYS A 36 5.51 1.88 3.45
CA LYS A 36 6.07 0.62 3.99
C LYS A 36 5.70 -0.61 3.14
N LEU A 37 4.48 -0.69 2.61
CA LEU A 37 4.08 -1.70 1.64
C LEU A 37 4.78 -1.49 0.28
N LYS A 38 4.87 -0.24 -0.19
CA LYS A 38 5.43 0.12 -1.51
C LYS A 38 6.92 -0.22 -1.62
N GLN A 39 7.72 0.10 -0.61
CA GLN A 39 9.16 -0.23 -0.63
C GLN A 39 9.40 -1.76 -0.61
N GLN A 40 8.57 -2.52 0.10
CA GLN A 40 8.68 -3.99 0.17
C GLN A 40 8.39 -4.67 -1.18
N GLN A 41 7.34 -4.25 -1.89
CA GLN A 41 7.00 -4.80 -3.22
C GLN A 41 7.93 -4.31 -4.35
N LEU A 42 8.50 -3.10 -4.25
CA LEU A 42 9.53 -2.62 -5.19
C LEU A 42 10.86 -3.37 -5.10
N GLU A 43 11.24 -3.85 -3.90
CA GLU A 43 12.45 -4.67 -3.69
C GLU A 43 12.38 -6.06 -4.35
N GLN A 44 11.20 -6.51 -4.79
CA GLN A 44 11.00 -7.78 -5.51
C GLN A 44 11.31 -7.69 -7.03
N GLY A 45 11.56 -6.49 -7.56
CA GLY A 45 11.86 -6.22 -8.97
C GLY A 45 13.19 -6.83 -9.46
N GLY B 1 7.06 20.72 16.63
CA GLY B 1 6.36 20.12 15.47
C GLY B 1 7.32 19.28 14.62
N PRO B 2 6.82 18.23 13.94
CA PRO B 2 7.65 17.27 13.20
C PRO B 2 8.35 17.85 11.95
N GLY B 3 7.89 19.00 11.44
CA GLY B 3 8.52 19.73 10.33
C GLY B 3 9.77 20.53 10.69
N SER B 4 10.13 20.64 11.99
CA SER B 4 11.30 21.38 12.47
C SER B 4 12.64 20.65 12.20
N MET B 5 13.74 21.41 12.30
CA MET B 5 15.14 21.00 12.07
C MET B 5 15.47 20.56 10.62
N ASN B 6 16.76 20.63 10.26
CA ASN B 6 17.29 20.11 8.99
C ASN B 6 17.31 18.58 9.00
N LYS B 7 16.92 17.96 7.88
CA LYS B 7 16.78 16.50 7.71
C LYS B 7 17.28 16.04 6.32
N PRO B 8 17.92 14.87 6.19
CA PRO B 8 18.47 14.37 4.93
C PRO B 8 17.38 13.97 3.92
N THR B 9 17.62 14.21 2.63
CA THR B 9 16.74 13.77 1.53
C THR B 9 16.90 12.28 1.16
N SER B 10 18.05 11.68 1.50
CA SER B 10 18.46 10.30 1.18
C SER B 10 18.58 9.96 -0.33
N SER B 11 19.35 8.91 -0.63
CA SER B 11 19.66 8.47 -2.00
C SER B 11 18.46 7.90 -2.77
N ASP B 12 17.38 7.48 -2.08
CA ASP B 12 16.19 6.88 -2.69
C ASP B 12 15.37 7.89 -3.52
N GLY B 13 15.14 9.10 -2.97
CA GLY B 13 14.45 10.23 -3.61
C GLY B 13 12.93 10.07 -3.82
N TRP B 14 12.47 8.92 -4.31
CA TRP B 14 11.09 8.67 -4.72
C TRP B 14 10.08 8.70 -3.57
N LYS B 15 10.52 8.41 -2.34
CA LYS B 15 9.65 8.25 -1.16
C LYS B 15 8.95 9.55 -0.75
N ASP B 16 9.64 10.69 -0.84
CA ASP B 16 9.07 12.01 -0.56
C ASP B 16 8.04 12.43 -1.62
N ASP B 17 8.29 12.11 -2.89
CA ASP B 17 7.32 12.32 -3.99
C ASP B 17 6.09 11.40 -3.84
N TYR B 18 6.27 10.19 -3.33
CA TYR B 18 5.16 9.27 -3.07
C TYR B 18 4.25 9.78 -1.95
N LEU B 19 4.80 10.27 -0.84
CA LEU B 19 4.02 10.98 0.20
C LEU B 19 3.35 12.25 -0.35
N SER B 20 4.02 13.02 -1.22
CA SER B 20 3.45 14.21 -1.85
C SER B 20 2.20 13.89 -2.68
N ARG B 21 2.23 12.84 -3.51
CA ARG B 21 1.10 12.43 -4.36
C ARG B 21 -0.02 11.69 -3.60
N LEU B 22 0.32 10.85 -2.60
CA LEU B 22 -0.66 10.12 -1.78
C LEU B 22 -1.60 11.05 -1.01
N SER B 23 -1.09 12.18 -0.52
CA SER B 23 -1.88 13.23 0.16
C SER B 23 -3.02 13.81 -0.70
N ARG B 24 -2.94 13.71 -2.03
CA ARG B 24 -3.95 14.24 -2.98
C ARG B 24 -5.22 13.38 -3.09
N LEU B 25 -5.17 12.09 -2.69
CA LEU B 25 -6.33 11.19 -2.77
C LEU B 25 -7.39 11.49 -1.69
N SER B 26 -8.66 11.30 -2.06
CA SER B 26 -9.82 11.34 -1.15
C SER B 26 -9.87 10.13 -0.21
N LYS B 27 -10.74 10.15 0.82
CA LYS B 27 -10.82 9.15 1.89
C LYS B 27 -11.05 7.71 1.40
N ASN B 28 -11.87 7.54 0.35
CA ASN B 28 -12.12 6.24 -0.28
C ASN B 28 -11.02 5.84 -1.30
N GLN B 29 -10.38 6.82 -1.94
CA GLN B 29 -9.30 6.61 -2.92
C GLN B 29 -7.98 6.16 -2.24
N LEU B 30 -7.62 6.76 -1.09
CA LEU B 30 -6.45 6.35 -0.31
C LEU B 30 -6.61 4.93 0.26
N MET B 31 -7.85 4.50 0.55
CA MET B 31 -8.13 3.12 0.93
C MET B 31 -7.89 2.14 -0.21
N ALA B 32 -8.41 2.44 -1.42
CA ALA B 32 -8.21 1.60 -2.60
C ALA B 32 -6.72 1.50 -2.99
N LEU B 33 -5.96 2.59 -2.86
CA LEU B 33 -4.51 2.64 -3.05
C LEU B 33 -3.77 1.73 -2.05
N ALA B 34 -4.04 1.87 -0.74
CA ALA B 34 -3.41 1.06 0.29
C ALA B 34 -3.81 -0.44 0.21
N LEU B 35 -5.06 -0.75 -0.16
CA LEU B 35 -5.55 -2.11 -0.40
C LEU B 35 -4.83 -2.76 -1.60
N LYS B 36 -4.70 -2.03 -2.72
CA LYS B 36 -3.93 -2.46 -3.91
C LYS B 36 -2.48 -2.77 -3.56
N LEU B 37 -1.83 -1.92 -2.78
CA LEU B 37 -0.47 -2.14 -2.29
C LEU B 37 -0.39 -3.33 -1.30
N LYS B 38 -1.42 -3.59 -0.49
CA LYS B 38 -1.45 -4.74 0.43
C LYS B 38 -1.59 -6.07 -0.31
N GLN B 39 -2.52 -6.20 -1.25
CA GLN B 39 -2.70 -7.45 -2.01
C GLN B 39 -1.45 -7.80 -2.84
N GLN B 40 -0.72 -6.79 -3.34
CA GLN B 40 0.55 -6.97 -4.06
C GLN B 40 1.63 -7.70 -3.24
N GLN B 41 1.70 -7.49 -1.92
CA GLN B 41 2.57 -8.28 -1.03
C GLN B 41 1.90 -9.57 -0.51
N LEU B 42 0.59 -9.55 -0.21
CA LEU B 42 -0.14 -10.68 0.38
C LEU B 42 -0.26 -11.90 -0.54
N GLU B 43 -0.40 -11.69 -1.85
CA GLU B 43 -0.51 -12.75 -2.88
C GLU B 43 0.80 -13.54 -3.08
N GLN B 44 1.93 -13.07 -2.54
CA GLN B 44 3.25 -13.71 -2.68
C GLN B 44 3.45 -14.93 -1.76
N GLY B 45 2.60 -15.10 -0.73
CA GLY B 45 2.68 -16.21 0.25
C GLY B 45 1.69 -16.06 1.40
N GLY A 1 -8.40 -37.54 5.01
CA GLY A 1 -7.74 -36.39 4.35
C GLY A 1 -6.82 -35.64 5.30
N PRO A 2 -6.43 -34.39 4.96
CA PRO A 2 -5.52 -33.56 5.76
C PRO A 2 -6.06 -33.21 7.16
N GLY A 3 -5.16 -32.92 8.10
CA GLY A 3 -5.48 -32.44 9.45
C GLY A 3 -5.82 -30.94 9.50
N SER A 4 -6.54 -30.53 10.55
CA SER A 4 -6.90 -29.12 10.84
C SER A 4 -7.68 -28.41 9.72
N MET A 5 -8.51 -29.14 8.98
CA MET A 5 -9.43 -28.61 7.97
C MET A 5 -10.66 -27.93 8.62
N ASN A 6 -11.29 -27.00 7.87
CA ASN A 6 -12.43 -26.19 8.32
C ASN A 6 -13.51 -26.05 7.22
N LYS A 7 -14.72 -25.66 7.62
CA LYS A 7 -15.87 -25.39 6.73
C LYS A 7 -15.65 -24.19 5.78
N PRO A 8 -16.36 -24.10 4.64
CA PRO A 8 -16.26 -22.97 3.71
C PRO A 8 -16.59 -21.61 4.34
N THR A 9 -15.93 -20.56 3.85
CA THR A 9 -16.10 -19.16 4.28
C THR A 9 -15.64 -18.18 3.17
N SER A 10 -15.95 -16.89 3.30
CA SER A 10 -15.54 -15.84 2.35
C SER A 10 -14.02 -15.70 2.29
N SER A 11 -13.42 -15.97 1.13
CA SER A 11 -11.96 -16.06 0.96
C SER A 11 -11.26 -14.69 1.01
N ASP A 12 -11.85 -13.65 0.43
CA ASP A 12 -11.30 -12.29 0.36
C ASP A 12 -12.00 -11.28 1.30
N GLY A 13 -12.74 -11.77 2.30
CA GLY A 13 -13.42 -10.94 3.32
C GLY A 13 -12.49 -10.04 4.15
N TRP A 14 -11.17 -10.33 4.13
CA TRP A 14 -10.14 -9.50 4.77
C TRP A 14 -10.09 -8.07 4.22
N LYS A 15 -10.51 -7.85 2.96
CA LYS A 15 -10.45 -6.55 2.28
C LYS A 15 -11.32 -5.49 2.99
N ASP A 16 -12.50 -5.88 3.44
CA ASP A 16 -13.43 -5.00 4.16
C ASP A 16 -12.88 -4.60 5.55
N ASP A 17 -12.23 -5.55 6.24
CA ASP A 17 -11.53 -5.29 7.51
C ASP A 17 -10.29 -4.39 7.30
N TYR A 18 -9.61 -4.52 6.17
CA TYR A 18 -8.46 -3.68 5.82
C TYR A 18 -8.89 -2.23 5.52
N LEU A 19 -9.93 -2.03 4.71
CA LEU A 19 -10.56 -0.71 4.51
C LEU A 19 -11.03 -0.10 5.84
N SER A 20 -11.59 -0.91 6.74
CA SER A 20 -12.02 -0.47 8.07
C SER A 20 -10.86 0.04 8.95
N ARG A 21 -9.74 -0.71 9.05
CA ARG A 21 -8.58 -0.31 9.85
C ARG A 21 -7.80 0.86 9.25
N LEU A 22 -7.72 0.95 7.92
CA LEU A 22 -7.08 2.06 7.19
C LEU A 22 -7.75 3.42 7.47
N SER A 23 -9.07 3.42 7.74
CA SER A 23 -9.83 4.62 8.16
C SER A 23 -9.35 5.23 9.48
N ARG A 24 -8.73 4.45 10.37
CA ARG A 24 -8.34 4.87 11.73
C ARG A 24 -7.06 5.74 11.78
N LEU A 25 -6.22 5.68 10.74
CA LEU A 25 -4.94 6.40 10.69
C LEU A 25 -5.13 7.89 10.40
N SER A 26 -4.25 8.72 10.97
CA SER A 26 -4.06 10.14 10.62
C SER A 26 -3.43 10.30 9.22
N LYS A 27 -3.45 11.52 8.66
CA LYS A 27 -2.96 11.86 7.31
C LYS A 27 -1.50 11.46 7.07
N ASN A 28 -0.66 11.71 8.06
CA ASN A 28 0.75 11.30 8.07
C ASN A 28 0.93 9.78 8.19
N GLN A 29 0.11 9.14 9.03
CA GLN A 29 0.19 7.71 9.35
C GLN A 29 -0.28 6.80 8.19
N LEU A 30 -1.36 7.18 7.48
CA LEU A 30 -1.85 6.41 6.32
C LEU A 30 -0.84 6.43 5.16
N MET A 31 -0.10 7.54 4.99
CA MET A 31 0.96 7.63 3.98
C MET A 31 2.21 6.83 4.39
N ALA A 32 2.63 6.88 5.66
CA ALA A 32 3.71 6.04 6.16
C ALA A 32 3.40 4.53 6.00
N LEU A 33 2.15 4.11 6.27
CA LEU A 33 1.70 2.74 6.05
C LEU A 33 1.75 2.34 4.57
N ALA A 34 1.18 3.15 3.67
CA ALA A 34 1.21 2.88 2.23
C ALA A 34 2.65 2.85 1.65
N LEU A 35 3.54 3.74 2.13
CA LEU A 35 4.95 3.77 1.76
C LEU A 35 5.71 2.52 2.24
N LYS A 36 5.44 2.08 3.48
CA LYS A 36 5.94 0.81 4.05
C LYS A 36 5.49 -0.41 3.21
N LEU A 37 4.21 -0.45 2.84
CA LEU A 37 3.66 -1.46 1.91
C LEU A 37 4.35 -1.42 0.53
N LYS A 38 4.67 -0.23 0.01
CA LYS A 38 5.32 -0.06 -1.30
C LYS A 38 6.76 -0.57 -1.31
N GLN A 39 7.60 -0.16 -0.36
CA GLN A 39 8.99 -0.65 -0.31
C GLN A 39 9.07 -2.17 -0.03
N GLN A 40 8.09 -2.75 0.68
CA GLN A 40 7.94 -4.20 0.84
C GLN A 40 7.74 -4.93 -0.50
N GLN A 41 6.79 -4.51 -1.35
CA GLN A 41 6.59 -5.13 -2.68
C GLN A 41 7.75 -4.87 -3.66
N LEU A 42 8.55 -3.82 -3.46
CA LEU A 42 9.79 -3.57 -4.22
C LEU A 42 10.92 -4.52 -3.79
N GLU A 43 11.07 -4.79 -2.48
CA GLU A 43 12.06 -5.74 -1.94
C GLU A 43 11.73 -7.22 -2.24
N GLN A 44 10.48 -7.54 -2.64
CA GLN A 44 10.11 -8.84 -3.19
C GLN A 44 10.64 -9.09 -4.63
N GLY A 45 11.17 -8.06 -5.30
CA GLY A 45 11.76 -8.12 -6.65
C GLY A 45 13.07 -8.92 -6.73
N GLY B 1 26.12 25.76 -13.10
CA GLY B 1 27.05 24.72 -12.61
C GLY B 1 28.19 24.43 -13.60
N PRO B 2 29.16 23.59 -13.21
CA PRO B 2 30.35 23.27 -14.03
C PRO B 2 30.10 22.35 -15.24
N GLY B 3 28.91 21.73 -15.33
CA GLY B 3 28.58 20.76 -16.39
C GLY B 3 29.07 19.35 -16.07
N SER B 4 30.21 18.95 -16.64
CA SER B 4 30.77 17.58 -16.61
C SER B 4 29.86 16.52 -17.28
N MET B 5 30.34 15.28 -17.37
CA MET B 5 29.58 14.11 -17.87
C MET B 5 28.37 13.81 -16.96
N ASN B 6 27.24 13.41 -17.56
CA ASN B 6 25.99 13.08 -16.86
C ASN B 6 26.13 11.83 -15.95
N LYS B 7 25.41 11.82 -14.82
CA LYS B 7 25.50 10.83 -13.73
C LYS B 7 24.10 10.51 -13.16
N PRO B 8 23.86 9.28 -12.64
CA PRO B 8 22.59 8.89 -12.03
C PRO B 8 22.31 9.64 -10.71
N THR B 9 21.03 9.72 -10.33
CA THR B 9 20.59 10.41 -9.09
C THR B 9 20.95 9.63 -7.82
N SER B 10 20.81 8.30 -7.84
CA SER B 10 21.27 7.36 -6.79
C SER B 10 20.87 7.75 -5.36
N SER B 11 19.58 8.03 -5.15
CA SER B 11 19.01 8.53 -3.88
C SER B 11 17.67 7.87 -3.53
N ASP B 12 17.43 7.66 -2.24
CA ASP B 12 16.17 7.14 -1.68
C ASP B 12 15.04 8.22 -1.58
N GLY B 13 15.28 9.42 -2.13
CA GLY B 13 14.38 10.58 -2.07
C GLY B 13 13.05 10.44 -2.83
N TRP B 14 12.84 9.34 -3.58
CA TRP B 14 11.58 9.00 -4.25
C TRP B 14 10.38 8.95 -3.27
N LYS B 15 10.65 8.64 -1.99
CA LYS B 15 9.65 8.55 -0.92
C LYS B 15 8.90 9.87 -0.66
N ASP B 16 9.57 11.01 -0.82
CA ASP B 16 8.98 12.34 -0.67
C ASP B 16 7.96 12.64 -1.80
N ASP B 17 8.28 12.24 -3.03
CA ASP B 17 7.35 12.33 -4.18
C ASP B 17 6.18 11.35 -4.04
N TYR B 18 6.41 10.16 -3.44
CA TYR B 18 5.36 9.18 -3.20
C TYR B 18 4.38 9.66 -2.12
N LEU B 19 4.86 10.24 -1.01
CA LEU B 19 4.02 10.93 -0.03
C LEU B 19 3.28 12.13 -0.65
N SER B 20 3.94 12.91 -1.52
CA SER B 20 3.28 14.03 -2.22
C SER B 20 2.08 13.59 -3.06
N ARG B 21 2.17 12.49 -3.83
CA ARG B 21 1.06 11.98 -4.64
C ARG B 21 -0.02 11.27 -3.81
N LEU B 22 0.35 10.56 -2.74
CA LEU B 22 -0.59 9.86 -1.85
C LEU B 22 -1.52 10.84 -1.10
N SER B 23 -1.01 12.01 -0.71
CA SER B 23 -1.77 13.06 -0.02
C SER B 23 -2.97 13.58 -0.82
N ARG B 24 -2.94 13.48 -2.16
CA ARG B 24 -3.95 14.06 -3.07
C ARG B 24 -5.28 13.30 -3.10
N LEU B 25 -5.25 12.02 -2.71
CA LEU B 25 -6.41 11.12 -2.68
C LEU B 25 -7.42 11.47 -1.57
N SER B 26 -8.71 11.29 -1.88
CA SER B 26 -9.83 11.34 -0.92
C SER B 26 -9.83 10.13 0.03
N LYS B 27 -10.65 10.17 1.10
CA LYS B 27 -10.69 9.18 2.20
C LYS B 27 -10.89 7.74 1.72
N ASN B 28 -11.76 7.53 0.74
CA ASN B 28 -12.05 6.22 0.15
C ASN B 28 -11.00 5.79 -0.89
N GLN B 29 -10.40 6.76 -1.59
CA GLN B 29 -9.37 6.52 -2.61
C GLN B 29 -8.00 6.14 -2.01
N LEU B 30 -7.60 6.74 -0.89
CA LEU B 30 -6.38 6.37 -0.16
C LEU B 30 -6.46 4.95 0.43
N MET B 31 -7.67 4.46 0.73
CA MET B 31 -7.87 3.06 1.12
C MET B 31 -7.65 2.12 -0.08
N ALA B 32 -8.24 2.44 -1.23
CA ALA B 32 -8.09 1.64 -2.45
C ALA B 32 -6.62 1.57 -2.93
N LEU B 33 -5.85 2.66 -2.79
CA LEU B 33 -4.40 2.70 -3.02
C LEU B 33 -3.64 1.70 -2.13
N ALA B 34 -3.87 1.76 -0.81
CA ALA B 34 -3.22 0.87 0.15
C ALA B 34 -3.67 -0.60 0.00
N LEU B 35 -4.94 -0.85 -0.30
CA LEU B 35 -5.50 -2.18 -0.57
C LEU B 35 -4.86 -2.81 -1.81
N LYS B 36 -4.72 -2.05 -2.91
CA LYS B 36 -4.05 -2.49 -4.15
C LYS B 36 -2.59 -2.89 -3.90
N LEU B 37 -1.83 -2.08 -3.16
CA LEU B 37 -0.47 -2.40 -2.71
C LEU B 37 -0.43 -3.63 -1.79
N LYS B 38 -1.41 -3.80 -0.90
CA LYS B 38 -1.49 -4.92 0.05
C LYS B 38 -1.76 -6.26 -0.63
N GLN B 39 -2.75 -6.35 -1.52
CA GLN B 39 -3.03 -7.60 -2.25
C GLN B 39 -1.86 -8.03 -3.14
N GLN B 40 -1.10 -7.08 -3.71
CA GLN B 40 0.11 -7.35 -4.49
C GLN B 40 1.21 -8.03 -3.66
N GLN B 41 1.54 -7.50 -2.47
CA GLN B 41 2.55 -8.11 -1.60
C GLN B 41 2.12 -9.46 -0.99
N LEU B 42 0.80 -9.71 -0.87
CA LEU B 42 0.24 -10.99 -0.39
C LEU B 42 0.19 -12.08 -1.46
N GLU B 43 -0.19 -11.75 -2.71
CA GLU B 43 -0.30 -12.69 -3.83
C GLU B 43 1.06 -13.04 -4.47
N GLN B 44 2.01 -12.10 -4.47
CA GLN B 44 3.36 -12.30 -5.02
C GLN B 44 4.20 -13.29 -4.18
N GLY B 45 5.00 -14.13 -4.85
CA GLY B 45 5.84 -15.18 -4.25
C GLY B 45 5.05 -16.44 -3.87
N GLY A 1 -4.50 -22.81 -18.00
CA GLY A 1 -5.07 -22.31 -16.72
C GLY A 1 -5.76 -23.40 -15.92
N PRO A 2 -6.58 -23.04 -14.90
CA PRO A 2 -7.22 -23.98 -13.99
C PRO A 2 -8.31 -24.88 -14.61
N GLY A 3 -8.83 -24.52 -15.80
CA GLY A 3 -9.96 -25.23 -16.45
C GLY A 3 -11.34 -24.88 -15.87
N SER A 4 -11.40 -23.87 -15.00
CA SER A 4 -12.60 -23.36 -14.31
C SER A 4 -12.42 -21.87 -13.95
N MET A 5 -13.52 -21.19 -13.58
CA MET A 5 -13.53 -19.78 -13.17
C MET A 5 -12.66 -19.54 -11.91
N ASN A 6 -12.11 -18.33 -11.77
CA ASN A 6 -11.27 -17.93 -10.64
C ASN A 6 -11.50 -16.46 -10.24
N LYS A 7 -11.23 -16.15 -8.96
CA LYS A 7 -11.27 -14.80 -8.38
C LYS A 7 -9.91 -14.06 -8.56
N PRO A 8 -9.85 -12.72 -8.38
CA PRO A 8 -8.65 -11.93 -8.70
C PRO A 8 -7.46 -12.11 -7.75
N THR A 9 -7.69 -12.58 -6.51
CA THR A 9 -6.70 -12.63 -5.41
C THR A 9 -6.71 -13.96 -4.66
N SER A 10 -5.61 -14.30 -3.97
CA SER A 10 -5.43 -15.57 -3.24
C SER A 10 -6.36 -15.74 -2.02
N SER A 11 -6.92 -14.66 -1.50
CA SER A 11 -7.86 -14.63 -0.36
C SER A 11 -8.78 -13.41 -0.45
N ASP A 12 -9.96 -13.46 0.18
CA ASP A 12 -10.99 -12.42 0.18
C ASP A 12 -11.72 -12.30 1.54
N GLY A 13 -12.63 -11.35 1.66
CA GLY A 13 -13.38 -11.02 2.89
C GLY A 13 -12.59 -10.19 3.92
N TRP A 14 -11.27 -10.40 4.01
CA TRP A 14 -10.33 -9.60 4.81
C TRP A 14 -10.29 -8.13 4.33
N LYS A 15 -10.61 -7.87 3.05
CA LYS A 15 -10.54 -6.57 2.38
C LYS A 15 -11.45 -5.51 3.01
N ASP A 16 -12.67 -5.90 3.42
CA ASP A 16 -13.64 -5.00 4.06
C ASP A 16 -13.16 -4.54 5.45
N ASP A 17 -12.57 -5.45 6.22
CA ASP A 17 -11.94 -5.13 7.51
C ASP A 17 -10.64 -4.31 7.33
N TYR A 18 -9.92 -4.51 6.22
CA TYR A 18 -8.73 -3.70 5.90
C TYR A 18 -9.12 -2.26 5.53
N LEU A 19 -10.16 -2.05 4.71
CA LEU A 19 -10.75 -0.72 4.47
C LEU A 19 -11.22 -0.06 5.78
N SER A 20 -11.82 -0.84 6.69
CA SER A 20 -12.28 -0.35 8.00
C SER A 20 -11.11 0.12 8.88
N ARG A 21 -10.04 -0.67 9.04
CA ARG A 21 -8.85 -0.28 9.85
C ARG A 21 -8.07 0.89 9.24
N LEU A 22 -7.99 0.97 7.91
CA LEU A 22 -7.31 2.06 7.19
C LEU A 22 -7.95 3.45 7.45
N SER A 23 -9.25 3.51 7.74
CA SER A 23 -9.92 4.76 8.13
C SER A 23 -9.38 5.38 9.43
N ARG A 24 -8.81 4.56 10.34
CA ARG A 24 -8.43 4.97 11.72
C ARG A 24 -7.09 5.70 11.79
N LEU A 25 -6.23 5.56 10.77
CA LEU A 25 -4.92 6.24 10.71
C LEU A 25 -5.08 7.74 10.46
N SER A 26 -4.20 8.54 11.07
CA SER A 26 -4.01 9.97 10.76
C SER A 26 -3.44 10.17 9.34
N LYS A 27 -3.53 11.39 8.81
CA LYS A 27 -3.11 11.74 7.44
C LYS A 27 -1.63 11.44 7.16
N ASN A 28 -0.75 11.64 8.14
CA ASN A 28 0.66 11.25 8.06
C ASN A 28 0.88 9.73 8.17
N GLN A 29 0.13 9.05 9.04
CA GLN A 29 0.25 7.61 9.30
C GLN A 29 -0.21 6.76 8.11
N LEU A 30 -1.30 7.12 7.43
CA LEU A 30 -1.75 6.42 6.22
C LEU A 30 -0.77 6.54 5.05
N MET A 31 -0.01 7.64 4.97
CA MET A 31 1.08 7.80 4.00
C MET A 31 2.28 6.92 4.34
N ALA A 32 2.70 6.88 5.61
CA ALA A 32 3.78 6.01 6.07
C ALA A 32 3.46 4.51 5.89
N LEU A 33 2.20 4.11 6.10
CA LEU A 33 1.68 2.75 5.86
C LEU A 33 1.80 2.37 4.37
N ALA A 34 1.28 3.20 3.47
CA ALA A 34 1.39 2.97 2.03
C ALA A 34 2.86 2.96 1.53
N LEU A 35 3.71 3.88 2.02
CA LEU A 35 5.14 3.92 1.71
C LEU A 35 5.85 2.62 2.13
N LYS A 36 5.59 2.12 3.35
CA LYS A 36 6.12 0.86 3.89
C LYS A 36 5.74 -0.34 3.01
N LEU A 37 4.46 -0.49 2.67
CA LEU A 37 3.98 -1.57 1.79
C LEU A 37 4.59 -1.49 0.39
N LYS A 38 4.80 -0.27 -0.14
CA LYS A 38 5.41 -0.03 -1.46
C LYS A 38 6.88 -0.45 -1.50
N GLN A 39 7.71 0.03 -0.57
CA GLN A 39 9.13 -0.35 -0.55
C GLN A 39 9.33 -1.86 -0.31
N GLN A 40 8.45 -2.51 0.48
CA GLN A 40 8.49 -3.95 0.74
C GLN A 40 8.34 -4.78 -0.55
N GLN A 41 7.35 -4.47 -1.39
CA GLN A 41 7.08 -5.21 -2.63
C GLN A 41 8.00 -4.82 -3.81
N LEU A 42 8.61 -3.63 -3.78
CA LEU A 42 9.64 -3.22 -4.75
C LEU A 42 11.01 -3.86 -4.46
N GLU A 43 11.41 -3.99 -3.18
CA GLU A 43 12.74 -4.49 -2.80
C GLU A 43 12.87 -6.04 -2.79
N GLN A 44 11.79 -6.77 -2.48
CA GLN A 44 11.84 -8.24 -2.39
C GLN A 44 11.96 -8.95 -3.75
N GLY A 45 12.65 -10.08 -3.78
CA GLY A 45 12.89 -10.93 -4.97
C GLY A 45 11.68 -11.78 -5.38
N GLY B 1 44.23 15.19 -14.26
CA GLY B 1 43.85 14.24 -13.18
C GLY B 1 42.48 13.63 -13.41
N PRO B 2 42.19 12.45 -12.80
CA PRO B 2 40.91 11.75 -12.94
C PRO B 2 39.74 12.49 -12.26
N GLY B 3 38.51 12.17 -12.67
CA GLY B 3 37.26 12.74 -12.15
C GLY B 3 35.99 12.22 -12.85
N SER B 4 34.82 12.52 -12.31
CA SER B 4 33.50 12.14 -12.85
C SER B 4 32.36 13.06 -12.38
N MET B 5 31.20 12.98 -13.05
CA MET B 5 29.97 13.70 -12.71
C MET B 5 29.11 13.01 -11.62
N ASN B 6 29.60 11.93 -11.00
CA ASN B 6 28.87 11.11 -10.03
C ASN B 6 28.48 11.91 -8.77
N LYS B 7 27.16 12.00 -8.50
CA LYS B 7 26.58 12.72 -7.35
C LYS B 7 26.60 11.85 -6.08
N PRO B 8 26.99 12.36 -4.89
CA PRO B 8 27.03 11.59 -3.64
C PRO B 8 25.64 11.30 -3.02
N THR B 9 24.63 12.09 -3.37
CA THR B 9 23.26 12.01 -2.83
C THR B 9 22.57 10.68 -3.17
N SER B 10 21.83 10.10 -2.22
CA SER B 10 21.09 8.84 -2.39
C SER B 10 19.91 8.94 -3.37
N SER B 11 19.62 7.85 -4.07
CA SER B 11 18.51 7.73 -5.04
C SER B 11 17.11 7.60 -4.40
N ASP B 12 17.01 7.46 -3.07
CA ASP B 12 15.73 7.21 -2.37
C ASP B 12 14.81 8.44 -2.21
N GLY B 13 15.12 9.56 -2.88
CA GLY B 13 14.29 10.78 -2.91
C GLY B 13 12.88 10.60 -3.50
N TRP B 14 12.61 9.46 -4.16
CA TRP B 14 11.27 9.07 -4.65
C TRP B 14 10.23 9.00 -3.52
N LYS B 15 10.67 8.73 -2.27
CA LYS B 15 9.80 8.60 -1.09
C LYS B 15 9.04 9.88 -0.77
N ASP B 16 9.70 11.04 -0.90
CA ASP B 16 9.09 12.35 -0.69
C ASP B 16 8.04 12.68 -1.76
N ASP B 17 8.30 12.31 -3.03
CA ASP B 17 7.32 12.43 -4.12
C ASP B 17 6.14 11.46 -3.95
N TYR B 18 6.39 10.26 -3.40
CA TYR B 18 5.33 9.29 -3.11
C TYR B 18 4.41 9.79 -1.97
N LEU B 19 4.97 10.30 -0.87
CA LEU B 19 4.19 10.99 0.18
C LEU B 19 3.40 12.18 -0.40
N SER B 20 4.03 13.00 -1.26
CA SER B 20 3.36 14.14 -1.89
C SER B 20 2.14 13.73 -2.72
N ARG B 21 2.22 12.66 -3.53
CA ARG B 21 1.08 12.19 -4.35
C ARG B 21 0.03 11.41 -3.54
N LEU B 22 0.44 10.63 -2.54
CA LEU B 22 -0.47 9.89 -1.64
C LEU B 22 -1.39 10.84 -0.85
N SER B 23 -0.90 12.03 -0.46
CA SER B 23 -1.68 13.05 0.25
C SER B 23 -2.89 13.57 -0.55
N ARG B 24 -2.85 13.53 -1.89
CA ARG B 24 -3.85 14.14 -2.80
C ARG B 24 -5.17 13.35 -2.88
N LEU B 25 -5.12 12.05 -2.58
CA LEU B 25 -6.27 11.14 -2.60
C LEU B 25 -7.28 11.46 -1.48
N SER B 26 -8.57 11.32 -1.81
CA SER B 26 -9.70 11.38 -0.86
C SER B 26 -9.72 10.15 0.07
N LYS B 27 -10.52 10.23 1.15
CA LYS B 27 -10.55 9.21 2.21
C LYS B 27 -10.90 7.80 1.73
N ASN B 28 -11.78 7.65 0.74
CA ASN B 28 -12.08 6.35 0.10
C ASN B 28 -10.98 5.91 -0.90
N GLN B 29 -10.39 6.86 -1.63
CA GLN B 29 -9.38 6.59 -2.66
C GLN B 29 -8.04 6.10 -2.08
N LEU B 30 -7.59 6.68 -0.96
CA LEU B 30 -6.38 6.24 -0.26
C LEU B 30 -6.51 4.81 0.30
N MET B 31 -7.74 4.37 0.64
CA MET B 31 -7.98 2.99 1.07
C MET B 31 -7.83 2.00 -0.10
N ALA B 32 -8.39 2.34 -1.28
CA ALA B 32 -8.28 1.51 -2.48
C ALA B 32 -6.82 1.37 -2.95
N LEU B 33 -6.02 2.43 -2.86
CA LEU B 33 -4.59 2.39 -3.14
C LEU B 33 -3.83 1.48 -2.16
N ALA B 34 -4.05 1.66 -0.85
CA ALA B 34 -3.39 0.84 0.17
C ALA B 34 -3.81 -0.65 0.10
N LEU B 35 -5.08 -0.94 -0.23
CA LEU B 35 -5.60 -2.29 -0.49
C LEU B 35 -4.91 -2.94 -1.70
N LYS B 36 -4.78 -2.20 -2.82
CA LYS B 36 -4.08 -2.64 -4.03
C LYS B 36 -2.59 -2.95 -3.78
N LEU B 37 -1.92 -2.17 -2.92
CA LEU B 37 -0.57 -2.46 -2.43
C LEU B 37 -0.55 -3.71 -1.53
N LYS B 38 -1.52 -3.87 -0.61
CA LYS B 38 -1.60 -4.99 0.33
C LYS B 38 -1.77 -6.34 -0.37
N GLN B 39 -2.73 -6.47 -1.29
CA GLN B 39 -2.98 -7.73 -2.01
C GLN B 39 -1.77 -8.20 -2.83
N GLN B 40 -0.99 -7.26 -3.38
CA GLN B 40 0.21 -7.56 -4.18
C GLN B 40 1.35 -8.19 -3.36
N GLN B 41 1.61 -7.68 -2.15
CA GLN B 41 2.58 -8.30 -1.23
C GLN B 41 2.03 -9.59 -0.59
N LEU B 42 0.72 -9.68 -0.34
CA LEU B 42 0.09 -10.83 0.32
C LEU B 42 0.19 -12.14 -0.50
N GLU B 43 0.11 -12.04 -1.82
CA GLU B 43 0.28 -13.17 -2.76
C GLU B 43 1.72 -13.71 -2.82
N GLN B 44 2.71 -12.91 -2.40
CA GLN B 44 4.13 -13.31 -2.35
C GLN B 44 4.55 -13.97 -1.02
N GLY B 45 3.66 -14.01 -0.02
CA GLY B 45 3.87 -14.64 1.29
C GLY B 45 3.86 -16.17 1.24
N GLY A 1 -12.83 -26.76 -2.46
CA GLY A 1 -13.70 -27.81 -1.91
C GLY A 1 -14.74 -27.26 -0.94
N PRO A 2 -15.44 -28.13 -0.19
CA PRO A 2 -16.49 -27.74 0.76
C PRO A 2 -16.01 -26.77 1.86
N GLY A 3 -16.94 -26.01 2.43
CA GLY A 3 -16.68 -25.08 3.54
C GLY A 3 -16.27 -25.79 4.84
N SER A 4 -15.41 -25.16 5.64
CA SER A 4 -14.93 -25.67 6.93
C SER A 4 -15.96 -25.46 8.05
N MET A 5 -16.99 -26.31 8.05
CA MET A 5 -18.13 -26.36 8.99
C MET A 5 -18.87 -25.01 9.15
N ASN A 6 -18.44 -24.18 10.10
CA ASN A 6 -19.01 -22.85 10.35
C ASN A 6 -18.66 -21.84 9.24
N LYS A 7 -17.51 -22.01 8.58
CA LYS A 7 -17.03 -21.15 7.48
C LYS A 7 -17.54 -21.64 6.10
N PRO A 8 -17.93 -20.74 5.17
CA PRO A 8 -18.23 -21.06 3.77
C PRO A 8 -17.02 -21.63 3.00
N THR A 9 -17.24 -22.01 1.73
CA THR A 9 -16.16 -22.36 0.76
C THR A 9 -15.22 -21.17 0.51
N SER A 10 -13.95 -21.44 0.17
CA SER A 10 -12.87 -20.46 -0.06
C SER A 10 -12.64 -19.53 1.17
N SER A 11 -12.02 -18.37 0.97
CA SER A 11 -11.75 -17.35 2.01
C SER A 11 -11.75 -15.93 1.43
N ASP A 12 -12.44 -15.01 2.11
CA ASP A 12 -12.60 -13.60 1.72
C ASP A 12 -12.97 -12.72 2.93
N GLY A 13 -13.27 -11.43 2.70
CA GLY A 13 -13.74 -10.47 3.71
C GLY A 13 -12.64 -9.75 4.49
N TRP A 14 -11.38 -10.17 4.38
CA TRP A 14 -10.23 -9.48 4.98
C TRP A 14 -10.07 -8.04 4.45
N LYS A 15 -10.47 -7.81 3.20
CA LYS A 15 -10.38 -6.51 2.51
C LYS A 15 -11.26 -5.45 3.16
N ASP A 16 -12.47 -5.81 3.60
CA ASP A 16 -13.39 -4.91 4.31
C ASP A 16 -12.84 -4.51 5.69
N ASP A 17 -12.21 -5.45 6.40
CA ASP A 17 -11.52 -5.19 7.68
C ASP A 17 -10.26 -4.31 7.48
N TYR A 18 -9.56 -4.48 6.35
CA TYR A 18 -8.41 -3.65 5.99
C TYR A 18 -8.84 -2.20 5.68
N LEU A 19 -9.90 -2.01 4.91
CA LEU A 19 -10.53 -0.69 4.70
C LEU A 19 -10.99 -0.06 6.02
N SER A 20 -11.58 -0.84 6.93
CA SER A 20 -11.99 -0.38 8.26
C SER A 20 -10.81 0.11 9.10
N ARG A 21 -9.67 -0.62 9.14
CA ARG A 21 -8.47 -0.21 9.90
C ARG A 21 -7.74 0.97 9.28
N LEU A 22 -7.64 1.04 7.94
CA LEU A 22 -6.98 2.14 7.20
C LEU A 22 -7.64 3.51 7.48
N SER A 23 -8.95 3.54 7.70
CA SER A 23 -9.71 4.74 8.05
C SER A 23 -9.32 5.37 9.41
N ARG A 24 -8.76 4.58 10.34
CA ARG A 24 -8.50 5.02 11.74
C ARG A 24 -7.25 5.90 11.88
N LEU A 25 -6.31 5.77 10.94
CA LEU A 25 -5.03 6.48 10.91
C LEU A 25 -5.19 7.98 10.59
N SER A 26 -4.30 8.80 11.17
CA SER A 26 -4.10 10.20 10.80
C SER A 26 -3.48 10.34 9.39
N LYS A 27 -3.54 11.54 8.80
CA LYS A 27 -3.06 11.83 7.43
C LYS A 27 -1.58 11.49 7.21
N ASN A 28 -0.72 11.74 8.21
CA ASN A 28 0.69 11.33 8.15
C ASN A 28 0.88 9.81 8.31
N GLN A 29 0.09 9.18 9.18
CA GLN A 29 0.19 7.75 9.52
C GLN A 29 -0.28 6.84 8.37
N LEU A 30 -1.37 7.19 7.67
CA LEU A 30 -1.82 6.44 6.48
C LEU A 30 -0.79 6.47 5.35
N MET A 31 -0.03 7.57 5.21
CA MET A 31 1.04 7.67 4.22
C MET A 31 2.28 6.87 4.62
N ALA A 32 2.65 6.87 5.91
CA ALA A 32 3.71 6.02 6.43
C ALA A 32 3.41 4.52 6.20
N LEU A 33 2.16 4.10 6.42
CA LEU A 33 1.70 2.73 6.15
C LEU A 33 1.74 2.39 4.64
N ALA A 34 1.20 3.26 3.79
CA ALA A 34 1.21 3.05 2.33
C ALA A 34 2.63 3.01 1.75
N LEU A 35 3.55 3.85 2.26
CA LEU A 35 4.97 3.85 1.90
C LEU A 35 5.68 2.56 2.35
N LYS A 36 5.40 2.09 3.58
CA LYS A 36 5.89 0.81 4.11
C LYS A 36 5.42 -0.39 3.27
N LEU A 37 4.18 -0.37 2.78
CA LEU A 37 3.68 -1.33 1.78
C LEU A 37 4.40 -1.17 0.43
N LYS A 38 4.65 0.05 -0.04
CA LYS A 38 5.25 0.30 -1.37
C LYS A 38 6.69 -0.19 -1.47
N GLN A 39 7.55 0.12 -0.48
CA GLN A 39 8.95 -0.34 -0.50
C GLN A 39 9.09 -1.87 -0.44
N GLN A 40 8.16 -2.56 0.27
CA GLN A 40 8.14 -4.02 0.36
C GLN A 40 7.85 -4.70 -0.99
N GLN A 41 6.88 -4.20 -1.77
CA GLN A 41 6.66 -4.71 -3.13
C GLN A 41 7.80 -4.32 -4.10
N LEU A 42 8.38 -3.12 -3.95
CA LEU A 42 9.43 -2.61 -4.83
C LEU A 42 10.75 -3.39 -4.75
N GLU A 43 11.18 -3.75 -3.53
CA GLU A 43 12.41 -4.54 -3.30
C GLU A 43 12.28 -6.03 -3.71
N GLN A 44 11.06 -6.55 -3.83
CA GLN A 44 10.76 -7.91 -4.30
C GLN A 44 10.63 -8.02 -5.84
N GLY A 45 10.75 -6.90 -6.59
CA GLY A 45 10.69 -6.84 -8.06
C GLY A 45 11.82 -7.60 -8.77
N GLY B 1 12.48 18.33 1.29
CA GLY B 1 12.33 17.30 0.24
C GLY B 1 13.45 17.36 -0.80
N PRO B 2 13.44 16.45 -1.79
CA PRO B 2 14.48 16.35 -2.83
C PRO B 2 14.55 17.60 -3.75
N GLY B 3 15.73 17.90 -4.29
CA GLY B 3 15.92 18.92 -5.31
C GLY B 3 15.35 18.51 -6.68
N SER B 4 14.72 19.46 -7.40
CA SER B 4 14.22 19.23 -8.77
C SER B 4 15.32 19.42 -9.83
N MET B 5 15.36 18.65 -10.92
CA MET B 5 14.49 17.49 -11.24
C MET B 5 14.86 16.24 -10.42
N ASN B 6 16.13 16.10 -10.02
CA ASN B 6 16.65 15.00 -9.19
C ASN B 6 17.73 15.51 -8.21
N LYS B 7 17.80 14.92 -7.00
CA LYS B 7 18.86 15.19 -6.01
C LYS B 7 20.19 14.53 -6.44
N PRO B 8 21.36 15.20 -6.27
CA PRO B 8 22.67 14.59 -6.51
C PRO B 8 22.97 13.37 -5.63
N THR B 9 23.74 12.41 -6.15
CA THR B 9 24.09 11.11 -5.54
C THR B 9 22.89 10.17 -5.36
N SER B 10 23.10 8.84 -5.49
CA SER B 10 22.06 7.81 -5.36
C SER B 10 21.40 7.83 -3.97
N SER B 11 20.06 7.85 -3.93
CA SER B 11 19.23 7.93 -2.71
C SER B 11 17.79 7.50 -3.00
N ASP B 12 17.00 7.17 -1.97
CA ASP B 12 15.58 6.80 -2.05
C ASP B 12 14.63 8.00 -2.25
N GLY B 13 15.00 8.94 -3.14
CA GLY B 13 14.26 10.19 -3.38
C GLY B 13 12.81 10.00 -3.88
N TRP B 14 12.48 8.80 -4.39
CA TRP B 14 11.11 8.43 -4.77
C TRP B 14 10.14 8.45 -3.58
N LYS B 15 10.60 8.21 -2.35
CA LYS B 15 9.74 8.06 -1.17
C LYS B 15 9.01 9.35 -0.78
N ASP B 16 9.69 10.50 -0.81
CA ASP B 16 9.07 11.81 -0.53
C ASP B 16 8.11 12.25 -1.65
N ASP B 17 8.39 11.89 -2.92
CA ASP B 17 7.45 12.08 -4.03
C ASP B 17 6.22 11.18 -3.92
N TYR B 18 6.37 9.96 -3.38
CA TYR B 18 5.25 9.05 -3.13
C TYR B 18 4.34 9.56 -2.01
N LEU B 19 4.91 10.09 -0.91
CA LEU B 19 4.14 10.84 0.11
C LEU B 19 3.41 12.05 -0.49
N SER B 20 4.07 12.82 -1.38
CA SER B 20 3.45 13.97 -2.04
C SER B 20 2.22 13.59 -2.86
N ARG B 21 2.27 12.50 -3.65
CA ARG B 21 1.12 12.04 -4.46
C ARG B 21 0.03 11.34 -3.64
N LEU B 22 0.39 10.61 -2.59
CA LEU B 22 -0.55 9.94 -1.67
C LEU B 22 -1.46 10.94 -0.92
N SER B 23 -0.92 12.09 -0.52
CA SER B 23 -1.64 13.15 0.18
C SER B 23 -2.83 13.74 -0.62
N ARG B 24 -2.83 13.61 -1.96
CA ARG B 24 -3.84 14.23 -2.85
C ARG B 24 -5.19 13.49 -2.88
N LEU B 25 -5.18 12.20 -2.51
CA LEU B 25 -6.35 11.31 -2.56
C LEU B 25 -7.37 11.56 -1.44
N SER B 26 -8.65 11.38 -1.75
CA SER B 26 -9.76 11.25 -0.78
C SER B 26 -9.70 9.90 -0.05
N LYS B 27 -10.46 9.75 1.05
CA LYS B 27 -10.37 8.58 1.95
C LYS B 27 -10.71 7.25 1.27
N ASN B 28 -11.71 7.23 0.41
CA ASN B 28 -12.06 6.02 -0.37
C ASN B 28 -10.96 5.66 -1.40
N GLN B 29 -10.28 6.67 -1.95
CA GLN B 29 -9.22 6.51 -2.95
C GLN B 29 -7.90 6.04 -2.32
N LEU B 30 -7.47 6.64 -1.20
CA LEU B 30 -6.26 6.19 -0.47
C LEU B 30 -6.44 4.78 0.10
N MET B 31 -7.65 4.40 0.51
CA MET B 31 -7.96 3.03 0.95
C MET B 31 -7.82 2.04 -0.22
N ALA B 32 -8.38 2.35 -1.38
CA ALA B 32 -8.27 1.50 -2.57
C ALA B 32 -6.81 1.35 -3.04
N LEU B 33 -6.02 2.43 -3.00
CA LEU B 33 -4.59 2.43 -3.31
C LEU B 33 -3.80 1.51 -2.36
N ALA B 34 -3.97 1.68 -1.05
CA ALA B 34 -3.28 0.87 -0.04
C ALA B 34 -3.70 -0.62 -0.10
N LEU B 35 -4.99 -0.92 -0.35
CA LEU B 35 -5.50 -2.28 -0.50
C LEU B 35 -4.97 -2.96 -1.77
N LYS B 36 -4.86 -2.22 -2.89
CA LYS B 36 -4.19 -2.67 -4.13
C LYS B 36 -2.72 -3.02 -3.89
N LEU B 37 -1.98 -2.15 -3.21
CA LEU B 37 -0.59 -2.41 -2.80
C LEU B 37 -0.46 -3.65 -1.90
N LYS B 38 -1.44 -3.87 -1.01
CA LYS B 38 -1.48 -5.02 -0.08
C LYS B 38 -1.69 -6.34 -0.81
N GLN B 39 -2.75 -6.47 -1.62
CA GLN B 39 -3.04 -7.73 -2.33
C GLN B 39 -1.96 -8.11 -3.36
N GLN B 40 -1.26 -7.12 -3.94
CA GLN B 40 -0.14 -7.31 -4.87
C GLN B 40 1.05 -8.08 -4.22
N GLN B 41 1.42 -7.72 -2.99
CA GLN B 41 2.50 -8.42 -2.25
C GLN B 41 2.04 -9.64 -1.46
N LEU B 42 0.82 -9.64 -0.90
CA LEU B 42 0.32 -10.69 -0.03
C LEU B 42 0.12 -12.06 -0.73
N GLU B 43 -0.09 -12.05 -2.04
CA GLU B 43 -0.16 -13.25 -2.89
C GLU B 43 1.21 -13.90 -3.20
N GLN B 44 2.33 -13.19 -2.94
CA GLN B 44 3.69 -13.66 -3.24
C GLN B 44 4.29 -14.53 -2.12
N GLY B 45 5.29 -15.34 -2.46
CA GLY B 45 6.03 -16.23 -1.54
C GLY B 45 5.20 -17.41 -1.03
#